data_6PWN
#
_entry.id   6PWN
#
_cell.length_a   1.00
_cell.length_b   1.00
_cell.length_c   1.00
_cell.angle_alpha   90.00
_cell.angle_beta   90.00
_cell.angle_gamma   90.00
#
_symmetry.space_group_name_H-M   'P 1'
#
loop_
_entity.id
_entity.type
_entity.pdbx_description
1 polymer 'Small-conductance mechanosensitive channel'
2 non-polymer '(2S)-3-(hexadecanoyloxy)-2-[(9Z)-octadec-9-enoyloxy]propyl 2-(trimethylammonio)ethyl phosphate'
3 non-polymer HEXADECANE
#
_entity_poly.entity_id   1
_entity_poly.type   'polypeptide(L)'
_entity_poly.pdbx_seq_one_letter_code
;MGSSHHHHHHSSGLVPRGSHMEDLNVVDSINGAGSWLVANQALLLSYAVNIVAALAIIIVGLIIARMISNAVNRLMISRK
IDATVADFLSALVRYGIIAFTLIAALGRVGVQTASVIAVLGAAGLAVGLALQGSLSNLAAGVLLVMFRPFRAGEYVDLGG
VAGTVLSVQIFSTTMRTADGKIIVIPNGKIIAGNIINFSREPVRRNEFIIGVAYDSDIDQVKQILTNIIQSEDRILKDRE
MTVRLNELGASSINFVVRVWSNSGDLQNVYWDVLERIKREFDAAGISFPYPQMDVNFKRVKEDKAA
;
_entity_poly.pdbx_strand_id   A,B,C,D,E,F,G
#
loop_
_chem_comp.id
_chem_comp.type
_chem_comp.name
_chem_comp.formula
POV non-polymer '(2S)-3-(hexadecanoyloxy)-2-[(9Z)-octadec-9-enoyloxy]propyl 2-(trimethylammonio)ethyl phosphate' 'C42 H82 N O8 P'
R16 non-polymer HEXADECANE 'C16 H34'
#
# COMPACT_ATOMS: atom_id res chain seq x y z
N MET A 21 -11.54 18.30 71.20
CA MET A 21 -11.71 17.59 69.94
C MET A 21 -13.16 17.65 69.47
N GLU A 22 -13.56 18.81 68.95
CA GLU A 22 -14.96 19.01 68.57
C GLU A 22 -15.39 18.03 67.49
N ASP A 23 -14.64 17.98 66.38
CA ASP A 23 -14.98 17.07 65.30
C ASP A 23 -15.02 15.62 65.77
N LEU A 24 -14.28 15.30 66.84
CA LEU A 24 -14.34 13.97 67.43
C LEU A 24 -15.68 13.70 68.09
N ASN A 25 -16.28 14.73 68.71
CA ASN A 25 -17.56 14.55 69.38
C ASN A 25 -18.76 14.80 68.47
N VAL A 26 -18.56 15.41 67.31
CA VAL A 26 -19.70 15.75 66.44
C VAL A 26 -20.30 14.49 65.84
N VAL A 27 -19.50 13.73 65.07
CA VAL A 27 -20.05 12.62 64.30
C VAL A 27 -19.37 11.29 64.61
N ASP A 28 -18.04 11.25 64.54
CA ASP A 28 -17.33 9.98 64.60
C ASP A 28 -17.30 9.43 66.02
N SER A 29 -17.35 8.10 66.13
CA SER A 29 -17.34 7.43 67.42
C SER A 29 -15.96 7.51 68.05
N ILE A 30 -15.94 7.63 69.39
CA ILE A 30 -14.67 7.83 70.17
C ILE A 30 -13.78 6.59 70.12
N ASN A 31 -14.31 5.45 70.55
CA ASN A 31 -13.60 4.17 70.61
C ASN A 31 -12.29 4.23 71.42
N GLY A 32 -12.07 5.29 72.17
CA GLY A 32 -10.93 5.33 73.08
C GLY A 32 -9.68 5.94 72.47
N ALA A 33 -9.32 7.14 72.91
CA ALA A 33 -8.14 7.85 72.40
C ALA A 33 -8.15 7.94 70.88
N GLY A 34 -9.34 8.01 70.31
CA GLY A 34 -9.49 8.08 68.86
C GLY A 34 -9.47 9.51 68.36
N SER A 35 -8.42 10.26 68.73
CA SER A 35 -8.31 11.67 68.38
C SER A 35 -7.99 11.77 66.89
N TRP A 36 -9.05 11.73 66.08
CA TRP A 36 -8.89 11.58 64.65
C TRP A 36 -8.51 12.89 63.95
N LEU A 37 -8.81 14.05 64.54
CA LEU A 37 -8.36 15.29 63.91
C LEU A 37 -6.86 15.49 64.09
N VAL A 38 -6.35 15.26 65.30
CA VAL A 38 -4.93 15.45 65.55
C VAL A 38 -4.09 14.59 64.62
N ALA A 39 -4.58 13.40 64.27
CA ALA A 39 -3.88 12.50 63.38
C ALA A 39 -4.47 12.45 61.98
N ASN A 40 -5.38 13.36 61.64
CA ASN A 40 -6.02 13.36 60.34
C ASN A 40 -6.09 14.72 59.69
N GLN A 41 -5.62 15.77 60.36
CA GLN A 41 -5.63 17.10 59.76
C GLN A 41 -4.80 17.14 58.49
N ALA A 42 -3.74 16.32 58.42
CA ALA A 42 -2.97 16.23 57.19
C ALA A 42 -3.85 15.81 56.02
N LEU A 43 -4.63 14.74 56.20
CA LEU A 43 -5.47 14.26 55.12
C LEU A 43 -6.62 15.21 54.85
N LEU A 44 -7.17 15.83 55.89
CA LEU A 44 -8.23 16.81 55.69
C LEU A 44 -7.73 17.98 54.86
N LEU A 45 -6.55 18.50 55.21
CA LEU A 45 -5.98 19.60 54.45
C LEU A 45 -5.58 19.18 53.05
N SER A 46 -5.22 17.90 52.88
CA SER A 46 -4.99 17.38 51.54
C SER A 46 -6.26 17.48 50.71
N TYR A 47 -7.38 17.04 51.27
CA TYR A 47 -8.65 17.19 50.57
C TYR A 47 -8.97 18.65 50.28
N ALA A 48 -8.71 19.52 51.25
CA ALA A 48 -8.99 20.94 51.08
C ALA A 48 -8.19 21.52 49.93
N VAL A 49 -6.88 21.31 49.93
CA VAL A 49 -6.05 21.83 48.85
C VAL A 49 -6.42 21.17 47.54
N ASN A 50 -6.92 19.94 47.58
CA ASN A 50 -7.36 19.29 46.35
C ASN A 50 -8.53 20.05 45.74
N ILE A 51 -9.57 20.32 46.53
CA ILE A 51 -10.74 20.98 45.97
C ILE A 51 -10.42 22.43 45.59
N VAL A 52 -9.59 23.11 46.39
CA VAL A 52 -9.25 24.49 46.08
C VAL A 52 -8.40 24.56 44.81
N ALA A 53 -7.44 23.65 44.67
CA ALA A 53 -6.65 23.60 43.45
C ALA A 53 -7.51 23.27 42.25
N ALA A 54 -8.51 22.41 42.44
CA ALA A 54 -9.45 22.15 41.35
C ALA A 54 -10.17 23.42 40.94
N LEU A 55 -10.69 24.18 41.92
CA LEU A 55 -11.32 25.45 41.61
C LEU A 55 -10.40 26.36 40.82
N ALA A 56 -9.17 26.52 41.31
CA ALA A 56 -8.23 27.42 40.65
C ALA A 56 -7.95 26.97 39.24
N ILE A 57 -7.77 25.67 39.03
CA ILE A 57 -7.51 25.17 37.70
C ILE A 57 -8.69 25.47 36.78
N ILE A 58 -9.91 25.25 37.27
CA ILE A 58 -11.08 25.50 36.43
C ILE A 58 -11.16 26.96 36.03
N ILE A 59 -11.05 27.87 37.00
CA ILE A 59 -11.23 29.28 36.67
C ILE A 59 -10.11 29.78 35.77
N VAL A 60 -8.87 29.35 36.03
CA VAL A 60 -7.75 29.80 35.21
C VAL A 60 -7.88 29.25 33.80
N GLY A 61 -8.26 27.99 33.66
CA GLY A 61 -8.48 27.43 32.34
C GLY A 61 -9.59 28.13 31.59
N LEU A 62 -10.65 28.51 32.31
CA LEU A 62 -11.74 29.25 31.67
C LEU A 62 -11.25 30.58 31.11
N ILE A 63 -10.60 31.38 31.95
CA ILE A 63 -10.20 32.71 31.48
C ILE A 63 -9.14 32.60 30.40
N ILE A 64 -8.25 31.61 30.49
CA ILE A 64 -7.22 31.45 29.47
C ILE A 64 -7.83 31.00 28.16
N ALA A 65 -8.83 30.12 28.22
CA ALA A 65 -9.52 29.71 27.01
C ALA A 65 -10.20 30.90 26.34
N ARG A 66 -10.88 31.74 27.13
CA ARG A 66 -11.51 32.93 26.56
C ARG A 66 -10.47 33.83 25.89
N MET A 67 -9.40 34.15 26.62
CA MET A 67 -8.40 35.07 26.10
C MET A 67 -7.77 34.53 24.81
N ILE A 68 -7.31 33.28 24.85
CA ILE A 68 -6.61 32.73 23.69
C ILE A 68 -7.57 32.53 22.52
N SER A 69 -8.84 32.22 22.79
CA SER A 69 -9.80 32.04 21.71
C SER A 69 -10.05 33.36 20.99
N ASN A 70 -10.32 34.43 21.75
CA ASN A 70 -10.52 35.72 21.09
C ASN A 70 -9.24 36.20 20.40
N ALA A 71 -8.07 35.91 20.99
CA ALA A 71 -6.82 36.34 20.39
C ALA A 71 -6.57 35.63 19.06
N VAL A 72 -6.84 34.32 19.00
CA VAL A 72 -6.61 33.62 17.74
C VAL A 72 -7.65 34.03 16.72
N ASN A 73 -8.89 34.28 17.14
CA ASN A 73 -9.89 34.76 16.18
C ASN A 73 -9.49 36.11 15.60
N ARG A 74 -8.94 36.99 16.44
CA ARG A 74 -8.44 38.27 15.96
C ARG A 74 -7.29 38.07 14.98
N LEU A 75 -6.22 37.42 15.43
CA LEU A 75 -5.03 37.26 14.61
C LEU A 75 -5.27 36.37 13.39
N MET A 76 -6.42 35.73 13.28
CA MET A 76 -6.78 35.04 12.05
C MET A 76 -7.71 35.85 11.18
N ILE A 77 -8.49 36.77 11.75
CA ILE A 77 -9.35 37.61 10.93
C ILE A 77 -8.54 38.53 10.02
N SER A 78 -7.27 38.77 10.35
CA SER A 78 -6.43 39.61 9.50
C SER A 78 -6.12 38.92 8.18
N ARG A 79 -5.47 37.76 8.25
CA ARG A 79 -5.09 37.05 7.04
C ARG A 79 -6.32 36.49 6.34
N LYS A 80 -6.10 36.02 5.11
CA LYS A 80 -7.19 35.46 4.31
C LYS A 80 -7.75 34.20 4.96
N ILE A 81 -9.03 34.25 5.34
CA ILE A 81 -9.70 33.14 6.02
C ILE A 81 -11.16 33.10 5.56
N ASP A 82 -11.87 32.10 6.07
CA ASP A 82 -13.31 32.02 5.94
C ASP A 82 -13.95 32.21 7.32
N ALA A 83 -15.14 32.82 7.33
CA ALA A 83 -15.78 33.15 8.60
C ALA A 83 -16.15 31.90 9.38
N THR A 84 -16.88 30.97 8.74
CA THR A 84 -17.28 29.74 9.42
C THR A 84 -16.07 28.91 9.82
N VAL A 85 -15.03 28.88 8.99
CA VAL A 85 -13.82 28.14 9.36
C VAL A 85 -13.12 28.81 10.54
N ALA A 86 -13.12 30.15 10.56
CA ALA A 86 -12.53 30.87 11.68
C ALA A 86 -13.25 30.53 12.98
N ASP A 87 -14.58 30.61 12.97
CA ASP A 87 -15.34 30.26 14.16
C ASP A 87 -15.11 28.81 14.56
N PHE A 88 -15.08 27.92 13.56
CA PHE A 88 -14.86 26.51 13.82
C PHE A 88 -13.54 26.27 14.54
N LEU A 89 -12.46 26.84 14.03
CA LEU A 89 -11.15 26.60 14.63
C LEU A 89 -11.02 27.29 15.98
N SER A 90 -11.59 28.49 16.12
CA SER A 90 -11.52 29.19 17.40
C SER A 90 -12.25 28.42 18.49
N ALA A 91 -13.47 27.98 18.20
CA ALA A 91 -14.22 27.19 19.16
C ALA A 91 -13.55 25.85 19.41
N LEU A 92 -12.89 25.28 18.39
CA LEU A 92 -12.15 24.04 18.58
C LEU A 92 -11.04 24.23 19.60
N VAL A 93 -10.25 25.30 19.46
CA VAL A 93 -9.17 25.55 20.41
C VAL A 93 -9.74 25.82 21.80
N ARG A 94 -10.83 26.58 21.86
CA ARG A 94 -11.47 26.87 23.15
C ARG A 94 -11.87 25.58 23.85
N TYR A 95 -12.57 24.70 23.14
CA TYR A 95 -13.02 23.45 23.74
C TYR A 95 -11.87 22.53 24.08
N GLY A 96 -10.79 22.57 23.29
CA GLY A 96 -9.61 21.77 23.63
C GLY A 96 -9.01 22.19 24.95
N ILE A 97 -8.80 23.49 25.12
CA ILE A 97 -8.26 23.96 26.40
C ILE A 97 -9.23 23.65 27.53
N ILE A 98 -10.53 23.75 27.27
CA ILE A 98 -11.51 23.45 28.30
C ILE A 98 -11.43 21.99 28.71
N ALA A 99 -11.27 21.09 27.72
CA ALA A 99 -11.17 19.67 28.03
C ALA A 99 -9.91 19.36 28.82
N PHE A 100 -8.79 19.96 28.44
CA PHE A 100 -7.57 19.76 29.22
C PHE A 100 -7.76 20.25 30.65
N THR A 101 -8.41 21.39 30.82
CA THR A 101 -8.68 21.90 32.16
C THR A 101 -9.52 20.92 32.96
N LEU A 102 -10.60 20.43 32.33
CA LEU A 102 -11.54 19.49 32.99
C LEU A 102 -10.80 18.23 33.43
N ILE A 103 -10.00 17.65 32.53
CA ILE A 103 -9.27 16.42 32.86
C ILE A 103 -8.28 16.68 33.98
N ALA A 104 -7.56 17.80 33.93
CA ALA A 104 -6.62 18.12 34.99
C ALA A 104 -7.33 18.25 36.33
N ALA A 105 -8.50 18.90 36.34
CA ALA A 105 -9.22 19.07 37.60
C ALA A 105 -9.73 17.72 38.13
N LEU A 106 -10.23 16.87 37.24
CA LEU A 106 -10.67 15.55 37.65
C LEU A 106 -9.52 14.77 38.27
N GLY A 107 -8.38 14.73 37.59
CA GLY A 107 -7.23 14.08 38.18
C GLY A 107 -6.84 14.66 39.52
N ARG A 108 -6.96 15.98 39.64
CA ARG A 108 -6.54 16.64 40.88
C ARG A 108 -7.49 16.34 42.02
N VAL A 109 -8.76 16.07 41.73
CA VAL A 109 -9.72 15.86 42.82
C VAL A 109 -9.73 14.42 43.28
N GLY A 110 -9.38 13.46 42.42
CA GLY A 110 -9.24 12.10 42.86
C GLY A 110 -9.76 11.03 41.92
N VAL A 111 -10.31 11.45 40.79
CA VAL A 111 -10.87 10.50 39.84
C VAL A 111 -9.76 9.96 38.95
N GLN A 112 -9.75 8.65 38.76
CA GLN A 112 -8.76 8.01 37.89
C GLN A 112 -9.08 8.36 36.45
N THR A 113 -8.37 9.32 35.90
CA THR A 113 -8.60 9.79 34.54
C THR A 113 -7.86 8.96 33.49
N ALA A 114 -7.47 7.74 33.82
CA ALA A 114 -6.67 6.95 32.90
C ALA A 114 -7.44 6.63 31.62
N SER A 115 -8.71 6.27 31.77
CA SER A 115 -9.51 5.86 30.62
C SER A 115 -9.78 7.03 29.67
N VAL A 116 -10.12 8.20 30.23
CA VAL A 116 -10.45 9.34 29.38
C VAL A 116 -9.22 9.80 28.62
N ILE A 117 -8.04 9.76 29.26
CA ILE A 117 -6.83 10.14 28.53
C ILE A 117 -6.38 9.04 27.58
N ALA A 118 -6.74 7.79 27.84
CA ALA A 118 -6.46 6.73 26.88
C ALA A 118 -7.25 6.94 25.59
N VAL A 119 -8.55 7.19 25.72
CA VAL A 119 -9.34 7.46 24.52
C VAL A 119 -8.94 8.78 23.90
N LEU A 120 -8.49 9.75 24.70
CA LEU A 120 -8.00 11.01 24.14
C LEU A 120 -6.75 10.78 23.30
N GLY A 121 -5.82 9.96 23.79
CA GLY A 121 -4.65 9.62 23.01
C GLY A 121 -4.98 8.84 21.76
N ALA A 122 -5.96 7.95 21.84
CA ALA A 122 -6.43 7.27 20.63
C ALA A 122 -6.93 8.28 19.60
N ALA A 123 -7.74 9.24 20.05
CA ALA A 123 -8.24 10.26 19.14
C ALA A 123 -7.11 11.10 18.57
N GLY A 124 -6.13 11.45 19.40
CA GLY A 124 -5.00 12.22 18.92
C GLY A 124 -4.19 11.48 17.87
N LEU A 125 -3.96 10.19 18.11
CA LEU A 125 -3.26 9.37 17.11
C LEU A 125 -4.07 9.28 15.83
N ALA A 126 -5.40 9.23 15.95
CA ALA A 126 -6.24 9.26 14.75
C ALA A 126 -6.04 10.56 13.98
N VAL A 127 -6.09 11.69 14.66
CA VAL A 127 -5.90 12.97 13.99
C VAL A 127 -4.51 13.06 13.37
N GLY A 128 -3.50 12.50 14.02
CA GLY A 128 -2.16 12.52 13.47
C GLY A 128 -2.05 11.69 12.20
N LEU A 129 -2.59 10.46 12.24
CA LEU A 129 -2.61 9.63 11.04
C LEU A 129 -3.46 10.25 9.95
N ALA A 130 -4.37 11.16 10.30
CA ALA A 130 -5.11 11.89 9.29
C ALA A 130 -4.23 12.97 8.66
N LEU A 131 -3.63 13.82 9.48
CA LEU A 131 -2.82 14.93 8.98
C LEU A 131 -1.55 14.45 8.28
N GLN A 132 -1.18 13.19 8.48
CA GLN A 132 0.01 12.63 7.82
C GLN A 132 0.02 12.89 6.32
N GLY A 133 -1.15 13.05 5.71
CA GLY A 133 -1.20 13.29 4.28
C GLY A 133 -0.67 14.64 3.86
N SER A 134 -0.72 15.63 4.74
CA SER A 134 -0.29 16.98 4.42
C SER A 134 0.99 17.39 5.15
N LEU A 135 1.24 16.85 6.33
CA LEU A 135 2.52 17.10 6.98
C LEU A 135 3.68 16.67 6.09
N SER A 136 3.49 15.59 5.33
CA SER A 136 4.52 15.16 4.40
C SER A 136 4.77 16.21 3.34
N ASN A 137 3.71 16.82 2.80
CA ASN A 137 3.90 17.87 1.81
C ASN A 137 4.65 19.05 2.41
N LEU A 138 4.33 19.41 3.66
CA LEU A 138 5.03 20.50 4.31
C LEU A 138 6.53 20.20 4.43
N ALA A 139 6.86 19.01 4.90
CA ALA A 139 8.27 18.65 5.05
C ALA A 139 8.99 18.62 3.71
N ALA A 140 8.36 18.07 2.68
CA ALA A 140 8.98 18.04 1.36
C ALA A 140 9.19 19.45 0.83
N GLY A 141 8.28 20.37 1.11
CA GLY A 141 8.48 21.75 0.71
C GLY A 141 9.69 22.35 1.41
N VAL A 142 9.83 22.10 2.70
CA VAL A 142 11.01 22.57 3.43
C VAL A 142 12.28 22.05 2.76
N LEU A 143 12.29 20.76 2.41
CA LEU A 143 13.50 20.18 1.83
C LEU A 143 13.80 20.74 0.45
N LEU A 144 12.78 20.92 -0.38
CA LEU A 144 13.01 21.52 -1.69
C LEU A 144 13.48 22.96 -1.58
N VAL A 145 13.08 23.67 -0.53
CA VAL A 145 13.59 25.02 -0.33
C VAL A 145 15.06 24.97 0.06
N MET A 146 15.42 24.09 1.00
CA MET A 146 16.77 24.11 1.52
C MET A 146 17.79 23.48 0.58
N PHE A 147 17.38 22.52 -0.24
CA PHE A 147 18.31 21.84 -1.14
C PHE A 147 18.32 22.43 -2.54
N ARG A 148 17.24 23.05 -2.97
CA ARG A 148 17.14 23.72 -4.27
C ARG A 148 17.48 22.81 -5.45
N PRO A 149 16.68 21.75 -5.69
CA PRO A 149 16.84 21.02 -6.96
C PRO A 149 16.38 21.81 -8.16
N PHE A 150 15.71 22.94 -7.95
CA PHE A 150 15.32 23.83 -9.02
C PHE A 150 14.94 25.18 -8.44
N ARG A 151 15.06 26.22 -9.26
CA ARG A 151 14.72 27.57 -8.88
C ARG A 151 13.42 27.98 -9.59
N ALA A 152 13.05 29.24 -9.44
CA ALA A 152 11.79 29.74 -9.98
C ALA A 152 11.71 29.57 -11.49
N GLY A 153 12.57 30.24 -12.24
CA GLY A 153 12.49 30.17 -13.69
C GLY A 153 12.93 28.86 -14.31
N GLU A 154 13.37 27.91 -13.50
CA GLU A 154 13.94 26.67 -14.02
C GLU A 154 12.86 25.82 -14.70
N TYR A 155 13.18 25.34 -15.89
CA TYR A 155 12.26 24.47 -16.64
C TYR A 155 12.55 23.03 -16.27
N VAL A 156 11.60 22.39 -15.59
CA VAL A 156 11.83 21.09 -14.98
C VAL A 156 10.85 20.05 -15.49
N ASP A 157 10.93 18.85 -14.95
CA ASP A 157 10.00 17.77 -15.26
C ASP A 157 9.79 16.98 -13.97
N LEU A 158 8.63 17.15 -13.35
CA LEU A 158 8.36 16.54 -12.04
C LEU A 158 7.34 15.42 -12.24
N GLY A 159 7.83 14.20 -12.42
CA GLY A 159 6.95 13.04 -12.46
C GLY A 159 5.94 13.05 -13.60
N GLY A 160 6.40 13.35 -14.81
CA GLY A 160 5.55 13.24 -15.97
C GLY A 160 4.88 14.51 -16.43
N VAL A 161 5.07 15.62 -15.71
CA VAL A 161 4.53 16.91 -16.11
C VAL A 161 5.67 17.90 -16.20
N ALA A 162 5.89 18.45 -17.39
CA ALA A 162 7.04 19.30 -17.67
C ALA A 162 6.58 20.70 -18.01
N GLY A 163 7.19 21.69 -17.38
CA GLY A 163 6.86 23.07 -17.63
C GLY A 163 7.59 24.02 -16.72
N THR A 164 7.71 25.27 -17.14
CA THR A 164 8.45 26.25 -16.36
C THR A 164 7.83 26.43 -14.97
N VAL A 165 8.66 26.26 -13.94
CA VAL A 165 8.20 26.53 -12.59
C VAL A 165 7.84 28.01 -12.48
N LEU A 166 6.85 28.29 -11.64
CA LEU A 166 6.45 29.66 -11.35
C LEU A 166 6.74 30.08 -9.92
N SER A 167 6.54 29.18 -8.96
CA SER A 167 6.82 29.49 -7.57
C SER A 167 6.89 28.19 -6.78
N VAL A 168 7.57 28.26 -5.65
CA VAL A 168 7.65 27.14 -4.72
C VAL A 168 7.16 27.64 -3.37
N GLN A 169 6.14 27.00 -2.83
CA GLN A 169 5.52 27.41 -1.59
C GLN A 169 5.66 26.30 -0.56
N ILE A 170 4.99 26.48 0.58
CA ILE A 170 5.15 25.54 1.68
C ILE A 170 4.44 24.23 1.38
N PHE A 171 3.34 24.27 0.64
CA PHE A 171 2.53 23.08 0.43
C PHE A 171 2.47 22.60 -1.01
N SER A 172 2.84 23.43 -1.98
CA SER A 172 2.66 23.05 -3.37
C SER A 172 3.61 23.84 -4.25
N THR A 173 3.71 23.40 -5.49
CA THR A 173 4.56 24.03 -6.48
C THR A 173 3.72 24.34 -7.71
N THR A 174 3.76 25.58 -8.15
CA THR A 174 3.01 26.01 -9.32
C THR A 174 3.94 26.08 -10.52
N MET A 175 3.52 25.48 -11.63
CA MET A 175 4.34 25.48 -12.82
C MET A 175 3.45 25.62 -14.05
N ARG A 176 3.80 26.55 -14.92
CA ARG A 176 3.04 26.78 -16.14
C ARG A 176 3.48 25.81 -17.22
N THR A 177 2.58 24.91 -17.60
CA THR A 177 2.85 23.98 -18.69
C THR A 177 3.14 24.75 -19.98
N ALA A 178 3.76 24.07 -20.93
CA ALA A 178 4.09 24.70 -22.20
C ALA A 178 2.87 25.11 -23.00
N ASP A 179 1.68 24.66 -22.61
CA ASP A 179 0.45 25.04 -23.30
C ASP A 179 -0.32 26.11 -22.56
N GLY A 180 0.27 26.71 -21.53
CA GLY A 180 -0.39 27.77 -20.79
C GLY A 180 -1.13 27.31 -19.56
N LYS A 181 -1.42 26.03 -19.43
CA LYS A 181 -2.11 25.54 -18.23
C LYS A 181 -1.23 25.73 -17.01
N ILE A 182 -1.87 25.92 -15.87
CA ILE A 182 -1.17 26.13 -14.61
C ILE A 182 -1.49 24.96 -13.71
N ILE A 183 -0.49 24.15 -13.40
CA ILE A 183 -0.65 22.96 -12.59
C ILE A 183 -0.15 23.26 -11.18
N VAL A 184 -0.98 23.00 -10.19
CA VAL A 184 -0.57 23.03 -8.80
C VAL A 184 -0.27 21.60 -8.40
N ILE A 185 0.95 21.35 -7.95
CA ILE A 185 1.37 19.98 -7.63
C ILE A 185 1.92 19.97 -6.21
N PRO A 186 1.53 19.02 -5.38
CA PRO A 186 1.98 19.01 -3.99
C PRO A 186 3.45 18.60 -3.89
N ASN A 187 4.10 19.11 -2.84
CA ASN A 187 5.53 18.90 -2.68
C ASN A 187 5.83 17.44 -2.35
N GLY A 188 5.12 16.85 -1.39
CA GLY A 188 5.36 15.48 -1.02
C GLY A 188 5.28 14.50 -2.17
N LYS A 189 4.67 14.90 -3.28
CA LYS A 189 4.54 14.03 -4.43
C LYS A 189 5.73 14.11 -5.36
N ILE A 190 6.41 15.26 -5.42
CA ILE A 190 7.54 15.39 -6.32
C ILE A 190 8.85 14.99 -5.67
N ILE A 191 8.98 15.14 -4.36
CA ILE A 191 10.20 14.73 -3.68
C ILE A 191 10.37 13.23 -3.65
N ALA A 192 9.34 12.47 -4.06
CA ALA A 192 9.43 11.02 -4.12
C ALA A 192 9.52 10.52 -5.56
N GLY A 193 10.08 11.32 -6.47
CA GLY A 193 10.23 10.92 -7.85
C GLY A 193 11.49 11.51 -8.44
N ASN A 194 11.71 11.20 -9.71
CA ASN A 194 12.88 11.70 -10.42
C ASN A 194 12.66 13.14 -10.83
N ILE A 195 13.42 14.05 -10.23
CA ILE A 195 13.31 15.48 -10.54
C ILE A 195 14.25 15.73 -11.71
N ILE A 196 13.75 15.46 -12.92
CA ILE A 196 14.51 15.77 -14.12
C ILE A 196 14.67 17.29 -14.22
N ASN A 197 15.70 17.72 -14.93
CA ASN A 197 15.93 19.14 -15.12
C ASN A 197 16.42 19.39 -16.54
N PHE A 198 16.27 20.63 -16.99
CA PHE A 198 16.62 20.97 -18.37
C PHE A 198 17.46 22.22 -18.51
N SER A 199 17.45 23.14 -17.57
CA SER A 199 18.32 24.30 -17.62
C SER A 199 19.56 24.14 -16.75
N ARG A 200 19.69 23.03 -16.03
CA ARG A 200 20.89 22.78 -15.26
C ARG A 200 22.08 22.54 -16.16
N GLU A 201 21.95 21.64 -17.11
CA GLU A 201 23.01 21.36 -18.06
C GLU A 201 22.89 22.30 -19.25
N PRO A 202 23.95 23.02 -19.62
CA PRO A 202 23.83 24.00 -20.70
C PRO A 202 23.75 23.37 -22.08
N VAL A 203 24.38 22.23 -22.31
CA VAL A 203 24.45 21.61 -23.62
C VAL A 203 23.77 20.26 -23.58
N ARG A 204 22.93 19.98 -24.57
CA ARG A 204 22.19 18.73 -24.62
C ARG A 204 22.27 18.17 -26.03
N ARG A 205 21.66 17.00 -26.24
CA ARG A 205 21.83 16.22 -27.45
C ARG A 205 20.50 15.91 -28.09
N ASN A 206 20.45 16.05 -29.41
CA ASN A 206 19.31 15.62 -30.20
C ASN A 206 19.53 14.20 -30.70
N GLU A 207 18.50 13.62 -31.29
CA GLU A 207 18.60 12.26 -31.81
C GLU A 207 17.58 12.08 -32.92
N PHE A 208 18.03 12.13 -34.15
CA PHE A 208 17.18 11.85 -35.29
C PHE A 208 17.20 10.36 -35.57
N ILE A 209 16.19 9.90 -36.30
CA ILE A 209 16.11 8.51 -36.74
C ILE A 209 15.50 8.53 -38.13
N ILE A 210 16.25 8.09 -39.12
CA ILE A 210 15.89 8.28 -40.52
C ILE A 210 15.87 6.92 -41.20
N GLY A 211 14.69 6.31 -41.27
CA GLY A 211 14.55 5.04 -41.96
C GLY A 211 14.54 5.27 -43.45
N VAL A 212 15.38 4.53 -44.16
CA VAL A 212 15.48 4.64 -45.61
C VAL A 212 15.25 3.26 -46.22
N ALA A 213 15.07 3.24 -47.53
CA ALA A 213 14.81 1.99 -48.23
C ALA A 213 16.02 1.07 -48.12
N TYR A 214 15.80 -0.19 -48.48
CA TYR A 214 16.83 -1.20 -48.30
C TYR A 214 17.86 -1.23 -49.43
N ASP A 215 17.59 -0.55 -50.53
CA ASP A 215 18.54 -0.56 -51.65
C ASP A 215 19.44 0.67 -51.68
N SER A 216 19.25 1.61 -50.76
CA SER A 216 20.03 2.83 -50.77
C SER A 216 21.47 2.56 -50.35
N ASP A 217 22.41 3.20 -51.04
CA ASP A 217 23.81 3.05 -50.69
C ASP A 217 24.08 3.67 -49.32
N ILE A 218 24.86 2.96 -48.49
CA ILE A 218 25.12 3.44 -47.15
C ILE A 218 26.15 4.56 -47.16
N ASP A 219 27.14 4.46 -48.03
CA ASP A 219 28.17 5.49 -48.11
C ASP A 219 27.58 6.83 -48.48
N GLN A 220 26.69 6.85 -49.47
CA GLN A 220 26.05 8.10 -49.87
C GLN A 220 25.24 8.70 -48.73
N VAL A 221 24.50 7.85 -48.00
CA VAL A 221 23.67 8.35 -46.92
C VAL A 221 24.54 8.97 -45.83
N LYS A 222 25.60 8.26 -45.43
CA LYS A 222 26.44 8.79 -44.37
C LYS A 222 27.16 10.05 -44.81
N GLN A 223 27.57 10.10 -46.08
CA GLN A 223 28.18 11.32 -46.61
C GLN A 223 27.23 12.50 -46.51
N ILE A 224 25.98 12.30 -46.94
CA ILE A 224 25.00 13.38 -46.93
C ILE A 224 24.76 13.85 -45.50
N LEU A 225 24.54 12.92 -44.58
CA LEU A 225 24.25 13.31 -43.21
C LEU A 225 25.43 14.01 -42.57
N THR A 226 26.64 13.59 -42.89
CA THR A 226 27.82 14.26 -42.34
C THR A 226 27.96 15.67 -42.90
N ASN A 227 27.74 15.84 -44.20
CA ASN A 227 27.77 17.19 -44.77
C ASN A 227 26.75 18.08 -44.09
N ILE A 228 25.54 17.56 -43.85
CA ILE A 228 24.49 18.36 -43.22
C ILE A 228 24.91 18.76 -41.81
N ILE A 229 25.34 17.81 -41.00
CA ILE A 229 25.69 18.14 -39.62
C ILE A 229 27.02 18.85 -39.50
N GLN A 230 27.78 18.98 -40.59
CA GLN A 230 28.96 19.84 -40.58
C GLN A 230 28.62 21.26 -40.98
N SER A 231 27.67 21.44 -41.91
CA SER A 231 27.32 22.78 -42.36
C SER A 231 26.70 23.61 -41.24
N GLU A 232 26.03 22.96 -40.29
CA GLU A 232 25.38 23.70 -39.22
C GLU A 232 26.42 24.37 -38.32
N ASP A 233 25.96 25.39 -37.60
CA ASP A 233 26.85 26.18 -36.74
C ASP A 233 26.54 26.04 -35.26
N ARG A 234 25.26 25.94 -34.89
CA ARG A 234 24.92 25.73 -33.49
C ARG A 234 25.25 24.33 -33.02
N ILE A 235 25.68 23.45 -33.91
CA ILE A 235 26.07 22.09 -33.55
C ILE A 235 27.50 22.11 -33.01
N LEU A 236 27.65 21.76 -31.74
CA LEU A 236 28.98 21.73 -31.14
C LEU A 236 29.86 20.71 -31.86
N LYS A 237 31.04 21.16 -32.28
CA LYS A 237 31.94 20.30 -33.03
C LYS A 237 32.94 19.56 -32.16
N ASP A 238 33.21 20.07 -30.96
CA ASP A 238 34.20 19.45 -30.09
C ASP A 238 33.65 18.23 -29.37
N ARG A 239 32.50 17.72 -29.77
CA ARG A 239 31.94 16.53 -29.16
C ARG A 239 31.61 15.49 -30.23
N GLU A 240 30.92 14.42 -29.84
CA GLU A 240 30.66 13.33 -30.75
C GLU A 240 29.56 13.69 -31.73
N MET A 241 29.71 13.22 -32.97
CA MET A 241 28.73 13.44 -34.03
C MET A 241 28.58 12.10 -34.75
N THR A 242 27.48 11.40 -34.46
CA THR A 242 27.31 10.01 -34.85
C THR A 242 26.37 9.90 -36.05
N VAL A 243 26.82 9.21 -37.09
CA VAL A 243 25.96 8.82 -38.21
C VAL A 243 26.28 7.35 -38.49
N ARG A 244 25.50 6.45 -37.89
CA ARG A 244 25.76 5.02 -38.01
C ARG A 244 24.47 4.29 -38.37
N LEU A 245 24.61 3.23 -39.15
CA LEU A 245 23.51 2.30 -39.36
C LEU A 245 23.17 1.64 -38.03
N ASN A 246 21.95 1.84 -37.55
CA ASN A 246 21.58 1.41 -36.21
C ASN A 246 20.73 0.16 -36.16
N GLU A 247 19.93 -0.13 -37.19
CA GLU A 247 19.02 -1.25 -37.09
C GLU A 247 18.43 -1.65 -38.43
N LEU A 248 18.44 -2.95 -38.72
CA LEU A 248 17.76 -3.49 -39.89
C LEU A 248 16.30 -3.76 -39.51
N GLY A 249 15.37 -3.06 -40.16
CA GLY A 249 13.99 -3.05 -39.76
C GLY A 249 13.09 -3.85 -40.69
N ALA A 250 11.79 -3.66 -40.49
CA ALA A 250 10.80 -4.43 -41.23
C ALA A 250 10.71 -3.97 -42.68
N SER A 251 10.69 -2.67 -42.91
CA SER A 251 10.66 -2.13 -44.26
C SER A 251 11.75 -1.12 -44.54
N SER A 252 12.66 -0.90 -43.58
CA SER A 252 13.63 0.17 -43.72
C SER A 252 14.77 -0.04 -42.74
N ILE A 253 15.96 0.40 -43.13
CA ILE A 253 17.10 0.43 -42.24
C ILE A 253 17.15 1.80 -41.58
N ASN A 254 17.35 1.83 -40.28
CA ASN A 254 17.29 3.06 -39.51
C ASN A 254 18.69 3.57 -39.23
N PHE A 255 18.92 4.84 -39.51
CA PHE A 255 20.16 5.50 -39.16
C PHE A 255 19.94 6.38 -37.94
N VAL A 256 20.78 6.25 -36.97
CA VAL A 256 20.74 7.14 -35.82
C VAL A 256 21.67 8.32 -36.11
N VAL A 257 21.30 9.48 -35.62
CA VAL A 257 22.10 10.70 -35.77
C VAL A 257 22.07 11.42 -34.44
N ARG A 258 23.23 11.63 -33.84
CA ARG A 258 23.34 12.27 -32.55
C ARG A 258 24.28 13.46 -32.64
N VAL A 259 23.79 14.63 -32.21
CA VAL A 259 24.54 15.86 -32.25
C VAL A 259 24.23 16.65 -31.00
N TRP A 260 25.17 17.49 -30.59
CA TRP A 260 25.02 18.26 -29.37
C TRP A 260 24.84 19.74 -29.69
N SER A 261 24.10 20.43 -28.83
CA SER A 261 23.81 21.84 -29.00
C SER A 261 23.48 22.42 -27.64
N ASN A 262 23.48 23.74 -27.56
CA ASN A 262 23.13 24.40 -26.30
C ASN A 262 21.64 24.20 -26.00
N SER A 263 21.30 24.32 -24.72
CA SER A 263 19.91 24.11 -24.32
C SER A 263 18.96 25.06 -25.02
N GLY A 264 19.46 26.22 -25.47
CA GLY A 264 18.59 27.16 -26.14
C GLY A 264 18.29 26.75 -27.57
N ASP A 265 19.34 26.44 -28.33
CA ASP A 265 19.18 26.18 -29.76
C ASP A 265 18.47 24.87 -30.05
N LEU A 266 18.37 23.96 -29.08
CA LEU A 266 17.97 22.58 -29.31
C LEU A 266 16.84 22.40 -30.30
N GLN A 267 15.68 23.00 -30.02
CA GLN A 267 14.50 22.75 -30.83
C GLN A 267 14.64 23.31 -32.23
N ASN A 268 15.21 24.50 -32.36
CA ASN A 268 15.39 25.09 -33.68
C ASN A 268 16.40 24.32 -34.49
N VAL A 269 17.45 23.83 -33.84
CA VAL A 269 18.40 22.94 -34.51
C VAL A 269 17.68 21.71 -35.02
N TYR A 270 16.83 21.12 -34.18
CA TYR A 270 16.06 19.96 -34.62
C TYR A 270 15.27 20.28 -35.88
N TRP A 271 14.47 21.34 -35.84
CA TRP A 271 13.61 21.65 -36.98
C TRP A 271 14.42 21.95 -38.23
N ASP A 272 15.51 22.70 -38.10
CA ASP A 272 16.30 23.08 -39.26
C ASP A 272 17.00 21.88 -39.88
N VAL A 273 17.63 21.06 -39.05
CA VAL A 273 18.27 19.85 -39.57
C VAL A 273 17.24 18.94 -40.20
N LEU A 274 16.04 18.88 -39.63
CA LEU A 274 15.02 17.99 -40.17
C LEU A 274 14.57 18.44 -41.54
N GLU A 275 14.32 19.74 -41.71
CA GLU A 275 13.93 20.21 -43.03
C GLU A 275 15.08 20.09 -44.03
N ARG A 276 16.32 20.30 -43.58
CA ARG A 276 17.45 20.14 -44.47
C ARG A 276 17.58 18.70 -44.93
N ILE A 277 17.34 17.74 -44.03
CA ILE A 277 17.32 16.34 -44.39
C ILE A 277 16.25 16.10 -45.45
N LYS A 278 15.03 16.56 -45.18
CA LYS A 278 13.93 16.36 -46.12
C LYS A 278 14.26 16.93 -47.49
N ARG A 279 15.00 18.04 -47.55
CA ARG A 279 15.33 18.60 -48.85
C ARG A 279 16.49 17.86 -49.52
N GLU A 280 17.55 17.57 -48.76
CA GLU A 280 18.75 16.97 -49.35
C GLU A 280 18.48 15.57 -49.84
N PHE A 281 17.73 14.77 -49.08
CA PHE A 281 17.44 13.41 -49.53
C PHE A 281 16.65 13.43 -50.83
N ASP A 282 15.57 14.20 -50.88
CA ASP A 282 14.80 14.31 -52.11
C ASP A 282 15.63 14.89 -53.25
N ALA A 283 16.66 15.69 -52.95
CA ALA A 283 17.53 16.16 -54.00
C ALA A 283 18.44 15.05 -54.52
N ALA A 284 18.93 14.19 -53.62
CA ALA A 284 19.86 13.14 -54.00
C ALA A 284 19.16 12.00 -54.71
N GLY A 285 18.15 11.42 -54.08
CA GLY A 285 17.43 10.31 -54.67
C GLY A 285 17.04 9.28 -53.63
N ILE A 286 17.60 9.43 -52.42
CA ILE A 286 17.22 8.55 -51.32
C ILE A 286 15.73 8.69 -51.07
N SER A 287 15.08 7.56 -50.77
CA SER A 287 13.63 7.50 -50.69
C SER A 287 13.20 7.00 -49.32
N PHE A 288 12.40 7.79 -48.64
CA PHE A 288 11.72 7.29 -47.45
C PHE A 288 10.68 6.28 -47.88
N PRO A 289 10.62 5.11 -47.27
CA PRO A 289 9.77 4.04 -47.78
C PRO A 289 8.39 4.00 -47.11
N TYR A 290 7.36 3.74 -47.90
CA TYR A 290 6.06 3.44 -47.33
C TYR A 290 6.10 2.04 -46.71
N PRO A 291 5.24 1.76 -45.73
CA PRO A 291 5.20 0.41 -45.17
C PRO A 291 5.02 -0.66 -46.23
N GLN A 292 6.00 -1.55 -46.34
CA GLN A 292 6.02 -2.53 -47.40
C GLN A 292 5.37 -3.83 -46.96
N MET A 293 4.96 -4.62 -47.95
CA MET A 293 4.32 -5.90 -47.70
C MET A 293 4.39 -6.72 -48.97
N ASP A 294 4.76 -7.99 -48.83
CA ASP A 294 4.88 -8.89 -49.96
C ASP A 294 3.71 -9.85 -49.94
N VAL A 295 3.02 -9.97 -51.07
CA VAL A 295 1.82 -10.80 -51.16
C VAL A 295 2.06 -11.91 -52.17
N ASN A 296 1.52 -13.09 -51.85
CA ASN A 296 1.64 -14.27 -52.70
C ASN A 296 0.25 -14.56 -53.25
N PHE A 297 0.05 -14.25 -54.52
CA PHE A 297 -1.26 -14.35 -55.14
C PHE A 297 -1.54 -15.77 -55.58
N LYS A 298 -2.78 -16.22 -55.40
CA LYS A 298 -3.20 -17.55 -55.82
C LYS A 298 -4.72 -17.57 -55.91
N ARG A 299 -5.23 -17.76 -57.13
CA ARG A 299 -6.67 -17.84 -57.34
C ARG A 299 -7.21 -19.16 -56.82
N VAL A 300 -8.50 -19.16 -56.47
CA VAL A 300 -9.15 -20.37 -55.99
C VAL A 300 -10.19 -20.85 -56.99
N MET B 21 -12.13 0.84 73.40
CA MET B 21 -11.85 0.28 72.08
C MET B 21 -12.86 -0.80 71.71
N GLU B 22 -14.07 -0.37 71.35
CA GLU B 22 -15.15 -1.30 71.09
C GLU B 22 -14.81 -2.23 69.93
N ASP B 23 -14.45 -1.67 68.77
CA ASP B 23 -14.09 -2.48 67.62
C ASP B 23 -12.95 -3.43 67.93
N LEU B 24 -12.11 -3.08 68.90
CA LEU B 24 -11.04 -3.98 69.34
C LEU B 24 -11.60 -5.21 70.04
N ASN B 25 -12.67 -5.04 70.82
CA ASN B 25 -13.26 -6.17 71.54
C ASN B 25 -14.31 -6.92 70.73
N VAL B 26 -14.81 -6.35 69.64
CA VAL B 26 -15.89 -7.00 68.90
C VAL B 26 -15.38 -8.24 68.19
N VAL B 27 -14.39 -8.09 67.30
CA VAL B 27 -13.99 -9.19 66.44
C VAL B 27 -12.50 -9.51 66.54
N ASP B 28 -11.64 -8.50 66.38
CA ASP B 28 -10.21 -8.74 66.27
C ASP B 28 -9.59 -9.11 67.61
N SER B 29 -8.59 -9.99 67.56
CA SER B 29 -7.90 -10.42 68.76
C SER B 29 -7.01 -9.32 69.32
N ILE B 30 -6.91 -9.27 70.65
CA ILE B 30 -6.18 -8.18 71.37
C ILE B 30 -4.67 -8.26 71.11
N ASN B 31 -4.06 -9.40 71.45
CA ASN B 31 -2.63 -9.65 71.31
C ASN B 31 -1.76 -8.62 72.03
N GLY B 32 -2.34 -7.79 72.90
CA GLY B 32 -1.53 -6.91 73.73
C GLY B 32 -1.30 -5.55 73.11
N ALA B 33 -1.94 -4.51 73.67
CA ALA B 33 -1.81 -3.14 73.17
C ALA B 33 -2.09 -3.05 71.68
N GLY B 34 -2.95 -3.93 71.19
CA GLY B 34 -3.29 -3.96 69.77
C GLY B 34 -4.43 -3.02 69.44
N SER B 35 -4.31 -1.75 69.82
CA SER B 35 -5.37 -0.77 69.63
C SER B 35 -5.44 -0.43 68.15
N TRP B 36 -6.18 -1.26 67.41
CA TRP B 36 -6.14 -1.18 65.96
C TRP B 36 -7.00 -0.05 65.40
N LEU B 37 -8.00 0.43 66.13
CA LEU B 37 -8.75 1.58 65.63
C LEU B 37 -7.95 2.85 65.74
N VAL B 38 -7.29 3.08 66.87
CA VAL B 38 -6.51 4.31 67.06
C VAL B 38 -5.44 4.43 65.98
N ALA B 39 -4.89 3.31 65.53
CA ALA B 39 -3.87 3.32 64.49
C ALA B 39 -4.38 2.86 63.13
N ASN B 40 -5.69 2.73 62.97
CA ASN B 40 -6.26 2.26 61.72
C ASN B 40 -7.44 3.08 61.23
N GLN B 41 -7.86 4.10 61.98
CA GLN B 41 -8.97 4.94 61.55
C GLN B 41 -8.65 5.64 60.24
N ALA B 42 -7.36 5.94 60.01
CA ALA B 42 -6.97 6.52 58.73
C ALA B 42 -7.34 5.60 57.58
N LEU B 43 -6.99 4.32 57.69
CA LEU B 43 -7.28 3.38 56.61
C LEU B 43 -8.78 3.09 56.51
N LEU B 44 -9.46 3.03 57.66
CA LEU B 44 -10.91 2.83 57.65
C LEU B 44 -11.60 3.98 56.93
N LEU B 45 -11.22 5.21 57.24
CA LEU B 45 -11.81 6.37 56.60
C LEU B 45 -11.40 6.44 55.14
N SER B 46 -10.21 5.92 54.79
CA SER B 46 -9.85 5.81 53.39
C SER B 46 -10.82 4.90 52.65
N TYR B 47 -11.12 3.74 53.23
CA TYR B 47 -12.13 2.86 52.64
C TYR B 47 -13.48 3.55 52.54
N ALA B 48 -13.86 4.27 53.58
CA ALA B 48 -15.15 4.95 53.59
C ALA B 48 -15.25 5.98 52.47
N VAL B 49 -14.26 6.86 52.36
CA VAL B 49 -14.28 7.85 51.31
C VAL B 49 -14.17 7.18 49.95
N ASN B 50 -13.52 6.01 49.88
CA ASN B 50 -13.48 5.29 48.61
C ASN B 50 -14.87 4.87 48.17
N ILE B 51 -15.62 4.22 49.05
CA ILE B 51 -16.94 3.75 48.65
C ILE B 51 -17.90 4.91 48.42
N VAL B 52 -17.80 5.97 49.24
CA VAL B 52 -18.69 7.11 49.06
C VAL B 52 -18.37 7.84 47.76
N ALA B 53 -17.09 8.01 47.45
CA ALA B 53 -16.71 8.64 46.20
C ALA B 53 -17.15 7.78 45.02
N ALA B 54 -17.09 6.46 45.17
CA ALA B 54 -17.62 5.59 44.13
C ALA B 54 -19.11 5.85 43.91
N LEU B 55 -19.88 5.89 44.99
CA LEU B 55 -21.31 6.21 44.88
C LEU B 55 -21.52 7.52 44.15
N ALA B 56 -20.81 8.57 44.57
CA ALA B 56 -20.99 9.88 43.97
C ALA B 56 -20.66 9.85 42.48
N ILE B 57 -19.57 9.17 42.13
CA ILE B 57 -19.20 9.08 40.72
C ILE B 57 -20.29 8.39 39.93
N ILE B 58 -20.82 7.28 40.46
CA ILE B 58 -21.86 6.55 39.72
C ILE B 58 -23.08 7.42 39.50
N ILE B 59 -23.58 8.06 40.57
CA ILE B 59 -24.83 8.82 40.42
C ILE B 59 -24.62 10.02 39.51
N VAL B 60 -23.48 10.70 39.63
CA VAL B 60 -23.24 11.88 38.81
C VAL B 60 -23.08 11.46 37.35
N GLY B 61 -22.36 10.38 37.10
CA GLY B 61 -22.23 9.90 35.74
C GLY B 61 -23.57 9.49 35.15
N LEU B 62 -24.43 8.89 35.96
CA LEU B 62 -25.76 8.52 35.50
C LEU B 62 -26.55 9.75 35.05
N ILE B 63 -26.66 10.74 35.95
CA ILE B 63 -27.48 11.91 35.60
C ILE B 63 -26.87 12.69 34.45
N ILE B 64 -25.54 12.74 34.36
CA ILE B 64 -24.90 13.47 33.27
C ILE B 64 -25.11 12.74 31.96
N ALA B 65 -25.05 11.40 31.99
CA ALA B 65 -25.34 10.65 30.78
C ALA B 65 -26.75 10.89 30.30
N ARG B 66 -27.72 10.86 31.22
CA ARG B 66 -29.10 11.14 30.83
C ARG B 66 -29.23 12.52 30.21
N MET B 67 -28.71 13.54 30.89
CA MET B 67 -28.86 14.91 30.42
C MET B 67 -28.21 15.09 29.05
N ILE B 68 -26.96 14.66 28.91
CA ILE B 68 -26.25 14.88 27.65
C ILE B 68 -26.86 14.05 26.54
N SER B 69 -27.37 12.85 26.84
CA SER B 69 -27.98 12.03 25.82
C SER B 69 -29.25 12.69 25.27
N ASN B 70 -30.14 13.13 26.16
CA ASN B 70 -31.34 13.80 25.67
C ASN B 70 -30.98 15.11 24.97
N ALA B 71 -29.96 15.81 25.45
CA ALA B 71 -29.57 17.08 24.81
C ALA B 71 -29.05 16.85 23.40
N VAL B 72 -28.22 15.82 23.20
CA VAL B 72 -27.70 15.58 21.87
C VAL B 72 -28.81 15.06 20.96
N ASN B 73 -29.72 14.25 21.49
CA ASN B 73 -30.83 13.79 20.65
C ASN B 73 -31.70 14.97 20.22
N ARG B 74 -31.93 15.93 21.11
CA ARG B 74 -32.66 17.14 20.74
C ARG B 74 -31.90 17.93 19.68
N LEU B 75 -30.67 18.33 19.99
CA LEU B 75 -29.91 19.18 19.07
C LEU B 75 -29.53 18.47 17.78
N MET B 76 -29.78 17.18 17.67
CA MET B 76 -29.63 16.48 16.40
C MET B 76 -30.96 16.30 15.67
N ILE B 77 -32.08 16.26 16.41
CA ILE B 77 -33.37 16.14 15.74
C ILE B 77 -33.68 17.37 14.89
N SER B 78 -33.03 18.49 15.17
CA SER B 78 -33.26 19.70 14.37
C SER B 78 -32.70 19.53 12.97
N ARG B 79 -31.39 19.31 12.86
CA ARG B 79 -30.77 19.19 11.55
C ARG B 79 -31.21 17.89 10.86
N LYS B 80 -30.87 17.79 9.58
CA LYS B 80 -31.22 16.62 8.79
C LYS B 80 -30.52 15.38 9.34
N ILE B 81 -31.30 14.41 9.80
CA ILE B 81 -30.79 13.17 10.38
C ILE B 81 -31.73 12.03 10.02
N ASP B 82 -31.35 10.83 10.44
CA ASP B 82 -32.21 9.66 10.40
C ASP B 82 -32.57 9.25 11.82
N ALA B 83 -33.78 8.72 11.99
CA ALA B 83 -34.28 8.40 13.32
C ALA B 83 -33.44 7.29 13.97
N THR B 84 -33.27 6.17 13.27
CA THR B 84 -32.49 5.07 13.84
C THR B 84 -31.04 5.47 14.06
N VAL B 85 -30.47 6.27 13.17
CA VAL B 85 -29.10 6.75 13.36
C VAL B 85 -29.02 7.68 14.57
N ALA B 86 -30.04 8.53 14.75
CA ALA B 86 -30.09 9.40 15.91
C ALA B 86 -30.11 8.60 17.20
N ASP B 87 -31.00 7.62 17.29
CA ASP B 87 -31.07 6.78 18.48
C ASP B 87 -29.75 6.03 18.68
N PHE B 88 -29.18 5.52 17.59
CA PHE B 88 -27.92 4.79 17.67
C PHE B 88 -26.82 5.65 18.28
N LEU B 89 -26.64 6.86 17.76
CA LEU B 89 -25.56 7.71 18.25
C LEU B 89 -25.84 8.22 19.67
N SER B 90 -27.10 8.53 19.97
CA SER B 90 -27.42 9.01 21.32
C SER B 90 -27.16 7.92 22.35
N ALA B 91 -27.62 6.70 22.09
CA ALA B 91 -27.35 5.60 23.00
C ALA B 91 -25.87 5.27 23.05
N LEU B 92 -25.15 5.45 21.94
CA LEU B 92 -23.72 5.24 21.94
C LEU B 92 -23.03 6.19 22.91
N VAL B 93 -23.37 7.48 22.83
CA VAL B 93 -22.77 8.45 23.74
C VAL B 93 -23.15 8.15 25.17
N ARG B 94 -24.42 7.79 25.40
CA ARG B 94 -24.87 7.44 26.74
C ARG B 94 -24.03 6.30 27.31
N TYR B 95 -23.89 5.21 26.56
CA TYR B 95 -23.14 4.06 27.04
C TYR B 95 -21.66 4.38 27.19
N GLY B 96 -21.12 5.25 26.35
CA GLY B 96 -19.73 5.64 26.52
C GLY B 96 -19.50 6.35 27.83
N ILE B 97 -20.35 7.33 28.15
CA ILE B 97 -20.20 8.02 29.43
C ILE B 97 -20.42 7.04 30.58
N ILE B 98 -21.35 6.10 30.41
CA ILE B 98 -21.59 5.12 31.46
C ILE B 98 -20.37 4.25 31.69
N ALA B 99 -19.71 3.84 30.60
CA ALA B 99 -18.52 3.02 30.73
C ALA B 99 -17.39 3.77 31.41
N PHE B 100 -17.20 5.04 31.04
CA PHE B 100 -16.18 5.83 31.70
C PHE B 100 -16.49 5.97 33.19
N THR B 101 -17.75 6.18 33.53
CA THR B 101 -18.14 6.25 34.93
C THR B 101 -17.81 4.96 35.67
N LEU B 102 -18.16 3.83 35.06
CA LEU B 102 -17.95 2.54 35.71
C LEU B 102 -16.46 2.27 35.91
N ILE B 103 -15.65 2.55 34.90
CA ILE B 103 -14.21 2.33 35.03
C ILE B 103 -13.63 3.23 36.11
N ALA B 104 -14.06 4.50 36.14
CA ALA B 104 -13.57 5.40 37.18
C ALA B 104 -13.95 4.90 38.56
N ALA B 105 -15.17 4.40 38.72
CA ALA B 105 -15.60 3.91 40.03
C ALA B 105 -14.82 2.67 40.43
N LEU B 106 -14.59 1.76 39.48
CA LEU B 106 -13.80 0.57 39.77
C LEU B 106 -12.40 0.96 40.23
N GLY B 107 -11.74 1.83 39.47
CA GLY B 107 -10.44 2.31 39.90
C GLY B 107 -10.47 2.95 41.27
N ARG B 108 -11.54 3.69 41.56
CA ARG B 108 -11.62 4.39 42.83
C ARG B 108 -11.85 3.44 44.00
N VAL B 109 -12.48 2.29 43.75
CA VAL B 109 -12.78 1.39 44.86
C VAL B 109 -11.60 0.45 45.17
N GLY B 110 -10.77 0.15 44.18
CA GLY B 110 -9.57 -0.62 44.45
C GLY B 110 -9.20 -1.66 43.42
N VAL B 111 -10.02 -1.80 42.38
CA VAL B 111 -9.77 -2.81 41.36
C VAL B 111 -8.77 -2.27 40.36
N GLN B 112 -7.78 -3.08 40.01
CA GLN B 112 -6.78 -2.69 39.02
C GLN B 112 -7.44 -2.69 37.64
N THR B 113 -7.80 -1.51 37.16
CA THR B 113 -8.47 -1.36 35.89
C THR B 113 -7.52 -1.29 34.71
N ALA B 114 -6.29 -1.76 34.86
CA ALA B 114 -5.30 -1.61 33.80
C ALA B 114 -5.70 -2.39 32.56
N SER B 115 -6.20 -3.61 32.75
CA SER B 115 -6.53 -4.45 31.60
C SER B 115 -7.73 -3.91 30.82
N VAL B 116 -8.76 -3.45 31.53
CA VAL B 116 -9.96 -2.96 30.85
C VAL B 116 -9.64 -1.70 30.07
N ILE B 117 -8.79 -0.82 30.61
CA ILE B 117 -8.41 0.37 29.86
C ILE B 117 -7.41 0.06 28.77
N ALA B 118 -6.64 -1.03 28.89
CA ALA B 118 -5.77 -1.45 27.81
C ALA B 118 -6.59 -1.90 26.61
N VAL B 119 -7.59 -2.76 26.85
CA VAL B 119 -8.44 -3.17 25.74
C VAL B 119 -9.29 -2.01 25.24
N LEU B 120 -9.65 -1.08 26.12
CA LEU B 120 -10.37 0.11 25.69
C LEU B 120 -9.52 0.97 24.74
N GLY B 121 -8.25 1.15 25.08
CA GLY B 121 -7.35 1.87 24.19
C GLY B 121 -7.12 1.15 22.89
N ALA B 122 -7.05 -0.18 22.92
CA ALA B 122 -6.97 -0.93 21.68
C ALA B 122 -8.19 -0.66 20.80
N ALA B 123 -9.39 -0.70 21.41
CA ALA B 123 -10.61 -0.43 20.65
C ALA B 123 -10.61 1.01 20.11
N GLY B 124 -10.16 1.96 20.91
CA GLY B 124 -10.11 3.34 20.45
C GLY B 124 -9.17 3.52 19.28
N LEU B 125 -8.00 2.88 19.35
CA LEU B 125 -7.06 2.93 18.24
C LEU B 125 -7.67 2.28 17.00
N ALA B 126 -8.45 1.22 17.19
CA ALA B 126 -9.15 0.61 16.06
C ALA B 126 -10.11 1.60 15.43
N VAL B 127 -10.93 2.26 16.25
CA VAL B 127 -11.89 3.24 15.72
C VAL B 127 -11.17 4.38 15.02
N GLY B 128 -10.00 4.78 15.55
CA GLY B 128 -9.26 5.85 14.90
C GLY B 128 -8.72 5.43 13.55
N LEU B 129 -8.11 4.26 13.48
CA LEU B 129 -7.63 3.75 12.21
C LEU B 129 -8.78 3.50 11.24
N ALA B 130 -10.00 3.36 11.75
CA ALA B 130 -11.16 3.28 10.87
C ALA B 130 -11.53 4.65 10.32
N LEU B 131 -11.69 5.64 11.20
CA LEU B 131 -12.09 6.97 10.78
C LEU B 131 -11.03 7.67 9.96
N GLN B 132 -9.79 7.16 9.98
CA GLN B 132 -8.71 7.74 9.18
C GLN B 132 -9.10 7.95 7.73
N GLY B 133 -10.04 7.15 7.21
CA GLY B 133 -10.43 7.31 5.82
C GLY B 133 -11.19 8.59 5.54
N SER B 134 -11.88 9.14 6.53
CA SER B 134 -12.67 10.34 6.34
C SER B 134 -12.10 11.57 7.03
N LEU B 135 -11.37 11.39 8.12
CA LEU B 135 -10.68 12.53 8.71
C LEU B 135 -9.74 13.18 7.71
N SER B 136 -9.13 12.37 6.84
CA SER B 136 -8.27 12.91 5.80
C SER B 136 -9.06 13.81 4.86
N ASN B 137 -10.26 13.38 4.47
CA ASN B 137 -11.08 14.21 3.60
C ASN B 137 -11.44 15.52 4.28
N LEU B 138 -11.74 15.47 5.56
CA LEU B 138 -12.06 16.68 6.30
C LEU B 138 -10.88 17.66 6.29
N ALA B 139 -9.69 17.16 6.60
CA ALA B 139 -8.51 18.02 6.62
C ALA B 139 -8.21 18.60 5.24
N ALA B 140 -8.32 17.78 4.19
CA ALA B 140 -8.08 18.27 2.84
C ALA B 140 -9.09 19.35 2.48
N GLY B 141 -10.34 19.19 2.92
CA GLY B 141 -11.31 20.24 2.65
C GLY B 141 -10.94 21.54 3.34
N VAL B 142 -10.48 21.46 4.58
CA VAL B 142 -10.02 22.65 5.28
C VAL B 142 -8.90 23.33 4.49
N LEU B 143 -7.96 22.53 3.99
CA LEU B 143 -6.82 23.12 3.28
C LEU B 143 -7.24 23.74 1.95
N LEU B 144 -8.13 23.08 1.21
CA LEU B 144 -8.62 23.66 -0.04
C LEU B 144 -9.41 24.94 0.22
N VAL B 145 -10.08 25.05 1.36
CA VAL B 145 -10.76 26.29 1.69
C VAL B 145 -9.75 27.39 1.97
N MET B 146 -8.74 27.09 2.78
CA MET B 146 -7.83 28.14 3.22
C MET B 146 -6.83 28.56 2.14
N PHE B 147 -6.45 27.66 1.24
CA PHE B 147 -5.47 27.98 0.22
C PHE B 147 -6.09 28.39 -1.11
N ARG B 148 -7.31 27.94 -1.39
CA ARG B 148 -8.04 28.32 -2.59
C ARG B 148 -7.28 28.03 -3.89
N PRO B 149 -7.01 26.76 -4.20
CA PRO B 149 -6.51 26.44 -5.55
C PRO B 149 -7.57 26.62 -6.62
N PHE B 150 -8.83 26.81 -6.24
CA PHE B 150 -9.89 27.09 -7.18
C PHE B 150 -11.10 27.63 -6.42
N ARG B 151 -11.92 28.40 -7.13
CA ARG B 151 -13.13 28.97 -6.57
C ARG B 151 -14.34 28.24 -7.14
N ALA B 152 -15.53 28.75 -6.83
CA ALA B 152 -16.76 28.10 -7.23
C ALA B 152 -16.88 27.96 -8.74
N GLY B 153 -16.95 29.07 -9.46
CA GLY B 153 -17.14 29.00 -10.89
C GLY B 153 -15.94 28.54 -11.69
N GLU B 154 -14.82 28.25 -11.03
CA GLU B 154 -13.59 27.92 -11.72
C GLU B 154 -13.70 26.58 -12.42
N TYR B 155 -13.28 26.55 -13.68
CA TYR B 155 -13.29 25.31 -14.47
C TYR B 155 -11.95 24.61 -14.28
N VAL B 156 -11.97 23.46 -13.62
CA VAL B 156 -10.75 22.80 -13.18
C VAL B 156 -10.64 21.40 -13.75
N ASP B 157 -9.58 20.68 -13.36
CA ASP B 157 -9.38 19.29 -13.72
C ASP B 157 -8.74 18.61 -12.53
N LEU B 158 -9.51 17.79 -11.81
CA LEU B 158 -9.05 17.16 -10.58
C LEU B 158 -8.85 15.67 -10.84
N GLY B 159 -7.63 15.29 -11.19
CA GLY B 159 -7.30 13.88 -11.31
C GLY B 159 -8.08 13.13 -12.37
N GLY B 160 -8.19 13.70 -13.56
CA GLY B 160 -8.78 13.00 -14.69
C GLY B 160 -10.24 13.30 -14.94
N VAL B 161 -10.88 14.12 -14.11
CA VAL B 161 -12.26 14.52 -14.32
C VAL B 161 -12.31 16.04 -14.38
N ALA B 162 -12.76 16.58 -15.50
CA ALA B 162 -12.72 18.02 -15.76
C ALA B 162 -14.13 18.54 -15.90
N GLY B 163 -14.42 19.63 -15.19
CA GLY B 163 -15.73 20.25 -15.28
C GLY B 163 -15.88 21.39 -14.30
N THR B 164 -16.82 22.28 -14.57
CA THR B 164 -17.01 23.46 -13.74
C THR B 164 -17.35 23.07 -12.32
N VAL B 165 -16.57 23.57 -11.37
CA VAL B 165 -16.89 23.35 -9.97
C VAL B 165 -18.23 24.00 -9.65
N LEU B 166 -18.97 23.39 -8.72
CA LEU B 166 -20.23 23.94 -8.25
C LEU B 166 -20.18 24.39 -6.81
N SER B 167 -19.50 23.65 -5.94
CA SER B 167 -19.38 24.02 -4.56
C SER B 167 -18.25 23.24 -3.93
N VAL B 168 -17.71 23.78 -2.83
CA VAL B 168 -16.68 23.12 -2.04
C VAL B 168 -17.20 23.03 -0.62
N GLN B 169 -17.29 21.81 -0.11
CA GLN B 169 -17.83 21.57 1.23
C GLN B 169 -16.75 20.94 2.10
N ILE B 170 -17.16 20.51 3.29
CA ILE B 170 -16.19 20.02 4.27
C ILE B 170 -15.67 18.64 3.86
N PHE B 171 -16.50 17.84 3.20
CA PHE B 171 -16.12 16.46 2.91
C PHE B 171 -15.96 16.15 1.42
N SER B 172 -16.50 16.98 0.54
CA SER B 172 -16.50 16.63 -0.86
C SER B 172 -16.62 17.89 -1.71
N THR B 173 -16.38 17.72 -2.99
CA THR B 173 -16.47 18.81 -3.96
C THR B 173 -17.38 18.38 -5.09
N THR B 174 -18.38 19.20 -5.39
CA THR B 174 -19.34 18.92 -6.45
C THR B 174 -18.95 19.71 -7.69
N MET B 175 -18.89 19.03 -8.82
CA MET B 175 -18.53 19.70 -10.07
C MET B 175 -19.35 19.12 -11.21
N ARG B 176 -19.96 19.99 -11.99
CA ARG B 176 -20.78 19.59 -13.12
C ARG B 176 -19.89 19.34 -14.34
N THR B 177 -19.82 18.09 -14.76
CA THR B 177 -19.07 17.74 -15.97
C THR B 177 -19.65 18.48 -17.16
N ALA B 178 -18.86 18.56 -18.23
CA ALA B 178 -19.29 19.25 -19.44
C ALA B 178 -20.49 18.57 -20.11
N ASP B 179 -20.85 17.36 -19.70
CA ASP B 179 -21.98 16.64 -20.26
C ASP B 179 -23.21 16.71 -19.36
N GLY B 180 -23.16 17.51 -18.30
CA GLY B 180 -24.28 17.65 -17.41
C GLY B 180 -24.24 16.76 -16.18
N LYS B 181 -23.42 15.72 -16.19
CA LYS B 181 -23.32 14.86 -15.02
C LYS B 181 -22.76 15.63 -13.84
N ILE B 182 -23.16 15.23 -12.64
CA ILE B 182 -22.72 15.87 -11.41
C ILE B 182 -21.91 14.86 -10.63
N ILE B 183 -20.62 15.12 -10.50
CA ILE B 183 -19.70 14.23 -9.81
C ILE B 183 -19.43 14.77 -8.42
N VAL B 184 -19.63 13.94 -7.41
CA VAL B 184 -19.20 14.25 -6.05
C VAL B 184 -17.87 13.57 -5.83
N ILE B 185 -16.86 14.34 -5.49
CA ILE B 185 -15.51 13.81 -5.36
C ILE B 185 -14.97 14.19 -3.99
N PRO B 186 -14.37 13.26 -3.26
CA PRO B 186 -13.90 13.58 -1.92
C PRO B 186 -12.66 14.45 -1.95
N ASN B 187 -12.51 15.25 -0.90
CA ASN B 187 -11.42 16.22 -0.84
C ASN B 187 -10.06 15.54 -0.71
N GLY B 188 -9.95 14.60 0.22
CA GLY B 188 -8.69 13.91 0.42
C GLY B 188 -8.13 13.25 -0.82
N LYS B 189 -8.96 13.06 -1.84
CA LYS B 189 -8.53 12.43 -3.08
C LYS B 189 -7.96 13.44 -4.07
N ILE B 190 -8.42 14.68 -4.04
CA ILE B 190 -7.94 15.68 -4.99
C ILE B 190 -6.71 16.42 -4.47
N ILE B 191 -6.59 16.59 -3.16
CA ILE B 191 -5.42 17.25 -2.61
C ILE B 191 -4.15 16.44 -2.77
N ALA B 192 -4.27 15.19 -3.19
CA ALA B 192 -3.12 14.32 -3.43
C ALA B 192 -2.85 14.12 -4.91
N GLY B 193 -3.24 15.07 -5.76
CA GLY B 193 -3.01 14.98 -7.18
C GLY B 193 -2.75 16.35 -7.78
N ASN B 194 -2.54 16.35 -9.09
CA ASN B 194 -2.27 17.59 -9.81
C ASN B 194 -3.57 18.34 -10.04
N ILE B 195 -3.72 19.48 -9.38
CA ILE B 195 -4.92 20.30 -9.53
C ILE B 195 -4.68 21.22 -10.72
N ILE B 196 -4.94 20.69 -11.91
CA ILE B 196 -4.86 21.52 -13.11
C ILE B 196 -5.94 22.59 -13.04
N ASN B 197 -5.73 23.68 -13.76
CA ASN B 197 -6.70 24.76 -13.80
C ASN B 197 -6.76 25.32 -15.21
N PHE B 198 -7.86 26.00 -15.51
CA PHE B 198 -8.08 26.53 -16.85
C PHE B 198 -8.53 27.97 -16.91
N SER B 199 -9.12 28.51 -15.86
CA SER B 199 -9.48 29.93 -15.83
C SER B 199 -8.47 30.76 -15.06
N ARG B 200 -7.44 30.14 -14.50
CA ARG B 200 -6.39 30.90 -13.83
C ARG B 200 -5.58 31.70 -14.84
N GLU B 201 -5.10 31.05 -15.87
CA GLU B 201 -4.34 31.72 -16.92
C GLU B 201 -5.29 32.25 -17.98
N PRO B 202 -5.22 33.54 -18.32
CA PRO B 202 -6.19 34.09 -19.27
C PRO B 202 -5.94 33.66 -20.71
N VAL B 203 -4.69 33.43 -21.11
CA VAL B 203 -4.35 33.14 -22.49
C VAL B 203 -3.72 31.75 -22.55
N ARG B 204 -4.16 30.94 -23.51
CA ARG B 204 -3.68 29.58 -23.66
C ARG B 204 -3.37 29.33 -25.13
N ARG B 205 -2.90 28.12 -25.43
CA ARG B 205 -2.34 27.80 -26.73
C ARG B 205 -3.01 26.58 -27.33
N ASN B 206 -3.33 26.66 -28.62
CA ASN B 206 -3.82 25.52 -29.37
C ASN B 206 -2.65 24.82 -30.04
N GLU B 207 -2.93 23.66 -30.63
CA GLU B 207 -1.88 22.90 -31.31
C GLU B 207 -2.54 22.02 -32.37
N PHE B 208 -2.45 22.43 -33.61
CA PHE B 208 -2.91 21.62 -34.72
C PHE B 208 -1.79 20.71 -35.17
N ILE B 209 -2.16 19.65 -35.89
CA ILE B 209 -1.20 18.71 -36.47
C ILE B 209 -1.78 18.29 -37.81
N ILE B 210 -1.10 18.63 -38.90
CA ILE B 210 -1.66 18.50 -40.23
C ILE B 210 -0.71 17.64 -41.06
N GLY B 211 -0.99 16.34 -41.13
CA GLY B 211 -0.20 15.45 -41.95
C GLY B 211 -0.58 15.62 -43.41
N VAL B 212 0.43 15.83 -44.25
CA VAL B 212 0.22 16.01 -45.67
C VAL B 212 1.06 14.97 -46.43
N ALA B 213 0.80 14.86 -47.71
CA ALA B 213 1.50 13.89 -48.53
C ALA B 213 2.98 14.23 -48.61
N TYR B 214 3.77 13.28 -49.11
CA TYR B 214 5.21 13.44 -49.10
C TYR B 214 5.73 14.25 -50.28
N ASP B 215 4.90 14.50 -51.29
CA ASP B 215 5.35 15.26 -52.45
C ASP B 215 4.97 16.73 -52.40
N SER B 216 4.25 17.15 -51.37
CA SER B 216 3.80 18.52 -51.28
C SER B 216 4.97 19.45 -50.99
N ASP B 217 4.97 20.61 -51.66
CA ASP B 217 6.01 21.60 -51.41
C ASP B 217 5.88 22.15 -50.00
N ILE B 218 7.02 22.30 -49.32
CA ILE B 218 7.00 22.77 -47.94
C ILE B 218 6.78 24.27 -47.90
N ASP B 219 7.37 25.00 -48.84
CA ASP B 219 7.21 26.46 -48.85
C ASP B 219 5.76 26.85 -49.03
N GLN B 220 5.05 26.20 -49.96
CA GLN B 220 3.64 26.50 -50.16
C GLN B 220 2.82 26.21 -48.91
N VAL B 221 3.10 25.10 -48.25
CA VAL B 221 2.34 24.73 -47.05
C VAL B 221 2.55 25.76 -45.96
N LYS B 222 3.80 26.13 -45.72
CA LYS B 222 4.07 27.10 -44.65
C LYS B 222 3.50 28.47 -44.99
N GLN B 223 3.54 28.85 -46.27
CA GLN B 223 2.93 30.09 -46.69
C GLN B 223 1.44 30.09 -46.41
N ILE B 224 0.75 29.02 -46.78
CA ILE B 224 -0.69 28.94 -46.57
C ILE B 224 -1.03 29.02 -45.08
N LEU B 225 -0.32 28.23 -44.27
CA LEU B 225 -0.63 28.21 -42.85
C LEU B 225 -0.34 29.56 -42.21
N THR B 226 0.71 30.24 -42.66
CA THR B 226 0.99 31.57 -42.10
C THR B 226 -0.07 32.57 -42.51
N ASN B 227 -0.51 32.55 -43.76
CA ASN B 227 -1.59 33.43 -44.17
C ASN B 227 -2.84 33.18 -43.33
N ILE B 228 -3.16 31.92 -43.07
CA ILE B 228 -4.36 31.59 -42.29
C ILE B 228 -4.22 32.13 -40.88
N ILE B 229 -3.11 31.84 -40.21
CA ILE B 229 -2.97 32.29 -38.82
C ILE B 229 -2.67 33.78 -38.70
N GLN B 230 -2.42 34.46 -39.82
CA GLN B 230 -2.36 35.92 -39.78
C GLN B 230 -3.71 36.56 -40.00
N SER B 231 -4.55 35.97 -40.84
CA SER B 231 -5.86 36.54 -41.11
C SER B 231 -6.75 36.56 -39.87
N GLU B 232 -6.55 35.61 -38.95
CA GLU B 232 -7.37 35.54 -37.76
C GLU B 232 -7.13 36.75 -36.86
N ASP B 233 -8.10 37.03 -36.00
CA ASP B 233 -8.05 38.18 -35.12
C ASP B 233 -7.94 37.83 -33.65
N ARG B 234 -8.62 36.77 -33.20
CA ARG B 234 -8.49 36.33 -31.82
C ARG B 234 -7.14 35.69 -31.53
N ILE B 235 -6.31 35.50 -32.55
CA ILE B 235 -4.98 34.93 -32.38
C ILE B 235 -4.03 36.04 -31.92
N LEU B 236 -3.49 35.91 -30.72
CA LEU B 236 -2.56 36.89 -30.21
C LEU B 236 -1.33 36.96 -31.09
N LYS B 237 -0.98 38.17 -31.53
CA LYS B 237 0.15 38.34 -32.44
C LYS B 237 1.45 38.63 -31.71
N ASP B 238 1.39 39.15 -30.50
CA ASP B 238 2.59 39.49 -29.76
C ASP B 238 3.29 38.29 -29.15
N ARG B 239 2.89 37.08 -29.54
CA ARG B 239 3.53 35.88 -29.04
C ARG B 239 4.00 34.99 -30.18
N GLU B 240 4.43 33.79 -29.89
CA GLU B 240 4.99 32.91 -30.90
C GLU B 240 3.90 32.31 -31.76
N MET B 241 4.20 32.15 -33.05
CA MET B 241 3.28 31.56 -34.02
C MET B 241 4.10 30.61 -34.87
N THR B 242 4.00 29.32 -34.60
CA THR B 242 4.90 28.31 -35.13
C THR B 242 4.25 27.55 -36.27
N VAL B 243 4.92 27.49 -37.42
CA VAL B 243 4.54 26.60 -38.51
C VAL B 243 5.84 25.92 -38.98
N ARG B 244 6.12 24.75 -38.45
CA ARG B 244 7.36 24.04 -38.74
C ARG B 244 7.07 22.59 -39.10
N LEU B 245 7.87 22.05 -40.01
CA LEU B 245 7.87 20.62 -40.25
C LEU B 245 8.33 19.90 -38.99
N ASN B 246 7.46 19.06 -38.42
CA ASN B 246 7.75 18.48 -37.11
C ASN B 246 8.18 17.04 -37.15
N GLU B 247 7.77 16.27 -38.15
CA GLU B 247 8.06 14.84 -38.13
C GLU B 247 7.84 14.16 -39.47
N LEU B 248 8.80 13.36 -39.91
CA LEU B 248 8.63 12.52 -41.09
C LEU B 248 7.98 11.21 -40.64
N GLY B 249 6.78 10.94 -41.15
CA GLY B 249 5.96 9.86 -40.67
C GLY B 249 5.88 8.69 -41.63
N ALA B 250 4.94 7.79 -41.32
CA ALA B 250 4.82 6.55 -42.09
C ALA B 250 4.24 6.81 -43.46
N SER B 251 3.18 7.62 -43.54
CA SER B 251 2.57 7.97 -44.81
C SER B 251 2.46 9.46 -45.04
N SER B 252 2.97 10.28 -44.13
CA SER B 252 2.73 11.71 -44.20
C SER B 252 3.75 12.44 -43.32
N ILE B 253 4.10 13.65 -43.74
CA ILE B 253 4.92 14.54 -42.92
C ILE B 253 3.97 15.42 -42.12
N ASN B 254 4.25 15.56 -40.82
CA ASN B 254 3.35 16.28 -39.93
C ASN B 254 3.89 17.68 -39.67
N PHE B 255 3.02 18.67 -39.82
CA PHE B 255 3.34 20.03 -39.47
C PHE B 255 2.68 20.37 -38.15
N VAL B 256 3.42 20.93 -37.25
CA VAL B 256 2.87 21.43 -36.01
C VAL B 256 2.51 22.90 -36.22
N VAL B 257 1.44 23.34 -35.57
CA VAL B 257 0.99 24.72 -35.64
C VAL B 257 0.59 25.13 -34.23
N ARG B 258 1.24 26.15 -33.70
CA ARG B 258 0.98 26.60 -32.33
C ARG B 258 0.64 28.08 -32.36
N VAL B 259 -0.50 28.42 -31.77
CA VAL B 259 -0.99 29.80 -31.72
C VAL B 259 -1.62 30.01 -30.35
N TRP B 260 -1.63 31.27 -29.91
CA TRP B 260 -2.16 31.61 -28.60
C TRP B 260 -3.45 32.41 -28.74
N SER B 261 -4.33 32.24 -27.76
CA SER B 261 -5.62 32.91 -27.74
C SER B 261 -6.10 32.99 -26.31
N ASN B 262 -7.10 33.82 -26.08
CA ASN B 262 -7.66 33.92 -24.74
C ASN B 262 -8.40 32.65 -24.37
N SER B 263 -8.55 32.42 -23.06
CA SER B 263 -9.20 31.20 -22.60
C SER B 263 -10.62 31.08 -23.14
N GLY B 264 -11.25 32.20 -23.46
CA GLY B 264 -12.61 32.14 -23.97
C GLY B 264 -12.67 31.69 -25.42
N ASP B 265 -11.86 32.32 -26.28
CA ASP B 265 -11.95 32.06 -27.71
C ASP B 265 -11.43 30.69 -28.11
N LEU B 266 -10.67 30.01 -27.24
CA LEU B 266 -9.88 28.85 -27.60
C LEU B 266 -10.59 27.87 -28.53
N GLN B 267 -11.74 27.35 -28.11
CA GLN B 267 -12.38 26.29 -28.88
C GLN B 267 -12.92 26.80 -30.21
N ASN B 268 -13.50 28.00 -30.22
CA ASN B 268 -14.01 28.54 -31.48
C ASN B 268 -12.87 28.85 -32.44
N VAL B 269 -11.76 29.34 -31.92
CA VAL B 269 -10.57 29.54 -32.74
C VAL B 269 -10.14 28.22 -33.35
N TYR B 270 -10.11 27.17 -32.54
CA TYR B 270 -9.75 25.85 -33.05
C TYR B 270 -10.66 25.46 -34.21
N TRP B 271 -11.98 25.51 -33.99
CA TRP B 271 -12.90 25.06 -35.04
C TRP B 271 -12.78 25.91 -36.30
N ASP B 272 -12.66 27.23 -36.14
CA ASP B 272 -12.61 28.11 -37.30
C ASP B 272 -11.34 27.90 -38.09
N VAL B 273 -10.18 27.86 -37.41
CA VAL B 273 -8.93 27.61 -38.10
C VAL B 273 -8.96 26.25 -38.78
N LEU B 274 -9.58 25.26 -38.14
CA LEU B 274 -9.61 23.93 -38.71
C LEU B 274 -10.42 23.90 -39.99
N GLU B 275 -11.60 24.52 -40.00
CA GLU B 275 -12.38 24.55 -41.22
C GLU B 275 -11.69 25.40 -42.29
N ARG B 276 -11.02 26.48 -41.90
CA ARG B 276 -10.30 27.27 -42.88
C ARG B 276 -9.16 26.48 -43.50
N ILE B 277 -8.47 25.66 -42.70
CA ILE B 277 -7.46 24.77 -43.24
C ILE B 277 -8.08 23.82 -44.25
N LYS B 278 -9.17 23.16 -43.85
CA LYS B 278 -9.81 22.21 -44.73
C LYS B 278 -10.22 22.85 -46.05
N ARG B 279 -10.62 24.12 -46.02
CA ARG B 279 -11.01 24.76 -47.27
C ARG B 279 -9.81 25.21 -48.08
N GLU B 280 -8.82 25.83 -47.44
CA GLU B 280 -7.68 26.39 -48.16
C GLU B 280 -6.83 25.32 -48.81
N PHE B 281 -6.59 24.22 -48.09
CA PHE B 281 -5.79 23.15 -48.67
C PHE B 281 -6.47 22.57 -49.91
N ASP B 282 -7.74 22.23 -49.81
CA ASP B 282 -8.46 21.73 -50.96
C ASP B 282 -8.55 22.76 -52.08
N ALA B 283 -8.47 24.05 -51.75
CA ALA B 283 -8.42 25.06 -52.79
C ALA B 283 -7.06 25.07 -53.49
N ALA B 284 -5.98 24.90 -52.72
CA ALA B 284 -4.64 24.97 -53.29
C ALA B 284 -4.30 23.72 -54.08
N GLY B 285 -4.41 22.55 -53.46
CA GLY B 285 -4.08 21.31 -54.12
C GLY B 285 -3.39 20.34 -53.18
N ILE B 286 -3.00 20.83 -52.01
CA ILE B 286 -2.42 19.97 -51.00
C ILE B 286 -3.43 18.89 -50.63
N SER B 287 -2.93 17.67 -50.43
CA SER B 287 -3.79 16.50 -50.27
C SER B 287 -3.50 15.82 -48.95
N PHE B 288 -4.52 15.67 -48.12
CA PHE B 288 -4.40 14.80 -46.96
C PHE B 288 -4.34 13.36 -47.43
N PRO B 289 -3.39 12.58 -46.95
CA PRO B 289 -3.18 11.24 -47.53
C PRO B 289 -3.92 10.15 -46.79
N TYR B 290 -4.48 9.19 -47.54
CA TYR B 290 -4.97 7.98 -46.93
C TYR B 290 -3.80 7.12 -46.49
N PRO B 291 -4.00 6.25 -45.49
CA PRO B 291 -2.91 5.35 -45.07
C PRO B 291 -2.35 4.56 -46.24
N GLN B 292 -1.06 4.77 -46.52
CA GLN B 292 -0.43 4.18 -47.69
C GLN B 292 0.22 2.86 -47.36
N MET B 293 0.44 2.06 -48.40
CA MET B 293 1.05 0.76 -48.26
C MET B 293 1.56 0.33 -49.62
N ASP B 294 2.79 -0.18 -49.65
CA ASP B 294 3.41 -0.64 -50.89
C ASP B 294 3.42 -2.16 -50.90
N VAL B 295 2.93 -2.74 -52.00
CA VAL B 295 2.81 -4.19 -52.10
C VAL B 295 3.68 -4.68 -53.24
N ASN B 296 4.29 -5.84 -53.03
CA ASN B 296 5.15 -6.48 -54.01
C ASN B 296 4.44 -7.73 -54.51
N PHE B 297 3.90 -7.66 -55.72
CA PHE B 297 3.08 -8.72 -56.26
C PHE B 297 3.94 -9.83 -56.85
N LYS B 298 3.53 -11.07 -56.63
CA LYS B 298 4.23 -12.23 -57.18
C LYS B 298 3.29 -13.42 -57.19
N ARG B 299 2.96 -13.90 -58.37
CA ARG B 299 2.08 -15.06 -58.49
C ARG B 299 2.83 -16.33 -58.11
N VAL B 300 2.07 -17.34 -57.68
CA VAL B 300 2.65 -18.62 -57.30
C VAL B 300 2.24 -19.70 -58.28
N MET C 21 1.23 -10.56 73.65
CA MET C 21 1.66 -10.65 72.25
C MET C 21 1.82 -12.11 71.84
N GLU C 22 0.68 -12.78 71.61
CA GLU C 22 0.69 -14.20 71.31
C GLU C 22 1.46 -14.50 70.02
N ASP C 23 1.11 -13.82 68.93
CA ASP C 23 1.81 -14.03 67.67
C ASP C 23 3.29 -13.75 67.78
N LEU C 24 3.68 -12.90 68.74
CA LEU C 24 5.09 -12.64 69.00
C LEU C 24 5.78 -13.86 69.60
N ASN C 25 5.09 -14.62 70.44
CA ASN C 25 5.67 -15.80 71.07
C ASN C 25 5.49 -17.06 70.26
N VAL C 26 4.59 -17.07 69.27
CA VAL C 26 4.32 -18.30 68.52
C VAL C 26 5.51 -18.67 67.65
N VAL C 27 5.89 -17.79 66.73
CA VAL C 27 6.89 -18.15 65.71
C VAL C 27 8.07 -17.20 65.69
N ASP C 28 7.81 -15.89 65.59
CA ASP C 28 8.88 -14.93 65.35
C ASP C 28 9.72 -14.71 66.60
N SER C 29 11.02 -14.48 66.39
CA SER C 29 11.94 -14.25 67.49
C SER C 29 11.72 -12.88 68.11
N ILE C 30 11.91 -12.80 69.43
CA ILE C 30 11.63 -11.55 70.22
C ILE C 30 12.60 -10.43 69.86
N ASN C 31 13.91 -10.68 70.03
CA ASN C 31 14.97 -9.72 69.77
C ASN C 31 14.83 -8.41 70.55
N GLY C 32 13.94 -8.36 71.54
CA GLY C 32 13.86 -7.21 72.41
C GLY C 32 12.89 -6.15 71.94
N ALA C 33 11.76 -6.01 72.64
CA ALA C 33 10.72 -5.03 72.31
C ALA C 33 10.29 -5.15 70.85
N GLY C 34 10.36 -6.37 70.33
CA GLY C 34 9.98 -6.62 68.94
C GLY C 34 8.51 -6.91 68.79
N SER C 35 7.67 -6.03 69.31
CA SER C 35 6.21 -6.23 69.30
C SER C 35 5.72 -6.03 67.87
N TRP C 36 5.80 -7.10 67.09
CA TRP C 36 5.57 -7.00 65.65
C TRP C 36 4.10 -6.94 65.28
N LEU C 37 3.19 -7.44 66.13
CA LEU C 37 1.77 -7.29 65.81
C LEU C 37 1.30 -5.86 66.01
N VAL C 38 1.70 -5.23 67.12
CA VAL C 38 1.26 -3.87 67.40
C VAL C 38 1.69 -2.93 66.28
N ALA C 39 2.84 -3.20 65.66
CA ALA C 39 3.35 -2.37 64.57
C ALA C 39 3.21 -3.03 63.21
N ASN C 40 2.46 -4.13 63.11
CA ASN C 40 2.31 -4.84 61.85
C ASN C 40 0.87 -5.23 61.54
N GLN C 41 -0.07 -4.93 62.44
CA GLN C 41 -1.47 -5.26 62.17
C GLN C 41 -1.97 -4.53 60.94
N ALA C 42 -1.44 -3.34 60.65
CA ALA C 42 -1.80 -2.64 59.43
C ALA C 42 -1.47 -3.48 58.20
N LEU C 43 -0.25 -4.02 58.14
CA LEU C 43 0.13 -4.81 56.98
C LEU C 43 -0.58 -6.14 56.96
N LEU C 44 -0.81 -6.74 58.13
CA LEU C 44 -1.57 -7.99 58.18
C LEU C 44 -2.98 -7.79 57.64
N LEU C 45 -3.65 -6.73 58.08
CA LEU C 45 -4.99 -6.44 57.60
C LEU C 45 -4.98 -6.05 56.13
N SER C 46 -3.88 -5.45 55.66
CA SER C 46 -3.75 -5.19 54.23
C SER C 46 -3.76 -6.51 53.46
N TYR C 47 -2.97 -7.48 53.92
CA TYR C 47 -3.00 -8.80 53.30
C TYR C 47 -4.39 -9.43 53.36
N ALA C 48 -5.05 -9.29 54.50
CA ALA C 48 -6.38 -9.86 54.68
C ALA C 48 -7.37 -9.27 53.68
N VAL C 49 -7.44 -7.94 53.63
CA VAL C 49 -8.36 -7.31 52.69
C VAL C 49 -7.95 -7.62 51.25
N ASN C 50 -6.66 -7.85 51.02
CA ASN C 50 -6.23 -8.24 49.68
C ASN C 50 -6.84 -9.57 49.27
N ILE C 51 -6.70 -10.59 50.13
CA ILE C 51 -7.21 -11.91 49.75
C ILE C 51 -8.73 -11.90 49.71
N VAL C 52 -9.38 -11.19 50.64
CA VAL C 52 -10.84 -11.15 50.66
C VAL C 52 -11.37 -10.42 49.43
N ALA C 53 -10.74 -9.30 49.06
CA ALA C 53 -11.14 -8.59 47.86
C ALA C 53 -10.92 -9.45 46.63
N ALA C 54 -9.85 -10.23 46.62
CA ALA C 54 -9.65 -11.16 45.52
C ALA C 54 -10.80 -12.16 45.43
N LEU C 55 -11.17 -12.76 46.56
CA LEU C 55 -12.33 -13.66 46.57
C LEU C 55 -13.57 -12.97 46.01
N ALA C 56 -13.87 -11.78 46.50
CA ALA C 56 -15.08 -11.09 46.07
C ALA C 56 -15.03 -10.81 44.57
N ILE C 57 -13.87 -10.38 44.07
CA ILE C 57 -13.75 -10.12 42.64
C ILE C 57 -14.00 -11.38 41.85
N ILE C 58 -13.42 -12.50 42.29
CA ILE C 58 -13.60 -13.75 41.54
C ILE C 58 -15.07 -14.15 41.49
N ILE C 59 -15.73 -14.16 42.66
CA ILE C 59 -17.11 -14.64 42.68
C ILE C 59 -18.03 -13.71 41.90
N VAL C 60 -17.82 -12.40 42.03
CA VAL C 60 -18.67 -11.45 41.33
C VAL C 60 -18.44 -11.56 39.82
N GLY C 61 -17.19 -11.67 39.40
CA GLY C 61 -16.92 -11.85 37.98
C GLY C 61 -17.52 -13.13 37.44
N LEU C 62 -17.49 -14.20 38.24
CA LEU C 62 -18.11 -15.45 37.81
C LEU C 62 -19.60 -15.28 37.57
N ILE C 63 -20.32 -14.75 38.57
CA ILE C 63 -21.77 -14.67 38.42
C ILE C 63 -22.13 -13.66 37.33
N ILE C 64 -21.36 -12.60 37.17
CA ILE C 64 -21.67 -11.63 36.13
C ILE C 64 -21.40 -12.22 34.76
N ALA C 65 -20.33 -13.01 34.62
CA ALA C 65 -20.08 -13.68 33.35
C ALA C 65 -21.22 -14.61 33.01
N ARG C 66 -21.69 -15.41 33.97
CA ARG C 66 -22.82 -16.30 33.70
C ARG C 66 -24.04 -15.51 33.26
N MET C 67 -24.42 -14.48 34.02
CA MET C 67 -25.62 -13.71 33.71
C MET C 67 -25.52 -13.08 32.34
N ILE C 68 -24.43 -12.37 32.06
CA ILE C 68 -24.32 -11.66 30.81
C ILE C 68 -24.20 -12.62 29.63
N SER C 69 -23.56 -13.78 29.84
CA SER C 69 -23.44 -14.75 28.76
C SER C 69 -24.81 -15.31 28.39
N ASN C 70 -25.59 -15.74 29.38
CA ASN C 70 -26.92 -16.23 29.03
C ASN C 70 -27.80 -15.13 28.47
N ALA C 71 -27.64 -13.89 28.96
CA ALA C 71 -28.45 -12.79 28.46
C ALA C 71 -28.13 -12.49 26.99
N VAL C 72 -26.85 -12.49 26.63
CA VAL C 72 -26.51 -12.20 25.24
C VAL C 72 -26.92 -13.37 24.34
N ASN C 73 -26.80 -14.61 24.83
CA ASN C 73 -27.26 -15.73 24.03
C ASN C 73 -28.76 -15.66 23.78
N ARG C 74 -29.53 -15.25 24.80
CA ARG C 74 -30.96 -15.05 24.62
C ARG C 74 -31.23 -13.95 23.61
N LEU C 75 -30.74 -12.74 23.88
CA LEU C 75 -31.02 -11.60 23.02
C LEU C 75 -30.41 -11.72 21.64
N MET C 76 -29.57 -12.73 21.39
CA MET C 76 -29.12 -13.01 20.05
C MET C 76 -29.90 -14.14 19.40
N ILE C 77 -30.47 -15.06 20.18
CA ILE C 77 -31.28 -16.12 19.59
C ILE C 77 -32.53 -15.58 18.92
N SER C 78 -32.95 -14.36 19.27
CA SER C 78 -34.12 -13.76 18.63
C SER C 78 -33.83 -13.40 17.18
N ARG C 79 -32.85 -12.53 16.97
CA ARG C 79 -32.53 -12.08 15.62
C ARG C 79 -31.90 -13.22 14.82
N LYS C 80 -31.77 -12.99 13.52
CA LYS C 80 -31.20 -13.98 12.62
C LYS C 80 -29.74 -14.24 12.97
N ILE C 81 -29.42 -15.48 13.37
CA ILE C 81 -28.07 -15.86 13.77
C ILE C 81 -27.83 -17.30 13.34
N ASP C 82 -26.61 -17.77 13.60
CA ASP C 82 -26.25 -19.17 13.49
C ASP C 82 -26.00 -19.74 14.87
N ALA C 83 -26.32 -21.02 15.05
CA ALA C 83 -26.20 -21.64 16.36
C ALA C 83 -24.75 -21.69 16.83
N THR C 84 -23.87 -22.26 16.00
CA THR C 84 -22.47 -22.36 16.38
C THR C 84 -21.83 -20.98 16.56
N VAL C 85 -22.21 -20.01 15.73
CA VAL C 85 -21.69 -18.66 15.89
C VAL C 85 -22.20 -18.04 17.18
N ALA C 86 -23.46 -18.31 17.52
CA ALA C 86 -24.02 -17.81 18.77
C ALA C 86 -23.26 -18.36 19.97
N ASP C 87 -23.05 -19.68 20.00
CA ASP C 87 -22.28 -20.28 21.09
C ASP C 87 -20.87 -19.73 21.12
N PHE C 88 -20.25 -19.58 19.94
CA PHE C 88 -18.89 -19.07 19.86
C PHE C 88 -18.79 -17.69 20.50
N LEU C 89 -19.67 -16.78 20.11
CA LEU C 89 -19.59 -15.41 20.62
C LEU C 89 -19.97 -15.34 22.09
N SER C 90 -20.96 -16.13 22.52
CA SER C 90 -21.35 -16.11 23.93
C SER C 90 -20.22 -16.62 24.81
N ALA C 91 -19.60 -17.74 24.44
CA ALA C 91 -18.46 -18.24 25.20
C ALA C 91 -17.27 -17.30 25.12
N LEU C 92 -17.11 -16.61 23.98
CA LEU C 92 -16.04 -15.62 23.87
C LEU C 92 -16.23 -14.51 24.90
N VAL C 93 -17.44 -13.96 24.99
CA VAL C 93 -17.70 -12.90 25.96
C VAL C 93 -17.52 -13.43 27.38
N ARG C 94 -18.01 -14.64 27.63
CA ARG C 94 -17.84 -15.24 28.96
C ARG C 94 -16.37 -15.32 29.34
N TYR C 95 -15.55 -15.88 28.46
CA TYR C 95 -14.13 -16.03 28.76
C TYR C 95 -13.42 -14.68 28.85
N GLY C 96 -13.87 -13.69 28.08
CA GLY C 96 -13.28 -12.37 28.20
C GLY C 96 -13.50 -11.77 29.57
N ILE C 97 -14.75 -11.82 30.06
CA ILE C 97 -15.02 -11.31 31.39
C ILE C 97 -14.26 -12.12 32.44
N ILE C 98 -14.14 -13.43 32.22
CA ILE C 98 -13.40 -14.26 33.17
C ILE C 98 -11.94 -13.86 33.22
N ALA C 99 -11.35 -13.58 32.06
CA ALA C 99 -9.95 -13.18 32.00
C ALA C 99 -9.74 -11.84 32.69
N PHE C 100 -10.65 -10.89 32.46
CA PHE C 100 -10.53 -9.61 33.14
C PHE C 100 -10.62 -9.80 34.65
N THR C 101 -11.54 -10.66 35.09
CA THR C 101 -11.66 -10.94 36.51
C THR C 101 -10.37 -11.52 37.07
N LEU C 102 -9.80 -12.48 36.36
CA LEU C 102 -8.59 -13.14 36.84
C LEU C 102 -7.42 -12.17 36.92
N ILE C 103 -7.25 -11.34 35.89
CA ILE C 103 -6.18 -10.35 35.91
C ILE C 103 -6.37 -9.37 37.05
N ALA C 104 -7.60 -8.90 37.25
CA ALA C 104 -7.86 -7.98 38.35
C ALA C 104 -7.53 -8.62 39.69
N ALA C 105 -7.90 -9.89 39.87
CA ALA C 105 -7.61 -10.55 41.14
C ALA C 105 -6.12 -10.75 41.34
N LEU C 106 -5.40 -11.12 40.28
CA LEU C 106 -3.95 -11.25 40.38
C LEU C 106 -3.31 -9.93 40.79
N GLY C 107 -3.67 -8.85 40.11
CA GLY C 107 -3.17 -7.55 40.50
C GLY C 107 -3.50 -7.21 41.93
N ARG C 108 -4.71 -7.58 42.38
CA ARG C 108 -5.13 -7.23 43.72
C ARG C 108 -4.39 -8.04 44.78
N VAL C 109 -3.93 -9.23 44.45
CA VAL C 109 -3.28 -10.06 45.47
C VAL C 109 -1.79 -9.74 45.58
N GLY C 110 -1.16 -9.27 44.51
CA GLY C 110 0.22 -8.82 44.62
C GLY C 110 1.11 -9.16 43.45
N VAL C 111 0.59 -9.87 42.47
CA VAL C 111 1.38 -10.29 41.32
C VAL C 111 1.46 -9.14 40.31
N GLN C 112 2.66 -8.88 39.82
CA GLN C 112 2.86 -7.83 38.81
C GLN C 112 2.27 -8.32 37.50
N THR C 113 1.07 -7.84 37.18
CA THR C 113 0.37 -8.24 35.97
C THR C 113 0.75 -7.43 34.76
N ALA C 114 1.91 -6.77 34.78
CA ALA C 114 2.28 -5.88 33.68
C ALA C 114 2.47 -6.66 32.38
N SER C 115 3.12 -7.82 32.45
CA SER C 115 3.40 -8.58 31.25
C SER C 115 2.14 -9.15 30.61
N VAL C 116 1.23 -9.68 31.43
CA VAL C 116 0.02 -10.29 30.88
C VAL C 116 -0.85 -9.22 30.23
N ILE C 117 -0.93 -8.03 30.83
CA ILE C 117 -1.71 -6.97 30.19
C ILE C 117 -0.97 -6.36 29.00
N ALA C 118 0.36 -6.45 28.97
CA ALA C 118 1.09 -6.02 27.79
C ALA C 118 0.76 -6.91 26.59
N VAL C 119 0.83 -8.23 26.79
CA VAL C 119 0.48 -9.12 25.70
C VAL C 119 -1.02 -9.04 25.40
N LEU C 120 -1.85 -8.76 26.40
CA LEU C 120 -3.27 -8.56 26.15
C LEU C 120 -3.51 -7.34 25.26
N GLY C 121 -2.81 -6.24 25.54
CA GLY C 121 -2.92 -5.07 24.69
C GLY C 121 -2.40 -5.32 23.29
N ALA C 122 -1.32 -6.09 23.16
CA ALA C 122 -0.86 -6.49 21.84
C ALA C 122 -1.94 -7.25 21.09
N ALA C 123 -2.58 -8.20 21.75
CA ALA C 123 -3.65 -8.96 21.11
C ALA C 123 -4.82 -8.06 20.74
N GLY C 124 -5.17 -7.12 21.61
CA GLY C 124 -6.26 -6.20 21.31
C GLY C 124 -5.96 -5.33 20.11
N LEU C 125 -4.73 -4.82 20.03
CA LEU C 125 -4.33 -4.05 18.88
C LEU C 125 -4.37 -4.89 17.61
N ALA C 126 -4.01 -6.17 17.73
CA ALA C 126 -4.13 -7.08 16.59
C ALA C 126 -5.58 -7.19 16.13
N VAL C 127 -6.49 -7.43 17.07
CA VAL C 127 -7.91 -7.55 16.72
C VAL C 127 -8.43 -6.24 16.12
N GLY C 128 -7.94 -5.10 16.61
CA GLY C 128 -8.38 -3.84 16.05
C GLY C 128 -7.90 -3.65 14.62
N LEU C 129 -6.61 -3.91 14.38
CA LEU C 129 -6.09 -3.84 13.03
C LEU C 129 -6.75 -4.86 12.12
N ALA C 130 -7.33 -5.91 12.69
CA ALA C 130 -8.11 -6.85 11.89
C ALA C 130 -9.46 -6.25 11.51
N LEU C 131 -10.21 -5.77 12.51
CA LEU C 131 -11.55 -5.24 12.26
C LEU C 131 -11.53 -3.95 11.46
N GLN C 132 -10.36 -3.32 11.35
CA GLN C 132 -10.23 -2.09 10.56
C GLN C 132 -10.82 -2.23 9.16
N GLY C 133 -10.87 -3.45 8.62
CA GLY C 133 -11.40 -3.63 7.29
C GLY C 133 -12.90 -3.40 7.20
N SER C 134 -13.62 -3.61 8.29
CA SER C 134 -15.08 -3.48 8.29
C SER C 134 -15.58 -2.27 9.08
N LEU C 135 -14.84 -1.83 10.09
CA LEU C 135 -15.20 -0.60 10.77
C LEU C 135 -15.24 0.56 9.78
N SER C 136 -14.35 0.55 8.80
CA SER C 136 -14.36 1.59 7.77
C SER C 136 -15.66 1.55 6.99
N ASN C 137 -16.14 0.37 6.62
CA ASN C 137 -17.41 0.27 5.91
C ASN C 137 -18.55 0.79 6.76
N LEU C 138 -18.52 0.49 8.05
CA LEU C 138 -19.57 1.00 8.94
C LEU C 138 -19.58 2.53 8.97
N ALA C 139 -18.41 3.13 9.14
CA ALA C 139 -18.33 4.59 9.18
C ALA C 139 -18.77 5.21 7.86
N ALA C 140 -18.34 4.63 6.74
CA ALA C 140 -18.75 5.17 5.44
C ALA C 140 -20.25 5.06 5.26
N GLY C 141 -20.86 3.99 5.76
CA GLY C 141 -22.31 3.90 5.69
C GLY C 141 -22.99 4.99 6.48
N VAL C 142 -22.48 5.26 7.69
CA VAL C 142 -23.02 6.36 8.49
C VAL C 142 -22.94 7.66 7.70
N LEU C 143 -21.80 7.92 7.06
CA LEU C 143 -21.63 9.18 6.34
C LEU C 143 -22.54 9.27 5.13
N LEU C 144 -22.68 8.18 4.38
CA LEU C 144 -23.61 8.20 3.24
C LEU C 144 -25.05 8.39 3.68
N VAL C 145 -25.39 7.90 4.88
CA VAL C 145 -26.74 8.15 5.38
C VAL C 145 -26.92 9.62 5.73
N MET C 146 -25.94 10.20 6.43
CA MET C 146 -26.14 11.56 6.93
C MET C 146 -25.97 12.62 5.84
N PHE C 147 -25.16 12.37 4.82
CA PHE C 147 -24.91 13.36 3.79
C PHE C 147 -25.78 13.16 2.55
N ARG C 148 -26.25 11.94 2.30
CA ARG C 148 -27.15 11.63 1.20
C ARG C 148 -26.63 12.08 -0.17
N PRO C 149 -25.52 11.51 -0.64
CA PRO C 149 -25.13 11.71 -2.04
C PRO C 149 -26.06 11.04 -3.02
N PHE C 150 -26.95 10.17 -2.54
CA PHE C 150 -27.96 9.53 -3.38
C PHE C 150 -29.02 8.93 -2.48
N ARG C 151 -30.23 8.78 -3.03
CA ARG C 151 -31.35 8.20 -2.35
C ARG C 151 -31.62 6.81 -2.92
N ALA C 152 -32.72 6.19 -2.47
CA ALA C 152 -33.04 4.83 -2.87
C ALA C 152 -33.20 4.69 -4.38
N GLY C 153 -34.20 5.36 -4.96
CA GLY C 153 -34.44 5.20 -6.37
C GLY C 153 -33.44 5.85 -7.29
N GLU C 154 -32.44 6.52 -6.74
CA GLU C 154 -31.50 7.29 -7.54
C GLU C 154 -30.63 6.38 -8.39
N TYR C 155 -30.49 6.71 -9.67
CA TYR C 155 -29.66 5.95 -10.59
C TYR C 155 -28.26 6.54 -10.56
N VAL C 156 -27.30 5.78 -10.05
CA VAL C 156 -25.96 6.31 -9.76
C VAL C 156 -24.88 5.53 -10.48
N ASP C 157 -23.63 5.89 -10.25
CA ASP C 157 -22.49 5.18 -10.79
C ASP C 157 -21.40 5.22 -9.71
N LEU C 158 -21.16 4.09 -9.06
CA LEU C 158 -20.23 4.02 -7.94
C LEU C 158 -19.00 3.24 -8.37
N GLY C 159 -17.98 3.96 -8.84
CA GLY C 159 -16.71 3.33 -9.14
C GLY C 159 -16.76 2.28 -10.23
N GLY C 160 -17.41 2.58 -11.35
CA GLY C 160 -17.40 1.71 -12.50
C GLY C 160 -18.57 0.77 -12.62
N VAL C 161 -19.50 0.77 -11.66
CA VAL C 161 -20.70 -0.05 -11.74
C VAL C 161 -21.90 0.87 -11.61
N ALA C 162 -22.74 0.90 -12.65
CA ALA C 162 -23.85 1.83 -12.73
C ALA C 162 -25.16 1.07 -12.72
N GLY C 163 -26.10 1.50 -11.89
CA GLY C 163 -27.40 0.88 -11.80
C GLY C 163 -28.24 1.45 -10.70
N THR C 164 -29.55 1.29 -10.81
CA THR C 164 -30.47 1.87 -9.84
C THR C 164 -30.20 1.33 -8.45
N VAL C 165 -29.98 2.23 -7.49
CA VAL C 165 -29.82 1.81 -6.12
C VAL C 165 -31.11 1.16 -5.65
N LEU C 166 -30.99 0.19 -4.75
CA LEU C 166 -32.15 -0.46 -4.14
C LEU C 166 -32.27 -0.17 -2.66
N SER C 167 -31.16 -0.13 -1.93
CA SER C 167 -31.20 0.17 -0.51
C SER C 167 -29.80 0.55 -0.05
N VAL C 168 -29.75 1.27 1.05
CA VAL C 168 -28.49 1.64 1.70
C VAL C 168 -28.57 1.14 3.13
N GLN C 169 -27.61 0.31 3.51
CA GLN C 169 -27.59 -0.30 4.83
C GLN C 169 -26.32 0.13 5.57
N ILE C 170 -26.10 -0.49 6.73
CA ILE C 170 -24.99 -0.07 7.57
C ILE C 170 -23.65 -0.52 6.98
N PHE C 171 -23.63 -1.65 6.28
CA PHE C 171 -22.38 -2.21 5.80
C PHE C 171 -22.24 -2.26 4.30
N SER C 172 -23.33 -2.14 3.55
CA SER C 172 -23.24 -2.33 2.11
C SER C 172 -24.39 -1.61 1.43
N THR C 173 -24.28 -1.49 0.11
CA THR C 173 -25.29 -0.86 -0.71
C THR C 173 -25.67 -1.82 -1.83
N THR C 174 -26.97 -2.06 -1.96
CA THR C 174 -27.48 -2.96 -2.98
C THR C 174 -28.02 -2.14 -4.15
N MET C 175 -27.60 -2.49 -5.35
CA MET C 175 -28.06 -1.76 -6.54
C MET C 175 -28.27 -2.74 -7.67
N ARG C 176 -29.43 -2.64 -8.32
CA ARG C 176 -29.76 -3.51 -9.42
C ARG C 176 -29.18 -2.95 -10.71
N THR C 177 -28.23 -3.67 -11.29
CA THR C 177 -27.65 -3.29 -12.56
C THR C 177 -28.73 -3.23 -13.64
N ALA C 178 -28.44 -2.55 -14.73
CA ALA C 178 -29.40 -2.43 -15.82
C ALA C 178 -29.71 -3.77 -16.48
N ASP C 179 -28.94 -4.81 -16.19
CA ASP C 179 -29.19 -6.13 -16.76
C ASP C 179 -29.89 -7.06 -15.78
N GLY C 180 -30.34 -6.55 -14.65
CA GLY C 180 -31.03 -7.35 -13.68
C GLY C 180 -30.16 -7.91 -12.56
N LYS C 181 -28.85 -7.92 -12.74
CA LYS C 181 -27.97 -8.41 -11.69
C LYS C 181 -28.06 -7.52 -10.47
N ILE C 182 -27.84 -8.11 -9.30
CA ILE C 182 -27.91 -7.40 -8.04
C ILE C 182 -26.52 -7.42 -7.42
N ILE C 183 -25.90 -6.25 -7.34
CA ILE C 183 -24.55 -6.12 -6.82
C ILE C 183 -24.62 -5.59 -5.40
N VAL C 184 -23.98 -6.30 -4.48
CA VAL C 184 -23.77 -5.81 -3.14
C VAL C 184 -22.38 -5.20 -3.08
N ILE C 185 -22.29 -3.93 -2.72
CA ILE C 185 -21.02 -3.22 -2.73
C ILE C 185 -20.80 -2.59 -1.36
N PRO C 186 -19.61 -2.73 -0.79
CA PRO C 186 -19.39 -2.20 0.55
C PRO C 186 -19.29 -0.68 0.55
N ASN C 187 -19.68 -0.08 1.67
CA ASN C 187 -19.74 1.37 1.76
C ASN C 187 -18.35 1.98 1.73
N GLY C 188 -17.42 1.46 2.53
CA GLY C 188 -16.08 2.01 2.58
C GLY C 188 -15.40 2.05 1.23
N LYS C 189 -15.90 1.31 0.25
CA LYS C 189 -15.31 1.29 -1.08
C LYS C 189 -15.85 2.38 -1.97
N ILE C 190 -17.09 2.80 -1.77
CA ILE C 190 -17.67 3.83 -2.64
C ILE C 190 -17.41 5.23 -2.11
N ILE C 191 -17.29 5.41 -0.80
CA ILE C 191 -17.00 6.71 -0.25
C ILE C 191 -15.60 7.19 -0.58
N ALA C 192 -14.76 6.33 -1.15
CA ALA C 192 -13.41 6.68 -1.54
C ALA C 192 -13.28 6.79 -3.06
N GLY C 193 -14.37 7.12 -3.76
CA GLY C 193 -14.34 7.27 -5.20
C GLY C 193 -15.30 8.34 -5.65
N ASN C 194 -15.35 8.54 -6.97
CA ASN C 194 -16.22 9.54 -7.55
C ASN C 194 -17.64 9.00 -7.61
N ILE C 195 -18.53 9.60 -6.82
CA ILE C 195 -19.93 9.18 -6.79
C ILE C 195 -20.64 9.96 -7.88
N ILE C 196 -20.55 9.46 -9.11
CA ILE C 196 -21.29 10.07 -10.21
C ILE C 196 -22.78 9.91 -9.95
N ASN C 197 -23.58 10.78 -10.56
CA ASN C 197 -25.02 10.70 -10.40
C ASN C 197 -25.67 11.04 -11.73
N PHE C 198 -26.93 10.62 -11.89
CA PHE C 198 -27.64 10.81 -13.14
C PHE C 198 -29.03 11.37 -13.01
N SER C 199 -29.69 11.23 -11.86
CA SER C 199 -30.99 11.83 -11.65
C SER C 199 -30.91 13.13 -10.86
N ARG C 200 -29.71 13.53 -10.44
CA ARG C 200 -29.55 14.81 -9.75
C ARG C 200 -29.79 15.96 -10.71
N GLU C 201 -29.12 15.96 -11.84
CA GLU C 201 -29.30 16.98 -12.85
C GLU C 201 -30.44 16.60 -13.78
N PRO C 202 -31.43 17.47 -13.97
CA PRO C 202 -32.58 17.08 -14.79
C PRO C 202 -32.28 17.04 -16.28
N VAL C 203 -31.37 17.88 -16.78
CA VAL C 203 -31.12 18.00 -18.20
C VAL C 203 -29.66 17.62 -18.47
N ARG C 204 -29.44 16.78 -19.49
CA ARG C 204 -28.11 16.31 -19.82
C ARG C 204 -27.91 16.42 -21.33
N ARG C 205 -26.72 16.03 -21.79
CA ARG C 205 -26.30 16.29 -23.16
C ARG C 205 -25.86 15.01 -23.85
N ASN C 206 -26.29 14.85 -25.09
CA ASN C 206 -25.81 13.77 -25.93
C ASN C 206 -24.62 14.25 -26.75
N GLU C 207 -23.98 13.32 -27.46
CA GLU C 207 -22.83 13.67 -28.28
C GLU C 207 -22.71 12.63 -29.38
N PHE C 208 -23.13 12.99 -30.58
CA PHE C 208 -22.94 12.15 -31.75
C PHE C 208 -21.58 12.46 -32.38
N ILE C 209 -21.10 11.52 -33.17
CA ILE C 209 -19.86 11.69 -33.92
C ILE C 209 -20.07 11.00 -35.26
N ILE C 210 -20.04 11.76 -36.34
CA ILE C 210 -20.46 11.29 -37.65
C ILE C 210 -19.32 11.50 -38.63
N GLY C 211 -18.50 10.47 -38.83
CA GLY C 211 -17.42 10.54 -39.79
C GLY C 211 -17.98 10.39 -41.19
N VAL C 212 -17.61 11.32 -42.07
CA VAL C 212 -18.07 11.30 -43.45
C VAL C 212 -16.85 11.32 -44.36
N ALA C 213 -17.09 11.06 -45.64
CA ALA C 213 -16.01 11.03 -46.60
C ALA C 213 -15.36 12.39 -46.73
N TYR C 214 -14.19 12.42 -47.39
CA TYR C 214 -13.42 13.64 -47.46
C TYR C 214 -13.86 14.57 -48.58
N ASP C 215 -14.70 14.12 -49.48
CA ASP C 215 -15.15 14.97 -50.57
C ASP C 215 -16.51 15.60 -50.33
N SER C 216 -17.16 15.27 -49.22
CA SER C 216 -18.50 15.79 -48.95
C SER C 216 -18.44 17.28 -48.63
N ASP C 217 -19.40 18.02 -49.15
CA ASP C 217 -19.48 19.45 -48.87
C ASP C 217 -19.82 19.67 -47.40
N ILE C 218 -19.12 20.62 -46.78
CA ILE C 218 -19.32 20.87 -45.35
C ILE C 218 -20.61 21.65 -45.11
N ASP C 219 -20.92 22.59 -46.00
CA ASP C 219 -22.14 23.37 -45.84
C ASP C 219 -23.38 22.50 -45.87
N GLN C 220 -23.43 21.56 -46.82
CA GLN C 220 -24.57 20.66 -46.91
C GLN C 220 -24.70 19.82 -45.65
N VAL C 221 -23.59 19.31 -45.14
CA VAL C 221 -23.63 18.47 -43.95
C VAL C 221 -24.15 19.26 -42.76
N LYS C 222 -23.62 20.46 -42.56
CA LYS C 222 -24.05 21.25 -41.41
C LYS C 222 -25.51 21.67 -41.55
N GLN C 223 -25.94 21.97 -42.78
CA GLN C 223 -27.34 22.29 -43.02
C GLN C 223 -28.23 21.13 -42.63
N ILE C 224 -27.88 19.92 -43.08
CA ILE C 224 -28.71 18.75 -42.79
C ILE C 224 -28.78 18.50 -41.29
N LEU C 225 -27.63 18.54 -40.62
CA LEU C 225 -27.62 18.25 -39.19
C LEU C 225 -28.40 19.30 -38.42
N THR C 226 -28.32 20.57 -38.85
CA THR C 226 -29.09 21.61 -38.17
C THR C 226 -30.58 21.42 -38.38
N ASN C 227 -31.00 21.09 -39.60
CA ASN C 227 -32.41 20.81 -39.84
C ASN C 227 -32.89 19.67 -38.95
N ILE C 228 -32.08 18.62 -38.82
CA ILE C 228 -32.48 17.47 -38.02
C ILE C 228 -32.63 17.88 -36.56
N ILE C 229 -31.62 18.55 -36.00
CA ILE C 229 -31.71 18.91 -34.58
C ILE C 229 -32.63 20.08 -34.31
N GLN C 230 -33.17 20.72 -35.36
CA GLN C 230 -34.24 21.69 -35.16
C GLN C 230 -35.60 21.05 -35.21
N SER C 231 -35.78 20.04 -36.06
CA SER C 231 -37.08 19.40 -36.18
C SER C 231 -37.48 18.68 -34.89
N GLU C 232 -36.52 18.22 -34.10
CA GLU C 232 -36.83 17.50 -32.88
C GLU C 232 -37.48 18.44 -31.87
N ASP C 233 -38.20 17.84 -30.92
CA ASP C 233 -38.94 18.58 -29.91
C ASP C 233 -38.40 18.40 -28.50
N ARG C 234 -37.96 17.21 -28.15
CA ARG C 234 -37.37 17.00 -26.83
C ARG C 234 -35.99 17.64 -26.70
N ILE C 235 -35.45 18.18 -27.79
CA ILE C 235 -34.16 18.86 -27.76
C ILE C 235 -34.36 20.28 -27.24
N LEU C 236 -33.77 20.59 -26.10
CA LEU C 236 -33.88 21.93 -25.54
C LEU C 236 -33.27 22.95 -26.49
N LYS C 237 -34.04 23.99 -26.81
CA LYS C 237 -33.58 24.99 -27.76
C LYS C 237 -32.90 26.17 -27.09
N ASP C 238 -33.18 26.42 -25.82
CA ASP C 238 -32.59 27.56 -25.13
C ASP C 238 -31.14 27.32 -24.71
N ARG C 239 -30.52 26.26 -25.21
CA ARG C 239 -29.12 25.99 -24.89
C ARG C 239 -28.31 25.83 -26.15
N GLU C 240 -27.06 25.39 -26.02
CA GLU C 240 -26.17 25.31 -27.17
C GLU C 240 -26.50 24.09 -28.02
N MET C 241 -26.37 24.26 -29.34
CA MET C 241 -26.61 23.18 -30.30
C MET C 241 -25.47 23.25 -31.31
N THR C 242 -24.51 22.36 -31.18
CA THR C 242 -23.24 22.44 -31.89
C THR C 242 -23.21 21.48 -33.05
N VAL C 243 -22.89 21.99 -34.24
CA VAL C 243 -22.58 21.16 -35.41
C VAL C 243 -21.32 21.75 -36.03
N ARG C 244 -20.16 21.22 -35.66
CA ARG C 244 -18.89 21.74 -36.11
C ARG C 244 -18.01 20.61 -36.61
N LEU C 245 -17.20 20.92 -37.62
CA LEU C 245 -16.13 20.01 -38.03
C LEU C 245 -15.13 19.90 -36.89
N ASN C 246 -14.94 18.69 -36.37
CA ASN C 246 -14.17 18.51 -35.16
C ASN C 246 -12.78 17.93 -35.38
N GLU C 247 -12.57 17.16 -36.44
CA GLU C 247 -11.28 16.49 -36.60
C GLU C 247 -11.08 15.91 -37.99
N LEU C 248 -9.92 16.17 -38.58
CA LEU C 248 -9.53 15.54 -39.83
C LEU C 248 -8.88 14.20 -39.50
N GLY C 249 -9.49 13.10 -39.96
CA GLY C 249 -9.11 11.79 -39.56
C GLY C 249 -8.38 11.01 -40.64
N ALA C 250 -8.23 9.71 -40.38
CA ALA C 250 -7.46 8.85 -41.27
C ALA C 250 -8.20 8.59 -42.56
N SER C 251 -9.50 8.28 -42.48
CA SER C 251 -10.30 8.05 -43.67
C SER C 251 -11.56 8.90 -43.71
N SER C 252 -11.75 9.80 -42.74
CA SER C 252 -13.00 10.52 -42.64
C SER C 252 -12.82 11.74 -41.75
N ILE C 253 -13.58 12.78 -42.04
CA ILE C 253 -13.65 13.96 -41.18
C ILE C 253 -14.82 13.77 -40.22
N ASN C 254 -14.58 14.03 -38.95
CA ASN C 254 -15.57 13.77 -37.92
C ASN C 254 -16.28 15.06 -37.53
N PHE C 255 -17.60 15.01 -37.51
CA PHE C 255 -18.41 16.12 -37.03
C PHE C 255 -18.92 15.79 -35.64
N VAL C 256 -18.76 16.70 -34.75
CA VAL C 256 -19.34 16.55 -33.42
C VAL C 256 -20.72 17.20 -33.43
N VAL C 257 -21.64 16.62 -32.67
CA VAL C 257 -22.99 17.15 -32.54
C VAL C 257 -23.38 17.06 -31.08
N ARG C 258 -23.68 18.19 -30.47
CA ARG C 258 -24.02 18.25 -29.06
C ARG C 258 -25.37 18.92 -28.88
N VAL C 259 -26.28 18.23 -28.19
CA VAL C 259 -27.63 18.72 -27.94
C VAL C 259 -28.02 18.33 -26.54
N TRP C 260 -28.92 19.10 -25.95
CA TRP C 260 -29.35 18.88 -24.58
C TRP C 260 -30.79 18.38 -24.54
N SER C 261 -31.09 17.56 -23.53
CA SER C 261 -32.41 16.99 -23.36
C SER C 261 -32.58 16.63 -21.90
N ASN C 262 -33.82 16.36 -21.51
CA ASN C 262 -34.08 15.97 -20.14
C ASN C 262 -33.51 14.58 -19.87
N SER C 263 -33.27 14.30 -18.59
CA SER C 263 -32.67 13.01 -18.23
C SER C 263 -33.54 11.85 -18.69
N GLY C 264 -34.84 12.06 -18.84
CA GLY C 264 -35.71 10.98 -19.26
C GLY C 264 -35.58 10.69 -20.75
N ASP C 265 -35.67 11.73 -21.58
CA ASP C 265 -35.72 11.53 -23.03
C ASP C 265 -34.39 11.08 -23.61
N LEU C 266 -33.29 11.23 -22.87
CA LEU C 266 -31.93 11.11 -23.41
C LEU C 266 -31.75 9.97 -24.41
N GLN C 267 -32.02 8.74 -23.97
CA GLN C 267 -31.70 7.59 -24.80
C GLN C 267 -32.60 7.53 -26.04
N ASN C 268 -33.88 7.84 -25.88
CA ASN C 268 -34.78 7.79 -27.03
C ASN C 268 -34.44 8.90 -28.02
N VAL C 269 -34.05 10.06 -27.52
CA VAL C 269 -33.56 11.13 -28.39
C VAL C 269 -32.35 10.65 -29.17
N TYR C 270 -31.42 9.99 -28.49
CA TYR C 270 -30.26 9.44 -29.17
C TYR C 270 -30.67 8.54 -30.30
N TRP C 271 -31.51 7.54 -30.00
CA TRP C 271 -31.88 6.56 -31.02
C TRP C 271 -32.62 7.20 -32.18
N ASP C 272 -33.54 8.13 -31.89
CA ASP C 272 -34.33 8.75 -32.94
C ASP C 272 -33.47 9.64 -33.83
N VAL C 273 -32.64 10.48 -33.24
CA VAL C 273 -31.74 11.32 -34.03
C VAL C 273 -30.81 10.46 -34.85
N LEU C 274 -30.35 9.33 -34.29
CA LEU C 274 -29.42 8.48 -35.01
C LEU C 274 -30.07 7.87 -36.23
N GLU C 275 -31.29 7.34 -36.08
CA GLU C 275 -31.96 6.78 -37.26
C GLU C 275 -32.31 7.87 -38.26
N ARG C 276 -32.67 9.06 -37.79
CA ARG C 276 -32.96 10.15 -38.72
C ARG C 276 -31.72 10.55 -39.50
N ILE C 277 -30.56 10.56 -38.84
CA ILE C 277 -29.30 10.79 -39.54
C ILE C 277 -29.08 9.73 -40.60
N LYS C 278 -29.21 8.47 -40.22
CA LYS C 278 -29.00 7.38 -41.17
C LYS C 278 -29.91 7.50 -42.36
N ARG C 279 -31.15 7.99 -42.17
CA ARG C 279 -32.04 8.11 -43.31
C ARG C 279 -31.73 9.35 -44.14
N GLU C 280 -31.51 10.50 -43.50
CA GLU C 280 -31.34 11.75 -44.21
C GLU C 280 -30.05 11.75 -45.04
N PHE C 281 -28.96 11.22 -44.47
CA PHE C 281 -27.72 11.19 -45.22
C PHE C 281 -27.85 10.34 -46.46
N ASP C 282 -28.38 9.12 -46.31
CA ASP C 282 -28.59 8.28 -47.49
C ASP C 282 -29.59 8.88 -48.45
N ALA C 283 -30.48 9.75 -47.99
CA ALA C 283 -31.36 10.44 -48.92
C ALA C 283 -30.61 11.52 -49.69
N ALA C 284 -29.71 12.23 -49.02
CA ALA C 284 -28.99 13.33 -49.65
C ALA C 284 -27.91 12.83 -50.60
N GLY C 285 -27.01 11.99 -50.11
CA GLY C 285 -25.93 11.49 -50.94
C GLY C 285 -24.63 11.38 -50.17
N ILE C 286 -24.62 11.98 -48.97
CA ILE C 286 -23.45 11.85 -48.11
C ILE C 286 -23.20 10.39 -47.79
N SER C 287 -21.94 10.00 -47.77
CA SER C 287 -21.56 8.60 -47.69
C SER C 287 -20.68 8.37 -46.47
N PHE C 288 -21.09 7.46 -45.61
CA PHE C 288 -20.21 6.98 -44.56
C PHE C 288 -19.12 6.13 -45.20
N PRO C 289 -17.86 6.37 -44.89
CA PRO C 289 -16.78 5.70 -45.62
C PRO C 289 -16.30 4.42 -44.96
N TYR C 290 -16.02 3.41 -45.78
CA TYR C 290 -15.32 2.25 -45.27
C TYR C 290 -13.86 2.60 -45.01
N PRO C 291 -13.19 1.88 -44.11
CA PRO C 291 -11.76 2.15 -43.87
C PRO C 291 -10.96 2.13 -45.15
N GLN C 292 -10.34 3.25 -45.49
CA GLN C 292 -9.65 3.40 -46.76
C GLN C 292 -8.18 3.06 -46.62
N MET C 293 -7.56 2.76 -47.75
CA MET C 293 -6.15 2.41 -47.80
C MET C 293 -5.69 2.57 -49.24
N ASP C 294 -4.53 3.20 -49.41
CA ASP C 294 -3.96 3.43 -50.73
C ASP C 294 -2.78 2.49 -50.92
N VAL C 295 -2.77 1.76 -52.03
CA VAL C 295 -1.75 0.76 -52.29
C VAL C 295 -0.98 1.15 -53.54
N ASN C 296 0.32 0.89 -53.50
CA ASN C 296 1.24 1.18 -54.60
C ASN C 296 1.68 -0.15 -55.19
N PHE C 297 1.14 -0.49 -56.35
CA PHE C 297 1.36 -1.80 -56.96
C PHE C 297 2.68 -1.80 -57.72
N LYS C 298 3.40 -2.91 -57.62
CA LYS C 298 4.66 -3.08 -58.34
C LYS C 298 4.99 -4.56 -58.43
N ARG C 299 5.00 -5.10 -59.64
CA ARG C 299 5.33 -6.50 -59.83
C ARG C 299 6.82 -6.73 -59.64
N VAL C 300 7.18 -7.96 -59.29
CA VAL C 300 8.58 -8.32 -59.10
C VAL C 300 9.01 -9.30 -60.17
N MET D 21 18.44 -7.33 71.70
CA MET D 21 18.59 -7.03 70.29
C MET D 21 19.76 -7.82 69.69
N GLU D 22 19.52 -9.12 69.46
CA GLU D 22 20.60 -10.00 68.99
C GLU D 22 21.14 -9.55 67.65
N ASP D 23 20.26 -9.38 66.65
CA ASP D 23 20.69 -8.95 65.33
C ASP D 23 21.43 -7.61 65.39
N LEU D 24 21.12 -6.79 66.41
CA LEU D 24 21.85 -5.55 66.61
C LEU D 24 23.30 -5.79 67.01
N ASN D 25 23.55 -6.82 67.82
CA ASN D 25 24.91 -7.12 68.27
C ASN D 25 25.66 -8.04 67.33
N VAL D 26 24.97 -8.72 66.40
CA VAL D 26 25.65 -9.69 65.54
C VAL D 26 26.58 -8.98 64.55
N VAL D 27 26.01 -8.10 63.71
CA VAL D 27 26.78 -7.54 62.60
C VAL D 27 26.79 -6.01 62.61
N ASP D 28 25.61 -5.39 62.68
CA ASP D 28 25.51 -3.95 62.49
C ASP D 28 26.02 -3.19 63.70
N SER D 29 26.63 -2.03 63.43
CA SER D 29 27.18 -1.19 64.49
C SER D 29 26.07 -0.52 65.28
N ILE D 30 26.29 -0.34 66.58
CA ILE D 30 25.27 0.19 67.53
C ILE D 30 24.96 1.67 67.24
N ASN D 31 26.00 2.52 67.29
CA ASN D 31 25.89 3.97 67.08
C ASN D 31 24.89 4.65 68.00
N GLY D 32 24.42 3.97 69.05
CA GLY D 32 23.60 4.62 70.06
C GLY D 32 22.12 4.53 69.77
N ALA D 33 21.39 3.74 70.57
CA ALA D 33 19.95 3.54 70.40
C ALA D 33 19.58 3.16 68.98
N GLY D 34 20.50 2.46 68.31
CA GLY D 34 20.27 2.05 66.93
C GLY D 34 19.55 0.72 66.84
N SER D 35 18.41 0.60 67.51
CA SER D 35 17.66 -0.64 67.57
C SER D 35 17.01 -0.87 66.21
N TRP D 36 17.79 -1.47 65.31
CA TRP D 36 17.38 -1.54 63.91
C TRP D 36 16.37 -2.65 63.64
N LEU D 37 16.28 -3.68 64.48
CA LEU D 37 15.25 -4.68 64.28
C LEU D 37 13.88 -4.15 64.67
N VAL D 38 13.79 -3.48 65.82
CA VAL D 38 12.50 -2.96 66.28
C VAL D 38 11.90 -2.01 65.24
N ALA D 39 12.75 -1.27 64.54
CA ALA D 39 12.29 -0.33 63.52
C ALA D 39 12.53 -0.84 62.09
N ASN D 40 12.90 -2.10 61.92
CA ASN D 40 13.19 -2.64 60.60
C ASN D 40 12.54 -3.99 60.34
N GLN D 41 11.83 -4.56 61.32
CA GLN D 41 11.18 -5.84 61.10
C GLN D 41 10.14 -5.75 60.00
N ALA D 42 9.53 -4.57 59.82
CA ALA D 42 8.60 -4.38 58.71
C ALA D 42 9.30 -4.64 57.38
N LEU D 43 10.46 -4.02 57.18
CA LEU D 43 11.17 -4.19 55.92
C LEU D 43 11.74 -5.60 55.78
N LEU D 44 12.20 -6.18 56.88
CA LEU D 44 12.70 -7.55 56.85
C LEU D 44 11.59 -8.51 56.42
N LEU D 45 10.42 -8.36 57.02
CA LEU D 45 9.30 -9.21 56.67
C LEU D 45 8.81 -8.93 55.25
N SER D 46 8.97 -7.69 54.79
CA SER D 46 8.67 -7.40 53.39
C SER D 46 9.58 -8.21 52.47
N TYR D 47 10.88 -8.22 52.76
CA TYR D 47 11.79 -9.06 52.00
C TYR D 47 11.41 -10.54 52.09
N ALA D 48 11.04 -10.99 53.28
CA ALA D 48 10.68 -12.39 53.47
C ALA D 48 9.47 -12.76 52.62
N VAL D 49 8.40 -11.97 52.71
CA VAL D 49 7.22 -12.27 51.91
C VAL D 49 7.52 -12.11 50.43
N ASN D 50 8.48 -11.25 50.09
CA ASN D 50 8.86 -11.13 48.68
C ASN D 50 9.46 -12.43 48.17
N ILE D 51 10.44 -12.98 48.89
CA ILE D 51 11.08 -14.20 48.40
C ILE D 51 10.13 -15.38 48.47
N VAL D 52 9.29 -15.45 49.51
CA VAL D 52 8.35 -16.57 49.62
C VAL D 52 7.30 -16.49 48.52
N ALA D 53 6.79 -15.29 48.25
CA ALA D 53 5.83 -15.13 47.16
C ALA D 53 6.47 -15.46 45.83
N ALA D 54 7.75 -15.13 45.66
CA ALA D 54 8.45 -15.53 44.45
C ALA D 54 8.47 -17.04 44.32
N LEU D 55 8.85 -17.75 45.40
CA LEU D 55 8.81 -19.21 45.38
C LEU D 55 7.45 -19.74 44.97
N ALA D 56 6.40 -19.23 45.62
CA ALA D 56 5.06 -19.71 45.35
C ALA D 56 4.68 -19.47 43.90
N ILE D 57 5.01 -18.29 43.37
CA ILE D 57 4.69 -18.00 41.98
C ILE D 57 5.41 -18.97 41.06
N ILE D 58 6.69 -19.24 41.33
CA ILE D 58 7.45 -20.14 40.46
C ILE D 58 6.82 -21.54 40.46
N ILE D 59 6.57 -22.08 41.65
CA ILE D 59 6.09 -23.46 41.71
C ILE D 59 4.68 -23.57 41.10
N VAL D 60 3.83 -22.58 41.37
CA VAL D 60 2.48 -22.64 40.83
C VAL D 60 2.49 -22.49 39.32
N GLY D 61 3.33 -21.58 38.81
CA GLY D 61 3.44 -21.45 37.37
C GLY D 61 3.98 -22.70 36.72
N LEU D 62 4.92 -23.37 37.38
CA LEU D 62 5.44 -24.63 36.86
C LEU D 62 4.34 -25.68 36.73
N ILE D 63 3.62 -25.93 37.83
CA ILE D 63 2.63 -27.00 37.78
C ILE D 63 1.49 -26.63 36.84
N ILE D 64 1.14 -25.35 36.75
CA ILE D 64 0.06 -24.95 35.86
C ILE D 64 0.51 -25.08 34.41
N ALA D 65 1.76 -24.75 34.12
CA ALA D 65 2.27 -24.94 32.77
C ALA D 65 2.23 -26.42 32.38
N ARG D 66 2.67 -27.30 33.28
CA ARG D 66 2.62 -28.72 32.99
C ARG D 66 1.18 -29.17 32.71
N MET D 67 0.26 -28.84 33.62
CA MET D 67 -1.11 -29.28 33.47
C MET D 67 -1.73 -28.78 32.18
N ILE D 68 -1.62 -27.47 31.91
CA ILE D 68 -2.27 -26.90 30.74
C ILE D 68 -1.60 -27.40 29.47
N SER D 69 -0.29 -27.64 29.50
CA SER D 69 0.39 -28.13 28.31
C SER D 69 -0.08 -29.54 27.96
N ASN D 70 -0.11 -30.44 28.94
CA ASN D 70 -0.60 -31.77 28.63
C ASN D 70 -2.08 -31.75 28.25
N ALA D 71 -2.86 -30.86 28.87
CA ALA D 71 -4.29 -30.78 28.55
C ALA D 71 -4.51 -30.32 27.11
N VAL D 72 -3.75 -29.31 26.67
CA VAL D 72 -3.94 -28.83 25.30
C VAL D 72 -3.42 -29.86 24.31
N ASN D 73 -2.33 -30.56 24.64
CA ASN D 73 -1.84 -31.61 23.75
C ASN D 73 -2.88 -32.72 23.61
N ARG D 74 -3.54 -33.08 24.71
CA ARG D 74 -4.61 -34.06 24.65
C ARG D 74 -5.77 -33.56 23.79
N LEU D 75 -6.36 -32.42 24.16
CA LEU D 75 -7.52 -31.90 23.46
C LEU D 75 -7.22 -31.47 22.04
N MET D 76 -5.96 -31.45 21.63
CA MET D 76 -5.62 -31.25 20.23
C MET D 76 -5.33 -32.55 19.50
N ILE D 77 -4.88 -33.60 20.21
CA ILE D 77 -4.64 -34.87 19.56
C ILE D 77 -5.94 -35.48 19.04
N SER D 78 -7.09 -35.05 19.55
CA SER D 78 -8.36 -35.58 19.06
C SER D 78 -8.65 -35.09 17.65
N ARG D 79 -8.73 -33.78 17.47
CA ARG D 79 -9.05 -33.22 16.18
C ARG D 79 -7.88 -33.42 15.21
N LYS D 80 -8.15 -33.15 13.93
CA LYS D 80 -7.13 -33.31 12.89
C LYS D 80 -5.99 -32.34 13.11
N ILE D 81 -4.79 -32.88 13.35
CA ILE D 81 -3.59 -32.08 13.62
C ILE D 81 -2.39 -32.79 13.01
N ASP D 82 -1.23 -32.15 13.13
CA ASP D 82 0.06 -32.75 12.83
C ASP D 82 0.84 -32.93 14.13
N ALA D 83 1.64 -33.99 14.18
CA ALA D 83 2.36 -34.32 15.40
C ALA D 83 3.37 -33.24 15.76
N THR D 84 4.25 -32.89 14.82
CA THR D 84 5.25 -31.87 15.10
C THR D 84 4.61 -30.52 15.39
N VAL D 85 3.52 -30.18 14.71
CA VAL D 85 2.83 -28.93 14.99
C VAL D 85 2.20 -28.97 16.37
N ALA D 86 1.66 -30.13 16.76
CA ALA D 86 1.09 -30.27 18.09
C ALA D 86 2.14 -30.05 19.16
N ASP D 87 3.29 -30.73 19.03
CA ASP D 87 4.38 -30.54 19.99
C ASP D 87 4.85 -29.09 19.99
N PHE D 88 4.97 -28.49 18.81
CA PHE D 88 5.41 -27.11 18.70
C PHE D 88 4.49 -26.17 19.47
N LEU D 89 3.19 -26.28 19.26
CA LEU D 89 2.25 -25.36 19.91
C LEU D 89 2.15 -25.65 21.40
N SER D 90 2.20 -26.92 21.80
CA SER D 90 2.12 -27.25 23.23
C SER D 90 3.33 -26.70 23.97
N ALA D 91 4.53 -26.93 23.44
CA ALA D 91 5.74 -26.37 24.06
C ALA D 91 5.73 -24.85 24.01
N LEU D 92 5.16 -24.27 22.96
CA LEU D 92 5.05 -22.81 22.88
C LEU D 92 4.23 -22.28 24.04
N VAL D 93 3.05 -22.88 24.28
CA VAL D 93 2.20 -22.43 25.38
C VAL D 93 2.90 -22.66 26.71
N ARG D 94 3.57 -23.81 26.85
CA ARG D 94 4.30 -24.09 28.09
C ARG D 94 5.33 -23.01 28.37
N TYR D 95 6.16 -22.69 27.37
CA TYR D 95 7.21 -21.70 27.56
C TYR D 95 6.62 -20.31 27.76
N GLY D 96 5.48 -20.01 27.14
CA GLY D 96 4.85 -18.72 27.38
C GLY D 96 4.43 -18.55 28.82
N ILE D 97 3.75 -19.56 29.37
CA ILE D 97 3.36 -19.48 30.77
C ILE D 97 4.59 -19.43 31.66
N ILE D 98 5.65 -20.15 31.29
CA ILE D 98 6.87 -20.12 32.09
C ILE D 98 7.49 -18.73 32.08
N ALA D 99 7.49 -18.07 30.93
CA ALA D 99 8.05 -16.73 30.84
C ALA D 99 7.24 -15.74 31.66
N PHE D 100 5.91 -15.85 31.59
CA PHE D 100 5.10 -14.96 32.41
C PHE D 100 5.37 -15.19 33.89
N THR D 101 5.52 -16.45 34.29
CA THR D 101 5.85 -16.76 35.67
C THR D 101 7.17 -16.13 36.08
N LEU D 102 8.19 -16.27 35.23
CA LEU D 102 9.51 -15.75 35.56
C LEU D 102 9.50 -14.24 35.67
N ILE D 103 8.83 -13.56 34.74
CA ILE D 103 8.74 -12.11 34.79
C ILE D 103 8.02 -11.66 36.05
N ALA D 104 6.91 -12.33 36.38
CA ALA D 104 6.19 -11.97 37.59
C ALA D 104 7.05 -12.15 38.83
N ALA D 105 7.83 -13.24 38.88
CA ALA D 105 8.68 -13.47 40.04
C ALA D 105 9.79 -12.43 40.12
N LEU D 106 10.39 -12.08 38.98
CA LEU D 106 11.41 -11.04 38.98
C LEU D 106 10.85 -9.73 39.50
N GLY D 107 9.70 -9.31 38.96
CA GLY D 107 9.07 -8.11 39.48
C GLY D 107 8.78 -8.19 40.96
N ARG D 108 8.37 -9.36 41.42
CA ARG D 108 8.01 -9.50 42.83
C ARG D 108 9.23 -9.46 43.74
N VAL D 109 10.40 -9.85 43.24
CA VAL D 109 11.56 -9.89 44.11
C VAL D 109 12.27 -8.53 44.17
N GLY D 110 12.16 -7.72 43.13
CA GLY D 110 12.70 -6.38 43.19
C GLY D 110 13.37 -5.86 41.94
N VAL D 111 13.46 -6.70 40.91
CA VAL D 111 14.13 -6.31 39.68
C VAL D 111 13.17 -5.51 38.82
N GLN D 112 13.65 -4.40 38.27
CA GLN D 112 12.85 -3.56 37.39
C GLN D 112 12.67 -4.30 36.06
N THR D 113 11.52 -4.92 35.87
CA THR D 113 11.23 -5.69 34.68
C THR D 113 10.69 -4.85 33.54
N ALA D 114 10.92 -3.54 33.56
CA ALA D 114 10.32 -2.67 32.55
C ALA D 114 10.86 -2.98 31.17
N SER D 115 12.17 -3.21 31.06
CA SER D 115 12.78 -3.43 29.76
C SER D 115 12.34 -4.77 29.14
N VAL D 116 12.29 -5.83 29.96
CA VAL D 116 11.92 -7.13 29.43
C VAL D 116 10.47 -7.13 28.95
N ILE D 117 9.59 -6.45 29.68
CA ILE D 117 8.21 -6.37 29.22
C ILE D 117 8.04 -5.40 28.07
N ALA D 118 8.93 -4.42 27.94
CA ALA D 118 8.90 -3.55 26.77
C ALA D 118 9.24 -4.34 25.50
N VAL D 119 10.31 -5.12 25.56
CA VAL D 119 10.64 -5.94 24.39
C VAL D 119 9.59 -7.03 24.19
N LEU D 120 8.99 -7.52 25.27
CA LEU D 120 7.92 -8.50 25.14
C LEU D 120 6.72 -7.90 24.41
N GLY D 121 6.34 -6.68 24.77
CA GLY D 121 5.26 -6.00 24.06
C GLY D 121 5.61 -5.72 22.62
N ALA D 122 6.86 -5.37 22.33
CA ALA D 122 7.28 -5.22 20.94
C ALA D 122 7.08 -6.53 20.18
N ALA D 123 7.51 -7.64 20.78
CA ALA D 123 7.34 -8.94 20.12
C ALA D 123 5.87 -9.27 19.94
N GLY D 124 5.04 -8.97 20.93
CA GLY D 124 3.61 -9.23 20.81
C GLY D 124 2.97 -8.42 19.70
N LEU D 125 3.35 -7.15 19.60
CA LEU D 125 2.84 -6.32 18.51
C LEU D 125 3.31 -6.85 17.17
N ALA D 126 4.53 -7.38 17.11
CA ALA D 126 5.00 -8.01 15.89
C ALA D 126 4.12 -9.20 15.51
N VAL D 127 3.85 -10.08 16.47
CA VAL D 127 3.02 -11.24 16.20
C VAL D 127 1.62 -10.82 15.79
N GLY D 128 1.10 -9.73 16.38
CA GLY D 128 -0.21 -9.27 16.00
C GLY D 128 -0.25 -8.74 14.58
N LEU D 129 0.73 -7.91 14.22
CA LEU D 129 0.82 -7.42 12.85
C LEU D 129 1.08 -8.55 11.88
N ALA D 130 1.59 -9.68 12.36
CA ALA D 130 1.72 -10.85 11.50
C ALA D 130 0.38 -11.53 11.29
N LEU D 131 -0.33 -11.83 12.38
CA LEU D 131 -1.61 -12.53 12.29
C LEU D 131 -2.69 -11.68 11.63
N GLN D 132 -2.46 -10.37 11.52
CA GLN D 132 -3.43 -9.49 10.88
C GLN D 132 -3.87 -10.00 9.51
N GLY D 133 -3.04 -10.78 8.84
CA GLY D 133 -3.41 -11.30 7.53
C GLY D 133 -4.53 -12.31 7.55
N SER D 134 -4.68 -13.03 8.67
CA SER D 134 -5.70 -14.07 8.78
C SER D 134 -6.83 -13.72 9.72
N LEU D 135 -6.57 -12.89 10.73
CA LEU D 135 -7.66 -12.42 11.57
C LEU D 135 -8.71 -11.70 10.72
N SER D 136 -8.27 -10.99 9.70
CA SER D 136 -9.21 -10.32 8.80
C SER D 136 -10.10 -11.34 8.10
N ASN D 137 -9.53 -12.44 7.63
CA ASN D 137 -10.34 -13.47 6.99
C ASN D 137 -11.35 -14.06 7.97
N LEU D 138 -10.94 -14.26 9.22
CA LEU D 138 -11.87 -14.76 10.23
C LEU D 138 -13.04 -13.82 10.43
N ALA D 139 -12.75 -12.53 10.58
CA ALA D 139 -13.82 -11.55 10.79
C ALA D 139 -14.74 -11.47 9.58
N ALA D 140 -14.17 -11.47 8.38
CA ALA D 140 -15.00 -11.43 7.19
C ALA D 140 -15.89 -12.65 7.08
N GLY D 141 -15.38 -13.82 7.50
CA GLY D 141 -16.23 -14.99 7.51
C GLY D 141 -17.39 -14.87 8.47
N VAL D 142 -17.12 -14.31 9.66
CA VAL D 142 -18.21 -14.06 10.60
C VAL D 142 -19.26 -13.17 9.98
N LEU D 143 -18.82 -12.11 9.29
CA LEU D 143 -19.79 -11.16 8.72
C LEU D 143 -20.58 -11.78 7.58
N LEU D 144 -19.93 -12.56 6.71
CA LEU D 144 -20.66 -13.24 5.65
C LEU D 144 -21.65 -14.26 6.21
N VAL D 145 -21.35 -14.85 7.36
CA VAL D 145 -22.32 -15.76 7.97
C VAL D 145 -23.51 -14.99 8.50
N MET D 146 -23.26 -13.87 9.20
CA MET D 146 -24.36 -13.19 9.86
C MET D 146 -25.20 -12.35 8.90
N PHE D 147 -24.63 -11.86 7.81
CA PHE D 147 -25.39 -11.03 6.88
C PHE D 147 -25.94 -11.80 5.69
N ARG D 148 -25.32 -12.92 5.33
CA ARG D 148 -25.79 -13.80 4.26
C ARG D 148 -25.98 -13.07 2.92
N PRO D 149 -24.90 -12.56 2.31
CA PRO D 149 -25.01 -12.10 0.92
C PRO D 149 -25.20 -13.23 -0.07
N PHE D 150 -25.02 -14.48 0.37
CA PHE D 150 -25.27 -15.64 -0.47
C PHE D 150 -25.36 -16.87 0.42
N ARG D 151 -26.07 -17.87 -0.08
CA ARG D 151 -26.23 -19.14 0.61
C ARG D 151 -25.41 -20.21 -0.10
N ALA D 152 -25.56 -21.46 0.35
CA ALA D 152 -24.77 -22.56 -0.18
C ALA D 152 -24.96 -22.74 -1.68
N GLY D 153 -26.16 -23.08 -2.12
CA GLY D 153 -26.38 -23.34 -3.53
C GLY D 153 -26.38 -22.12 -4.42
N GLU D 154 -26.19 -20.94 -3.86
CA GLU D 154 -26.31 -19.71 -4.63
C GLU D 154 -25.17 -19.59 -5.63
N TYR D 155 -25.50 -19.24 -6.87
CA TYR D 155 -24.51 -19.05 -7.92
C TYR D 155 -24.09 -17.59 -7.92
N VAL D 156 -22.84 -17.33 -7.56
CA VAL D 156 -22.37 -15.97 -7.29
C VAL D 156 -21.19 -15.61 -8.18
N ASP D 157 -20.66 -14.41 -7.97
CA ASP D 157 -19.46 -13.95 -8.66
C ASP D 157 -18.67 -13.11 -7.68
N LEU D 158 -17.57 -13.65 -7.16
CA LEU D 158 -16.79 -13.00 -6.12
C LEU D 158 -15.47 -12.52 -6.71
N GLY D 159 -15.46 -11.27 -7.16
CA GLY D 159 -14.22 -10.66 -7.62
C GLY D 159 -13.57 -11.34 -8.82
N GLY D 160 -14.36 -11.64 -9.84
CA GLY D 160 -13.82 -12.14 -11.08
C GLY D 160 -13.85 -13.65 -11.25
N VAL D 161 -14.31 -14.39 -10.23
CA VAL D 161 -14.44 -15.83 -10.33
C VAL D 161 -15.89 -16.20 -10.02
N ALA D 162 -16.57 -16.81 -10.98
CA ALA D 162 -17.99 -17.08 -10.89
C ALA D 162 -18.22 -18.58 -10.90
N GLY D 163 -19.04 -19.04 -9.95
CA GLY D 163 -19.36 -20.46 -9.86
C GLY D 163 -20.19 -20.77 -8.64
N THR D 164 -20.90 -21.89 -8.69
CA THR D 164 -21.79 -22.27 -7.60
C THR D 164 -21.02 -22.42 -6.30
N VAL D 165 -21.45 -21.70 -5.26
CA VAL D 165 -20.85 -21.88 -3.96
C VAL D 165 -21.10 -23.31 -3.48
N LEU D 166 -20.17 -23.84 -2.71
CA LEU D 166 -20.31 -25.16 -2.11
C LEU D 166 -20.42 -25.11 -0.60
N SER D 167 -19.66 -24.24 0.06
CA SER D 167 -19.74 -24.12 1.49
C SER D 167 -19.09 -22.80 1.90
N VAL D 168 -19.47 -22.32 3.09
CA VAL D 168 -18.88 -21.13 3.69
C VAL D 168 -18.36 -21.53 5.05
N GLN D 169 -17.07 -21.32 5.28
CA GLN D 169 -16.42 -21.73 6.51
C GLN D 169 -15.86 -20.48 7.20
N ILE D 170 -15.09 -20.72 8.26
CA ILE D 170 -14.60 -19.62 9.08
C ILE D 170 -13.50 -18.85 8.35
N PHE D 171 -12.71 -19.53 7.54
CA PHE D 171 -11.55 -18.90 6.92
C PHE D 171 -11.63 -18.79 5.42
N SER D 172 -12.50 -19.53 4.75
CA SER D 172 -12.49 -19.55 3.30
C SER D 172 -13.85 -19.97 2.79
N THR D 173 -14.04 -19.79 1.49
CA THR D 173 -15.26 -20.16 0.80
C THR D 173 -14.92 -21.03 -0.38
N THR D 174 -15.55 -22.19 -0.47
CA THR D 174 -15.32 -23.13 -1.54
C THR D 174 -16.43 -23.01 -2.57
N MET D 175 -16.07 -22.88 -3.83
CA MET D 175 -17.05 -22.75 -4.90
C MET D 175 -16.59 -23.50 -6.13
N ARG D 176 -17.48 -24.33 -6.67
CA ARG D 176 -17.16 -25.12 -7.86
C ARG D 176 -17.38 -24.27 -9.10
N THR D 177 -16.31 -23.98 -9.82
CA THR D 177 -16.41 -23.25 -11.07
C THR D 177 -17.27 -24.04 -12.06
N ALA D 178 -17.75 -23.35 -13.09
CA ALA D 178 -18.58 -23.99 -14.09
C ALA D 178 -17.84 -25.06 -14.88
N ASP D 179 -16.52 -25.13 -14.77
CA ASP D 179 -15.73 -26.14 -15.46
C ASP D 179 -15.33 -27.29 -14.56
N GLY D 180 -15.86 -27.35 -13.34
CA GLY D 180 -15.54 -28.41 -12.43
C GLY D 180 -14.43 -28.11 -11.45
N LYS D 181 -13.63 -27.09 -11.71
CA LYS D 181 -12.56 -26.75 -10.78
C LYS D 181 -13.14 -26.28 -9.46
N ILE D 182 -12.40 -26.51 -8.38
CA ILE D 182 -12.83 -26.14 -7.04
C ILE D 182 -11.86 -25.09 -6.52
N ILE D 183 -12.36 -23.87 -6.35
CA ILE D 183 -11.55 -22.75 -5.91
C ILE D 183 -11.81 -22.51 -4.43
N VAL D 184 -10.76 -22.47 -3.65
CA VAL D 184 -10.82 -22.04 -2.26
C VAL D 184 -10.40 -20.57 -2.23
N ILE D 185 -11.29 -19.72 -1.73
CA ILE D 185 -11.04 -18.29 -1.75
C ILE D 185 -11.21 -17.75 -0.34
N PRO D 186 -10.29 -16.92 0.16
CA PRO D 186 -10.38 -16.45 1.53
C PRO D 186 -11.49 -15.42 1.68
N ASN D 187 -12.05 -15.37 2.90
CA ASN D 187 -13.19 -14.51 3.16
C ASN D 187 -12.79 -13.03 3.11
N GLY D 188 -11.71 -12.67 3.79
CA GLY D 188 -11.28 -11.27 3.81
C GLY D 188 -11.07 -10.68 2.43
N LYS D 189 -10.93 -11.51 1.41
CA LYS D 189 -10.70 -11.05 0.06
C LYS D 189 -12.01 -10.76 -0.68
N ILE D 190 -13.09 -11.46 -0.35
CA ILE D 190 -14.35 -11.25 -1.05
C ILE D 190 -15.20 -10.18 -0.39
N ILE D 191 -15.09 -10.01 0.93
CA ILE D 191 -15.85 -8.96 1.61
C ILE D 191 -15.38 -7.58 1.23
N ALA D 192 -14.25 -7.45 0.53
CA ALA D 192 -13.74 -6.17 0.08
C ALA D 192 -13.94 -5.96 -1.41
N GLY D 193 -14.96 -6.58 -2.00
CA GLY D 193 -15.24 -6.43 -3.40
C GLY D 193 -16.72 -6.50 -3.68
N ASN D 194 -17.08 -6.38 -4.95
CA ASN D 194 -18.47 -6.42 -5.36
C ASN D 194 -18.96 -7.85 -5.39
N ILE D 195 -19.87 -8.20 -4.48
CA ILE D 195 -20.42 -9.55 -4.40
C ILE D 195 -21.61 -9.58 -5.36
N ILE D 196 -21.33 -9.79 -6.64
CA ILE D 196 -22.40 -9.96 -7.61
C ILE D 196 -23.17 -11.22 -7.28
N ASN D 197 -24.42 -11.29 -7.72
CA ASN D 197 -25.25 -12.46 -7.49
C ASN D 197 -26.08 -12.73 -8.73
N PHE D 198 -26.56 -13.96 -8.85
CA PHE D 198 -27.32 -14.37 -10.02
C PHE D 198 -28.61 -15.10 -9.74
N SER D 199 -28.76 -15.72 -8.57
CA SER D 199 -30.02 -16.37 -8.21
C SER D 199 -30.86 -15.50 -7.28
N ARG D 200 -30.36 -14.33 -6.90
CA ARG D 200 -31.15 -13.42 -6.08
C ARG D 200 -32.31 -12.86 -6.88
N GLU D 201 -32.04 -12.31 -8.04
CA GLU D 201 -33.07 -11.78 -8.91
C GLU D 201 -33.62 -12.88 -9.81
N PRO D 202 -34.92 -13.10 -9.84
CA PRO D 202 -35.45 -14.22 -10.63
C PRO D 202 -35.43 -13.98 -12.12
N VAL D 203 -35.57 -12.74 -12.58
CA VAL D 203 -35.68 -12.43 -13.99
C VAL D 203 -34.51 -11.54 -14.39
N ARG D 204 -33.87 -11.87 -15.51
CA ARG D 204 -32.71 -11.13 -15.99
C ARG D 204 -32.87 -10.86 -17.48
N ARG D 205 -31.88 -10.17 -18.05
CA ARG D 205 -31.99 -9.65 -19.40
C ARG D 205 -30.83 -10.09 -20.26
N ASN D 206 -31.13 -10.50 -21.49
CA ASN D 206 -30.11 -10.79 -22.49
C ASN D 206 -29.84 -9.54 -23.32
N GLU D 207 -28.83 -9.62 -24.16
CA GLU D 207 -28.48 -8.49 -25.01
C GLU D 207 -27.74 -9.02 -26.24
N PHE D 208 -28.44 -9.09 -27.35
CA PHE D 208 -27.82 -9.45 -28.61
C PHE D 208 -27.29 -8.19 -29.28
N ILE D 209 -26.36 -8.39 -30.22
CA ILE D 209 -25.82 -7.29 -31.02
C ILE D 209 -25.60 -7.86 -32.41
N ILE D 210 -26.30 -7.32 -33.40
CA ILE D 210 -26.37 -7.92 -34.72
C ILE D 210 -25.95 -6.89 -35.74
N GLY D 211 -24.67 -6.90 -36.11
CA GLY D 211 -24.18 -5.99 -37.13
C GLY D 211 -24.59 -6.49 -38.50
N VAL D 212 -25.20 -5.60 -39.29
CA VAL D 212 -25.64 -5.93 -40.62
C VAL D 212 -25.01 -4.95 -41.60
N ALA D 213 -25.13 -5.27 -42.88
CA ALA D 213 -24.55 -4.43 -43.92
C ALA D 213 -25.21 -3.05 -43.93
N TYR D 214 -24.58 -2.13 -44.64
CA TYR D 214 -25.05 -0.75 -44.63
C TYR D 214 -26.19 -0.49 -45.59
N ASP D 215 -26.48 -1.41 -46.50
CA ASP D 215 -27.56 -1.20 -47.46
C ASP D 215 -28.87 -1.86 -47.05
N SER D 216 -28.88 -2.60 -45.95
CA SER D 216 -30.07 -3.31 -45.53
C SER D 216 -31.13 -2.34 -45.04
N ASP D 217 -32.39 -2.60 -45.42
CA ASP D 217 -33.49 -1.79 -44.96
C ASP D 217 -33.68 -1.93 -43.46
N ILE D 218 -33.89 -0.81 -42.78
CA ILE D 218 -34.03 -0.85 -41.33
C ILE D 218 -35.40 -1.36 -40.93
N ASP D 219 -36.43 -1.00 -41.68
CA ASP D 219 -37.78 -1.44 -41.35
C ASP D 219 -37.88 -2.96 -41.41
N GLN D 220 -37.32 -3.57 -42.45
CA GLN D 220 -37.35 -5.02 -42.56
C GLN D 220 -36.62 -5.68 -41.40
N VAL D 221 -35.47 -5.14 -41.03
CA VAL D 221 -34.69 -5.73 -39.94
C VAL D 221 -35.47 -5.68 -38.64
N LYS D 222 -36.04 -4.51 -38.33
CA LYS D 222 -36.77 -4.37 -37.08
C LYS D 222 -38.02 -5.23 -37.07
N GLN D 223 -38.69 -5.35 -38.22
CA GLN D 223 -39.83 -6.23 -38.34
C GLN D 223 -39.45 -7.67 -38.04
N ILE D 224 -38.36 -8.15 -38.64
CA ILE D 224 -37.94 -9.53 -38.44
C ILE D 224 -37.59 -9.77 -36.98
N LEU D 225 -36.82 -8.88 -36.38
CA LEU D 225 -36.41 -9.08 -35.00
C LEU D 225 -37.61 -9.04 -34.05
N THR D 226 -38.59 -8.18 -34.35
CA THR D 226 -39.78 -8.14 -33.50
C THR D 226 -40.59 -9.41 -33.64
N ASN D 227 -40.77 -9.91 -34.86
CA ASN D 227 -41.46 -11.18 -35.03
C ASN D 227 -40.77 -12.29 -34.26
N ILE D 228 -39.44 -12.33 -34.31
CA ILE D 228 -38.70 -13.38 -33.61
C ILE D 228 -38.92 -13.27 -32.10
N ILE D 229 -38.73 -12.08 -31.54
CA ILE D 229 -38.88 -11.95 -30.09
C ILE D 229 -40.32 -11.94 -29.64
N GLN D 230 -41.28 -11.92 -30.55
CA GLN D 230 -42.67 -12.15 -30.18
C GLN D 230 -43.04 -13.62 -30.22
N SER D 231 -42.49 -14.37 -31.16
CA SER D 231 -42.82 -15.78 -31.27
C SER D 231 -42.36 -16.57 -30.05
N GLU D 232 -41.29 -16.13 -29.39
CA GLU D 232 -40.78 -16.86 -28.23
C GLU D 232 -41.78 -16.80 -27.08
N ASP D 233 -41.63 -17.75 -26.16
CA ASP D 233 -42.54 -17.88 -25.03
C ASP D 233 -41.89 -17.61 -23.69
N ARG D 234 -40.64 -18.02 -23.50
CA ARG D 234 -39.94 -17.73 -22.26
C ARG D 234 -39.56 -16.26 -22.15
N ILE D 235 -39.78 -15.47 -23.19
CA ILE D 235 -39.49 -14.04 -23.17
C ILE D 235 -40.65 -13.32 -22.49
N LEU D 236 -40.36 -12.68 -21.35
CA LEU D 236 -41.39 -11.94 -20.64
C LEU D 236 -41.91 -10.80 -21.50
N LYS D 237 -43.23 -10.74 -21.64
CA LYS D 237 -43.85 -9.74 -22.50
C LYS D 237 -44.23 -8.48 -21.75
N ASP D 238 -44.43 -8.57 -20.44
CA ASP D 238 -44.86 -7.41 -19.67
C ASP D 238 -43.72 -6.45 -19.38
N ARG D 239 -42.57 -6.62 -20.02
CA ARG D 239 -41.45 -5.70 -19.82
C ARG D 239 -40.97 -5.16 -21.16
N GLU D 240 -39.85 -4.46 -21.15
CA GLU D 240 -39.36 -3.79 -22.35
C GLU D 240 -38.75 -4.80 -23.32
N MET D 241 -38.97 -4.56 -24.61
CA MET D 241 -38.42 -5.39 -25.68
C MET D 241 -37.89 -4.45 -26.75
N THR D 242 -36.58 -4.26 -26.78
CA THR D 242 -35.94 -3.21 -27.55
C THR D 242 -35.34 -3.76 -28.83
N VAL D 243 -35.68 -3.16 -29.96
CA VAL D 243 -35.01 -3.42 -31.23
C VAL D 243 -34.75 -2.05 -31.87
N ARG D 244 -33.56 -1.50 -31.63
CA ARG D 244 -33.23 -0.16 -32.10
C ARG D 244 -31.87 -0.18 -32.78
N LEU D 245 -31.73 0.66 -33.80
CA LEU D 245 -30.41 0.93 -34.38
C LEU D 245 -29.56 1.62 -33.32
N ASN D 246 -28.45 0.98 -32.96
CA ASN D 246 -27.66 1.45 -31.82
C ASN D 246 -26.38 2.17 -32.21
N GLU D 247 -25.79 1.87 -33.36
CA GLU D 247 -24.49 2.45 -33.68
C GLU D 247 -24.11 2.28 -35.14
N LEU D 248 -23.65 3.35 -35.77
CA LEU D 248 -23.08 3.29 -37.09
C LEU D 248 -21.60 2.94 -36.97
N GLY D 249 -21.20 1.80 -37.51
CA GLY D 249 -19.90 1.25 -37.29
C GLY D 249 -18.99 1.35 -38.49
N ALA D 250 -17.85 0.64 -38.39
CA ALA D 250 -16.82 0.73 -39.43
C ALA D 250 -17.25 0.01 -40.70
N SER D 251 -17.82 -1.19 -40.57
CA SER D 251 -18.30 -1.94 -41.71
C SER D 251 -19.76 -2.37 -41.57
N SER D 252 -20.44 -1.98 -40.51
CA SER D 252 -21.77 -2.50 -40.23
C SER D 252 -22.47 -1.60 -39.23
N ILE D 253 -23.79 -1.54 -39.35
CA ILE D 253 -24.62 -0.87 -38.36
C ILE D 253 -25.08 -1.92 -37.36
N ASN D 254 -24.97 -1.60 -36.07
CA ASN D 254 -25.26 -2.55 -35.02
C ASN D 254 -26.64 -2.31 -34.45
N PHE D 255 -27.43 -3.37 -34.35
CA PHE D 255 -28.72 -3.31 -33.69
C PHE D 255 -28.61 -3.95 -32.32
N VAL D 256 -29.09 -3.28 -31.33
CA VAL D 256 -29.17 -3.85 -29.99
C VAL D 256 -30.53 -4.50 -29.85
N VAL D 257 -30.57 -5.60 -29.09
CA VAL D 257 -31.81 -6.32 -28.83
C VAL D 257 -31.79 -6.71 -27.36
N ARG D 258 -32.77 -6.25 -26.61
CA ARG D 258 -32.83 -6.51 -25.17
C ARG D 258 -34.17 -7.15 -24.84
N VAL D 259 -34.13 -8.30 -24.18
CA VAL D 259 -35.32 -9.05 -23.80
C VAL D 259 -35.08 -9.63 -22.41
N TRP D 260 -36.16 -9.87 -21.69
CA TRP D 260 -36.08 -10.37 -20.33
C TRP D 260 -36.59 -11.80 -20.25
N SER D 261 -36.03 -12.57 -19.33
CA SER D 261 -36.39 -13.95 -19.14
C SER D 261 -36.03 -14.34 -17.72
N ASN D 262 -36.54 -15.49 -17.29
CA ASN D 262 -36.22 -15.97 -15.95
C ASN D 262 -34.77 -16.40 -15.88
N SER D 263 -34.23 -16.43 -14.66
CA SER D 263 -32.82 -16.78 -14.49
C SER D 263 -32.53 -18.18 -15.02
N GLY D 264 -33.53 -19.04 -15.07
CA GLY D 264 -33.29 -20.40 -15.57
C GLY D 264 -33.18 -20.45 -17.08
N ASP D 265 -34.15 -19.85 -17.76
CA ASP D 265 -34.21 -19.97 -19.22
C ASP D 265 -33.11 -19.20 -19.94
N LEU D 266 -32.44 -18.27 -19.26
CA LEU D 266 -31.58 -17.28 -19.90
C LEU D 266 -30.72 -17.83 -21.02
N GLN D 267 -29.88 -18.82 -20.72
CA GLN D 267 -28.91 -19.29 -21.70
C GLN D 267 -29.58 -19.99 -22.87
N ASN D 268 -30.59 -20.80 -22.60
CA ASN D 268 -31.27 -21.49 -23.68
C ASN D 268 -32.04 -20.52 -24.56
N VAL D 269 -32.63 -19.48 -23.96
CA VAL D 269 -33.25 -18.41 -24.72
C VAL D 269 -32.23 -17.77 -25.63
N TYR D 270 -31.05 -17.47 -25.09
CA TYR D 270 -29.99 -16.89 -25.90
C TYR D 270 -29.69 -17.77 -27.10
N TRP D 271 -29.41 -19.05 -26.87
CA TRP D 271 -29.02 -19.93 -27.98
C TRP D 271 -30.14 -20.07 -29.00
N ASP D 272 -31.38 -20.20 -28.54
CA ASP D 272 -32.49 -20.41 -29.46
C ASP D 272 -32.75 -19.17 -30.30
N VAL D 273 -32.80 -18.00 -29.66
CA VAL D 273 -32.99 -16.76 -30.41
C VAL D 273 -31.85 -16.56 -31.38
N LEU D 274 -30.63 -16.93 -30.99
CA LEU D 274 -29.48 -16.71 -31.86
C LEU D 274 -29.57 -17.59 -33.10
N GLU D 275 -29.91 -18.86 -32.94
CA GLU D 275 -30.06 -19.71 -34.11
C GLU D 275 -31.24 -19.28 -34.96
N ARG D 276 -32.32 -18.81 -34.34
CA ARG D 276 -33.46 -18.33 -35.11
C ARG D 276 -33.09 -17.11 -35.93
N ILE D 277 -32.28 -16.22 -35.34
CA ILE D 277 -31.77 -15.07 -36.09
C ILE D 277 -30.97 -15.54 -37.28
N LYS D 278 -30.01 -16.45 -37.03
CA LYS D 278 -29.17 -16.94 -38.11
C LYS D 278 -29.99 -17.56 -39.23
N ARG D 279 -31.11 -18.20 -38.90
CA ARG D 279 -31.92 -18.80 -39.96
C ARG D 279 -32.79 -17.76 -40.66
N GLU D 280 -33.44 -16.89 -39.90
CA GLU D 280 -34.38 -15.94 -40.48
C GLU D 280 -33.69 -14.93 -41.38
N PHE D 281 -32.53 -14.42 -40.95
CA PHE D 281 -31.81 -13.45 -41.77
C PHE D 281 -31.41 -14.08 -43.10
N ASP D 282 -30.79 -15.25 -43.06
CA ASP D 282 -30.42 -15.93 -44.30
C ASP D 282 -31.64 -16.29 -45.13
N ALA D 283 -32.80 -16.45 -44.51
CA ALA D 283 -34.01 -16.67 -45.30
C ALA D 283 -34.46 -15.40 -45.98
N ALA D 284 -34.35 -14.26 -45.30
CA ALA D 284 -34.83 -13.00 -45.85
C ALA D 284 -33.91 -12.46 -46.92
N GLY D 285 -32.62 -12.29 -46.59
CA GLY D 285 -31.68 -11.75 -47.53
C GLY D 285 -30.68 -10.83 -46.85
N ILE D 286 -30.97 -10.46 -45.60
CA ILE D 286 -30.04 -9.66 -44.83
C ILE D 286 -28.72 -10.40 -44.71
N SER D 287 -27.62 -9.65 -44.81
CA SER D 287 -26.29 -10.25 -44.92
C SER D 287 -25.40 -9.73 -43.80
N PHE D 288 -24.86 -10.64 -43.01
CA PHE D 288 -23.80 -10.28 -42.09
C PHE D 288 -22.55 -9.96 -42.89
N PRO D 289 -21.90 -8.83 -42.63
CA PRO D 289 -20.81 -8.40 -43.50
C PRO D 289 -19.43 -8.85 -43.04
N TYR D 290 -18.58 -9.24 -43.97
CA TYR D 290 -17.18 -9.44 -43.66
C TYR D 290 -16.51 -8.09 -43.44
N PRO D 291 -15.43 -8.05 -42.67
CA PRO D 291 -14.71 -6.78 -42.50
C PRO D 291 -14.35 -6.13 -43.83
N GLN D 292 -14.87 -4.94 -44.06
CA GLN D 292 -14.72 -4.28 -45.35
C GLN D 292 -13.52 -3.34 -45.34
N MET D 293 -13.06 -3.04 -46.55
CA MET D 293 -11.91 -2.16 -46.73
C MET D 293 -11.92 -1.67 -48.17
N ASP D 294 -11.71 -0.36 -48.34
CA ASP D 294 -11.69 0.25 -49.65
C ASP D 294 -10.25 0.57 -50.02
N VAL D 295 -9.84 0.16 -51.21
CA VAL D 295 -8.46 0.33 -51.65
C VAL D 295 -8.44 1.19 -52.89
N ASN D 296 -7.41 2.05 -52.97
CA ASN D 296 -7.22 2.97 -54.08
C ASN D 296 -5.99 2.49 -54.85
N PHE D 297 -6.22 1.88 -56.00
CA PHE D 297 -5.15 1.25 -56.76
C PHE D 297 -4.42 2.28 -57.60
N LYS D 298 -3.11 2.14 -57.68
CA LYS D 298 -2.28 3.04 -58.50
C LYS D 298 -0.95 2.36 -58.77
N ARG D 299 -0.68 2.06 -60.03
CA ARG D 299 0.58 1.44 -60.41
C ARG D 299 1.71 2.45 -60.35
N VAL D 300 2.93 1.94 -60.16
CA VAL D 300 4.10 2.80 -60.10
C VAL D 300 5.00 2.55 -61.30
N MET E 21 26.48 8.03 69.07
CA MET E 21 26.17 8.38 67.69
C MET E 21 27.43 8.80 66.94
N GLU E 22 28.24 7.81 66.57
CA GLU E 22 29.53 8.10 65.95
C GLU E 22 29.36 8.83 64.62
N ASP E 23 28.54 8.27 63.72
CA ASP E 23 28.31 8.92 62.43
C ASP E 23 27.75 10.33 62.60
N LEU E 24 27.06 10.59 63.72
CA LEU E 24 26.58 11.93 64.01
C LEU E 24 27.74 12.90 64.29
N ASN E 25 28.80 12.42 64.96
CA ASN E 25 29.93 13.26 65.27
C ASN E 25 30.99 13.30 64.19
N VAL E 26 30.97 12.36 63.24
CA VAL E 26 32.02 12.30 62.23
C VAL E 26 31.92 13.49 61.28
N VAL E 27 30.79 13.61 60.58
CA VAL E 27 30.70 14.60 59.51
C VAL E 27 29.52 15.56 59.68
N ASP E 28 28.32 15.03 59.90
CA ASP E 28 27.12 15.86 59.88
C ASP E 28 27.02 16.72 61.14
N SER E 29 26.48 17.92 60.96
CA SER E 29 26.30 18.86 62.08
C SER E 29 25.19 18.39 63.00
N ILE E 30 25.37 18.65 64.30
CA ILE E 30 24.43 18.17 65.36
C ILE E 30 23.07 18.87 65.27
N ASN E 31 23.08 20.20 65.35
CA ASN E 31 21.88 21.04 65.31
C ASN E 31 20.84 20.67 66.38
N GLY E 32 21.21 19.86 67.36
CA GLY E 32 20.32 19.61 68.49
C GLY E 32 19.42 18.40 68.29
N ALA E 33 19.69 17.32 69.03
CA ALA E 33 18.91 16.09 68.94
C ALA E 33 18.79 15.60 67.50
N GLY E 34 19.80 15.88 66.70
CA GLY E 34 19.80 15.47 65.31
C GLY E 34 20.36 14.09 65.10
N SER E 35 19.82 13.11 65.83
CA SER E 35 20.32 11.73 65.80
C SER E 35 19.91 11.12 64.46
N TRP E 36 20.74 11.37 63.45
CA TRP E 36 20.36 11.04 62.09
C TRP E 36 20.54 9.56 61.76
N LEU E 37 21.39 8.83 62.47
CA LEU E 37 21.48 7.40 62.22
C LEU E 37 20.27 6.66 62.76
N VAL E 38 19.84 6.98 63.99
CA VAL E 38 18.70 6.30 64.58
C VAL E 38 17.46 6.45 63.70
N ALA E 39 17.34 7.59 63.03
CA ALA E 39 16.19 7.85 62.16
C ALA E 39 16.54 7.76 60.67
N ASN E 40 17.72 7.25 60.33
CA ASN E 40 18.14 7.17 58.94
C ASN E 40 18.74 5.82 58.56
N GLN E 41 18.87 4.89 59.52
CA GLN E 41 19.41 3.57 59.20
C GLN E 41 18.55 2.85 58.18
N ALA E 42 17.24 3.12 58.18
CA ALA E 42 16.37 2.55 57.16
C ALA E 42 16.83 2.96 55.77
N LEU E 43 17.06 4.26 55.56
CA LEU E 43 17.46 4.73 54.25
C LEU E 43 18.89 4.29 53.91
N LEU E 44 19.77 4.27 54.91
CA LEU E 44 21.13 3.79 54.68
C LEU E 44 21.12 2.34 54.22
N LEU E 45 20.35 1.49 54.91
CA LEU E 45 20.25 0.09 54.53
C LEU E 45 19.55 -0.07 53.20
N SER E 46 18.64 0.85 52.87
CA SER E 46 18.05 0.84 51.54
C SER E 46 19.11 1.05 50.48
N TYR E 47 19.98 2.05 50.68
CA TYR E 47 21.10 2.26 49.76
C TYR E 47 22.00 1.02 49.70
N ALA E 48 22.28 0.42 50.86
CA ALA E 48 23.15 -0.75 50.91
C ALA E 48 22.56 -1.90 50.09
N VAL E 49 21.30 -2.25 50.35
CA VAL E 49 20.69 -3.33 49.60
C VAL E 49 20.57 -2.96 48.14
N ASN E 50 20.45 -1.67 47.82
CA ASN E 50 20.42 -1.25 46.43
C ASN E 50 21.72 -1.60 45.73
N ILE E 51 22.86 -1.20 46.32
CA ILE E 51 24.14 -1.46 45.65
C ILE E 51 24.45 -2.95 45.63
N VAL E 52 24.12 -3.66 46.71
CA VAL E 52 24.40 -5.10 46.76
C VAL E 52 23.54 -5.84 45.74
N ALA E 53 22.26 -5.49 45.64
CA ALA E 53 21.40 -6.09 44.65
C ALA E 53 21.88 -5.78 43.24
N ALA E 54 22.40 -4.56 43.03
CA ALA E 54 22.99 -4.25 41.75
C ALA E 54 24.16 -5.18 41.44
N LEU E 55 25.07 -5.35 42.40
CA LEU E 55 26.17 -6.30 42.22
C LEU E 55 25.66 -7.69 41.85
N ALA E 56 24.70 -8.19 42.61
CA ALA E 56 24.20 -9.53 42.37
C ALA E 56 23.59 -9.64 40.98
N ILE E 57 22.83 -8.64 40.58
CA ILE E 57 22.22 -8.66 39.25
C ILE E 57 23.30 -8.69 38.19
N ILE E 58 24.34 -7.88 38.34
CA ILE E 58 25.39 -7.84 37.32
C ILE E 58 26.08 -9.20 37.20
N ILE E 59 26.49 -9.77 38.34
CA ILE E 59 27.25 -11.01 38.27
C ILE E 59 26.38 -12.15 37.74
N VAL E 60 25.12 -12.21 38.17
CA VAL E 60 24.24 -13.28 37.73
C VAL E 60 23.95 -13.14 36.24
N GLY E 61 23.70 -11.91 35.78
CA GLY E 61 23.49 -11.69 34.36
C GLY E 61 24.70 -12.05 33.55
N LEU E 62 25.90 -11.76 34.06
CA LEU E 62 27.12 -12.13 33.36
C LEU E 62 27.22 -13.64 33.19
N ILE E 63 27.11 -14.39 34.29
CA ILE E 63 27.30 -15.83 34.19
C ILE E 63 26.18 -16.46 33.37
N ILE E 64 24.96 -15.93 33.45
CA ILE E 64 23.86 -16.50 32.68
C ILE E 64 24.05 -16.19 31.20
N ALA E 65 24.55 -15.00 30.86
CA ALA E 65 24.84 -14.70 29.47
C ALA E 65 25.90 -15.65 28.93
N ARG E 66 26.97 -15.88 29.68
CA ARG E 66 27.99 -16.82 29.23
C ARG E 66 27.40 -18.20 29.00
N MET E 67 26.69 -18.73 29.99
CA MET E 67 26.14 -20.07 29.89
C MET E 67 25.21 -20.20 28.70
N ILE E 68 24.24 -19.29 28.58
CA ILE E 68 23.25 -19.41 27.52
C ILE E 68 23.88 -19.17 26.16
N SER E 69 24.88 -18.30 26.09
CA SER E 69 25.54 -18.06 24.80
C SER E 69 26.27 -19.30 24.33
N ASN E 70 27.08 -19.91 25.20
CA ASN E 70 27.76 -21.14 24.77
C ASN E 70 26.76 -22.25 24.49
N ALA E 71 25.66 -22.33 25.25
CA ALA E 71 24.67 -23.36 25.03
C ALA E 71 24.00 -23.21 23.68
N VAL E 72 23.63 -21.98 23.31
CA VAL E 72 22.97 -21.80 22.02
C VAL E 72 23.97 -22.02 20.89
N ASN E 73 25.23 -21.61 21.07
CA ASN E 73 26.21 -21.88 20.03
C ASN E 73 26.40 -23.38 19.83
N ARG E 74 26.41 -24.15 20.92
CA ARG E 74 26.48 -25.60 20.81
C ARG E 74 25.26 -26.15 20.09
N LEU E 75 24.08 -25.90 20.63
CA LEU E 75 22.85 -26.47 20.07
C LEU E 75 22.52 -25.93 18.69
N MET E 76 23.25 -24.93 18.21
CA MET E 76 23.13 -24.50 16.82
C MET E 76 24.21 -25.08 15.94
N ILE E 77 25.38 -25.41 16.49
CA ILE E 77 26.43 -26.02 15.67
C ILE E 77 26.03 -27.38 15.17
N SER E 78 25.03 -28.03 15.81
CA SER E 78 24.58 -29.33 15.34
C SER E 78 23.85 -29.21 14.02
N ARG E 79 22.75 -28.45 14.00
CA ARG E 79 21.96 -28.31 12.79
C ARG E 79 22.73 -27.51 11.74
N LYS E 80 22.18 -27.52 10.51
CA LYS E 80 22.80 -26.81 9.41
C LYS E 80 22.81 -25.31 9.66
N ILE E 81 24.00 -24.72 9.76
CA ILE E 81 24.18 -23.30 10.04
C ILE E 81 25.40 -22.80 9.28
N ASP E 82 25.64 -21.50 9.40
CA ASP E 82 26.87 -20.87 8.95
C ASP E 82 27.67 -20.41 10.17
N ALA E 83 29.00 -20.45 10.04
CA ALA E 83 29.86 -20.12 11.17
C ALA E 83 29.71 -18.67 11.59
N THR E 84 29.86 -17.75 10.64
CA THR E 84 29.74 -16.33 10.97
C THR E 84 28.34 -15.99 11.45
N VAL E 85 27.31 -16.60 10.89
CA VAL E 85 25.96 -16.36 11.35
C VAL E 85 25.77 -16.91 12.76
N ALA E 86 26.37 -18.07 13.04
CA ALA E 86 26.30 -18.63 14.39
C ALA E 86 26.93 -17.69 15.41
N ASP E 87 28.14 -17.23 15.13
CA ASP E 87 28.81 -16.29 16.03
C ASP E 87 27.98 -15.01 16.17
N PHE E 88 27.45 -14.51 15.05
CA PHE E 88 26.64 -13.29 15.07
C PHE E 88 25.46 -13.43 16.02
N LEU E 89 24.69 -14.51 15.87
CA LEU E 89 23.49 -14.68 16.68
C LEU E 89 23.85 -14.97 18.13
N SER E 90 24.90 -15.75 18.38
CA SER E 90 25.29 -16.04 19.76
C SER E 90 25.72 -14.77 20.48
N ALA E 91 26.58 -13.96 19.85
CA ALA E 91 26.99 -12.71 20.45
C ALA E 91 25.81 -11.75 20.58
N LEU E 92 24.86 -11.79 19.64
CA LEU E 92 23.67 -10.96 19.74
C LEU E 92 22.88 -11.30 21.01
N VAL E 93 22.65 -12.59 21.24
CA VAL E 93 21.92 -13.00 22.44
C VAL E 93 22.70 -12.63 23.69
N ARG E 94 24.02 -12.84 23.67
CA ARG E 94 24.85 -12.48 24.80
C ARG E 94 24.71 -10.99 25.14
N TYR E 95 24.86 -10.13 24.14
CA TYR E 95 24.76 -8.70 24.37
C TYR E 95 23.36 -8.27 24.77
N GLY E 96 22.34 -8.97 24.27
CA GLY E 96 20.98 -8.65 24.68
C GLY E 96 20.77 -8.91 26.16
N ILE E 97 21.20 -10.08 26.63
CA ILE E 97 21.07 -10.37 28.05
C ILE E 97 21.91 -9.39 28.87
N ILE E 98 23.09 -9.02 28.34
CA ILE E 98 23.93 -8.08 29.06
C ILE E 98 23.25 -6.72 29.18
N ALA E 99 22.59 -6.28 28.12
CA ALA E 99 21.91 -4.99 28.14
C ALA E 99 20.74 -5.02 29.12
N PHE E 100 19.98 -6.12 29.13
CA PHE E 100 18.89 -6.21 30.10
C PHE E 100 19.43 -6.19 31.51
N THR E 101 20.54 -6.86 31.75
CA THR E 101 21.16 -6.84 33.07
C THR E 101 21.56 -5.42 33.46
N LEU E 102 22.21 -4.70 32.54
CA LEU E 102 22.67 -3.36 32.83
C LEU E 102 21.52 -2.42 33.12
N ILE E 103 20.46 -2.48 32.32
CA ILE E 103 19.30 -1.64 32.54
C ILE E 103 18.66 -1.95 33.88
N ALA E 104 18.53 -3.24 34.21
CA ALA E 104 17.95 -3.61 35.50
C ALA E 104 18.80 -3.07 36.65
N ALA E 105 20.12 -3.16 36.54
CA ALA E 105 20.98 -2.67 37.60
C ALA E 105 20.89 -1.16 37.74
N LEU E 106 20.85 -0.45 36.61
CA LEU E 106 20.69 1.00 36.65
C LEU E 106 19.40 1.38 37.35
N GLY E 107 18.28 0.77 36.95
CA GLY E 107 17.03 1.02 37.62
C GLY E 107 17.11 0.71 39.11
N ARG E 108 17.81 -0.36 39.47
CA ARG E 108 17.88 -0.76 40.87
C ARG E 108 18.72 0.20 41.69
N VAL E 109 19.70 0.87 41.08
CA VAL E 109 20.57 1.73 41.86
C VAL E 109 19.98 3.13 42.03
N GLY E 110 19.14 3.58 41.10
CA GLY E 110 18.46 4.85 41.29
C GLY E 110 18.34 5.72 40.06
N VAL E 111 18.89 5.29 38.94
CA VAL E 111 18.85 6.08 37.72
C VAL E 111 17.52 5.86 37.02
N GLN E 112 16.90 6.94 36.57
CA GLN E 112 15.64 6.86 35.84
C GLN E 112 15.92 6.29 34.45
N THR E 113 15.66 5.01 34.27
CA THR E 113 15.92 4.33 33.02
C THR E 113 14.77 4.46 32.02
N ALA E 114 13.91 5.46 32.18
CA ALA E 114 12.74 5.57 31.32
C ALA E 114 13.14 5.83 29.87
N SER E 115 14.13 6.71 29.67
CA SER E 115 14.51 7.06 28.30
C SER E 115 15.18 5.90 27.57
N VAL E 116 16.06 5.18 28.26
CA VAL E 116 16.77 4.09 27.60
C VAL E 116 15.80 2.97 27.22
N ILE E 117 14.81 2.69 28.08
CA ILE E 117 13.83 1.68 27.72
C ILE E 117 12.83 2.20 26.70
N ALA E 118 12.61 3.50 26.63
CA ALA E 118 11.78 4.05 25.57
C ALA E 118 12.42 3.85 24.22
N VAL E 119 13.71 4.19 24.10
CA VAL E 119 14.39 3.96 22.83
C VAL E 119 14.56 2.47 22.57
N LEU E 120 14.70 1.66 23.62
CA LEU E 120 14.76 0.21 23.44
C LEU E 120 13.45 -0.32 22.88
N GLY E 121 12.32 0.14 23.39
CA GLY E 121 11.03 -0.25 22.84
C GLY E 121 10.84 0.23 21.42
N ALA E 122 11.32 1.43 21.10
CA ALA E 122 11.29 1.88 19.71
C ALA E 122 12.07 0.93 18.82
N ALA E 123 13.27 0.54 19.24
CA ALA E 123 14.08 -0.40 18.46
C ALA E 123 13.39 -1.74 18.33
N GLY E 124 12.77 -2.22 19.41
CA GLY E 124 12.07 -3.49 19.35
C GLY E 124 10.89 -3.45 18.39
N LEU E 125 10.14 -2.35 18.41
CA LEU E 125 9.05 -2.20 17.45
C LEU E 125 9.57 -2.14 16.03
N ALA E 126 10.74 -1.52 15.83
CA ALA E 126 11.36 -1.53 14.52
C ALA E 126 11.67 -2.95 14.06
N VAL E 127 12.30 -3.74 14.94
CA VAL E 127 12.64 -5.11 14.58
C VAL E 127 11.39 -5.92 14.32
N GLY E 128 10.31 -5.66 15.05
CA GLY E 128 9.07 -6.37 14.82
C GLY E 128 8.45 -6.04 13.47
N LEU E 129 8.38 -4.74 13.16
CA LEU E 129 7.89 -4.33 11.84
C LEU E 129 8.79 -4.82 10.73
N ALA E 130 10.05 -5.14 11.04
CA ALA E 130 10.92 -5.76 10.05
C ALA E 130 10.56 -7.23 9.84
N LEU E 131 10.50 -7.99 10.93
CA LEU E 131 10.22 -9.43 10.85
C LEU E 131 8.81 -9.71 10.37
N GLN E 132 7.92 -8.71 10.39
CA GLN E 132 6.56 -8.88 9.92
C GLN E 132 6.50 -9.53 8.54
N GLY E 133 7.54 -9.35 7.73
CA GLY E 133 7.53 -9.93 6.39
C GLY E 133 7.60 -11.44 6.37
N SER E 134 8.21 -12.04 7.40
CA SER E 134 8.39 -13.49 7.46
C SER E 134 7.53 -14.16 8.50
N LEU E 135 7.19 -13.47 9.58
CA LEU E 135 6.24 -14.04 10.53
C LEU E 135 4.93 -14.38 9.85
N SER E 136 4.52 -13.56 8.88
CA SER E 136 3.31 -13.86 8.12
C SER E 136 3.44 -15.17 7.37
N ASN E 137 4.58 -15.41 6.75
CA ASN E 137 4.79 -16.67 6.05
C ASN E 137 4.73 -17.85 7.02
N LEU E 138 5.30 -17.68 8.20
CA LEU E 138 5.24 -18.75 9.20
C LEU E 138 3.80 -19.06 9.58
N ALA E 139 3.02 -18.03 9.87
CA ALA E 139 1.62 -18.26 10.26
C ALA E 139 0.83 -18.89 9.12
N ALA E 140 1.02 -18.42 7.89
CA ALA E 140 0.31 -19.01 6.77
C ALA E 140 0.69 -20.47 6.58
N GLY E 141 1.96 -20.82 6.83
CA GLY E 141 2.34 -22.21 6.75
C GLY E 141 1.63 -23.06 7.79
N VAL E 142 1.53 -22.54 9.02
CA VAL E 142 0.78 -23.23 10.07
C VAL E 142 -0.65 -23.47 9.61
N LEU E 143 -1.28 -22.45 9.03
CA LEU E 143 -2.68 -22.59 8.62
C LEU E 143 -2.85 -23.58 7.48
N LEU E 144 -1.96 -23.54 6.49
CA LEU E 144 -2.03 -24.51 5.41
C LEU E 144 -1.80 -25.94 5.90
N VAL E 145 -1.00 -26.10 6.95
CA VAL E 145 -0.84 -27.43 7.52
C VAL E 145 -2.11 -27.89 8.20
N MET E 146 -2.72 -27.01 9.01
CA MET E 146 -3.85 -27.45 9.82
C MET E 146 -5.14 -27.56 9.01
N PHE E 147 -5.30 -26.78 7.94
CA PHE E 147 -6.53 -26.82 7.17
C PHE E 147 -6.44 -27.71 5.94
N ARG E 148 -5.24 -27.93 5.41
CA ARG E 148 -5.00 -28.82 4.28
C ARG E 148 -5.85 -28.48 3.05
N PRO E 149 -5.64 -27.30 2.44
CA PRO E 149 -6.25 -27.06 1.12
C PRO E 149 -5.62 -27.90 0.03
N PHE E 150 -4.50 -28.56 0.30
CA PHE E 150 -3.87 -29.47 -0.65
C PHE E 150 -2.86 -30.33 0.10
N ARG E 151 -2.61 -31.50 -0.47
CA ARG E 151 -1.63 -32.44 0.08
C ARG E 151 -0.39 -32.45 -0.80
N ALA E 152 0.52 -33.36 -0.49
CA ALA E 152 1.80 -33.44 -1.19
C ALA E 152 1.63 -33.66 -2.69
N GLY E 153 1.07 -34.80 -3.08
CA GLY E 153 0.96 -35.09 -4.50
C GLY E 153 -0.09 -34.31 -5.25
N GLU E 154 -0.82 -33.44 -4.56
CA GLU E 154 -1.93 -32.73 -5.18
C GLU E 154 -1.44 -31.74 -6.23
N TYR E 155 -2.08 -31.77 -7.39
CA TYR E 155 -1.74 -30.84 -8.48
C TYR E 155 -2.60 -29.60 -8.33
N VAL E 156 -1.97 -28.47 -8.03
CA VAL E 156 -2.68 -27.26 -7.64
C VAL E 156 -2.34 -26.10 -8.54
N ASP E 157 -2.89 -24.93 -8.24
CA ASP E 157 -2.59 -23.69 -8.95
C ASP E 157 -2.62 -22.57 -7.92
N LEU E 158 -1.44 -22.08 -7.55
CA LEU E 158 -1.32 -21.07 -6.49
C LEU E 158 -0.94 -19.74 -7.10
N GLY E 159 -1.95 -18.93 -7.41
CA GLY E 159 -1.69 -17.57 -7.86
C GLY E 159 -0.93 -17.47 -9.17
N GLY E 160 -1.33 -18.25 -10.17
CA GLY E 160 -0.76 -18.13 -11.50
C GLY E 160 0.36 -19.08 -11.82
N VAL E 161 0.77 -19.94 -10.88
CA VAL E 161 1.79 -20.95 -11.13
C VAL E 161 1.19 -22.30 -10.78
N ALA E 162 1.12 -23.19 -11.76
CA ALA E 162 0.45 -24.47 -11.61
C ALA E 162 1.45 -25.60 -11.76
N GLY E 163 1.42 -26.54 -10.83
CA GLY E 163 2.32 -27.68 -10.88
C GLY E 163 2.20 -28.55 -9.66
N THR E 164 2.60 -29.81 -9.79
CA THR E 164 2.47 -30.76 -8.70
C THR E 164 3.25 -30.29 -7.48
N VAL E 165 2.56 -30.20 -6.34
CA VAL E 165 3.24 -29.89 -5.11
C VAL E 165 4.23 -30.99 -4.78
N LEU E 166 5.34 -30.60 -4.14
CA LEU E 166 6.34 -31.56 -3.69
C LEU E 166 6.43 -31.65 -2.17
N SER E 167 6.32 -30.53 -1.48
CA SER E 167 6.37 -30.54 -0.03
C SER E 167 5.81 -29.21 0.49
N VAL E 168 5.37 -29.24 1.74
CA VAL E 168 4.90 -28.05 2.43
C VAL E 168 5.70 -27.93 3.71
N GLN E 169 6.39 -26.81 3.87
CA GLN E 169 7.25 -26.58 5.01
C GLN E 169 6.75 -25.37 5.80
N ILE E 170 7.55 -24.95 6.78
CA ILE E 170 7.11 -23.90 7.68
C ILE E 170 7.11 -22.55 6.99
N PHE E 171 8.03 -22.34 6.04
CA PHE E 171 8.18 -21.03 5.43
C PHE E 171 7.86 -20.98 3.95
N SER E 172 7.80 -22.12 3.27
CA SER E 172 7.63 -22.09 1.82
C SER E 172 7.04 -23.39 1.35
N THR E 173 6.61 -23.40 0.10
CA THR E 173 6.04 -24.56 -0.54
C THR E 173 6.78 -24.82 -1.85
N THR E 174 7.26 -26.04 -2.02
CA THR E 174 7.99 -26.42 -3.21
C THR E 174 7.06 -27.18 -4.15
N MET E 175 7.02 -26.79 -5.41
CA MET E 175 6.17 -27.45 -6.38
C MET E 175 6.88 -27.54 -7.71
N ARG E 176 6.89 -28.72 -8.30
CA ARG E 176 7.54 -28.95 -9.58
C ARG E 176 6.59 -28.57 -10.70
N THR E 177 6.93 -27.53 -11.45
CA THR E 177 6.16 -27.12 -12.60
C THR E 177 6.10 -28.26 -13.62
N ALA E 178 5.13 -28.18 -14.53
CA ALA E 178 4.97 -29.20 -15.54
C ALA E 178 6.16 -29.29 -16.49
N ASP E 179 7.06 -28.30 -16.47
CA ASP E 179 8.23 -28.31 -17.32
C ASP E 179 9.49 -28.74 -16.58
N GLY E 180 9.36 -29.21 -15.36
CA GLY E 180 10.49 -29.66 -14.59
C GLY E 180 11.08 -28.64 -13.66
N LYS E 181 10.77 -27.35 -13.84
CA LYS E 181 11.30 -26.34 -12.96
C LYS E 181 10.74 -26.53 -11.56
N ILE E 182 11.53 -26.13 -10.56
CA ILE E 182 11.14 -26.25 -9.17
C ILE E 182 11.00 -24.85 -8.59
N ILE E 183 9.79 -24.48 -8.25
CA ILE E 183 9.49 -23.16 -7.73
C ILE E 183 9.33 -23.23 -6.23
N VAL E 184 10.07 -22.40 -5.51
CA VAL E 184 9.87 -22.22 -4.09
C VAL E 184 9.01 -20.98 -3.91
N ILE E 185 7.87 -21.14 -3.26
CA ILE E 185 6.92 -20.04 -3.12
C ILE E 185 6.58 -19.87 -1.65
N PRO E 186 6.58 -18.65 -1.13
CA PRO E 186 6.34 -18.45 0.29
C PRO E 186 4.88 -18.67 0.64
N ASN E 187 4.64 -19.10 1.88
CA ASN E 187 3.29 -19.44 2.31
C ASN E 187 2.41 -18.22 2.40
N GLY E 188 2.89 -17.15 3.06
CA GLY E 188 2.09 -15.95 3.20
C GLY E 188 1.60 -15.36 1.90
N LYS E 189 2.19 -15.77 0.77
CA LYS E 189 1.79 -15.27 -0.53
C LYS E 189 0.66 -16.08 -1.14
N ILE E 190 0.57 -17.37 -0.83
CA ILE E 190 -0.47 -18.20 -1.42
C ILE E 190 -1.75 -18.21 -0.58
N ILE E 191 -1.63 -18.03 0.74
CA ILE E 191 -2.82 -17.99 1.58
C ILE E 191 -3.65 -16.74 1.34
N ALA E 192 -3.13 -15.78 0.59
CA ALA E 192 -3.86 -14.56 0.26
C ALA E 192 -4.33 -14.54 -1.19
N GLY E 193 -4.57 -15.72 -1.78
CA GLY E 193 -5.04 -15.81 -3.14
C GLY E 193 -5.96 -17.00 -3.32
N ASN E 194 -6.43 -17.16 -4.55
CA ASN E 194 -7.33 -18.26 -4.87
C ASN E 194 -6.53 -19.55 -5.03
N ILE E 195 -6.73 -20.49 -4.12
CA ILE E 195 -6.02 -21.77 -4.16
C ILE E 195 -6.87 -22.69 -5.02
N ILE E 196 -6.69 -22.57 -6.34
CA ILE E 196 -7.36 -23.49 -7.26
C ILE E 196 -6.83 -24.90 -7.03
N ASN E 197 -7.62 -25.89 -7.40
CA ASN E 197 -7.21 -27.28 -7.24
C ASN E 197 -7.68 -28.07 -8.45
N PHE E 198 -7.05 -29.22 -8.68
CA PHE E 198 -7.37 -30.02 -9.85
C PHE E 198 -7.58 -31.50 -9.56
N SER E 199 -7.04 -32.03 -8.47
CA SER E 199 -7.29 -33.42 -8.11
C SER E 199 -8.36 -33.56 -7.03
N ARG E 200 -8.89 -32.44 -6.55
CA ARG E 200 -9.99 -32.50 -5.58
C ARG E 200 -11.26 -33.03 -6.24
N GLU E 201 -11.65 -32.44 -7.34
CA GLU E 201 -12.82 -32.90 -8.08
C GLU E 201 -12.43 -33.99 -9.06
N PRO E 202 -13.08 -35.15 -9.03
CA PRO E 202 -12.66 -36.24 -9.90
C PRO E 202 -13.01 -36.04 -11.36
N VAL E 203 -14.11 -35.35 -11.67
CA VAL E 203 -14.61 -35.21 -13.03
C VAL E 203 -14.62 -33.74 -13.39
N ARG E 204 -14.10 -33.42 -14.58
CA ARG E 204 -14.01 -32.03 -15.03
C ARG E 204 -14.50 -31.96 -16.48
N ARG E 205 -14.49 -30.75 -17.03
CA ARG E 205 -15.14 -30.48 -18.30
C ARG E 205 -14.17 -29.82 -19.28
N ASN E 206 -14.21 -30.29 -20.51
CA ASN E 206 -13.48 -29.66 -21.60
C ASN E 206 -14.38 -28.65 -22.30
N GLU E 207 -13.79 -27.88 -23.22
CA GLU E 207 -14.56 -26.88 -23.95
C GLU E 207 -13.84 -26.61 -25.27
N PHE E 208 -14.37 -27.17 -26.34
CA PHE E 208 -13.87 -26.89 -27.67
C PHE E 208 -14.60 -25.67 -28.23
N ILE E 209 -13.99 -25.05 -29.23
CA ILE E 209 -14.58 -23.92 -29.94
C ILE E 209 -14.19 -24.08 -31.40
N ILE E 210 -15.17 -24.26 -32.27
CA ILE E 210 -14.93 -24.67 -33.65
C ILE E 210 -15.59 -23.65 -34.56
N GLY E 211 -14.83 -22.66 -35.01
CA GLY E 211 -15.34 -21.68 -35.95
C GLY E 211 -15.41 -22.29 -37.33
N VAL E 212 -16.56 -22.17 -37.97
CA VAL E 212 -16.77 -22.70 -39.32
C VAL E 212 -17.25 -21.57 -40.21
N ALA E 213 -17.25 -21.83 -41.51
CA ALA E 213 -17.66 -20.84 -42.47
C ALA E 213 -19.13 -20.48 -42.29
N TYR E 214 -19.55 -19.40 -42.93
CA TYR E 214 -20.90 -18.88 -42.72
C TYR E 214 -21.94 -19.58 -43.57
N ASP E 215 -21.53 -20.37 -44.56
CA ASP E 215 -22.49 -21.05 -45.41
C ASP E 215 -22.74 -22.50 -45.01
N SER E 216 -22.05 -22.99 -44.00
CA SER E 216 -22.19 -24.38 -43.60
C SER E 216 -23.54 -24.61 -42.93
N ASP E 217 -24.17 -25.73 -43.25
CA ASP E 217 -25.43 -26.09 -42.64
C ASP E 217 -25.24 -26.35 -41.15
N ILE E 218 -26.15 -25.84 -40.33
CA ILE E 218 -26.02 -26.00 -38.89
C ILE E 218 -26.42 -27.40 -38.46
N ASP E 219 -27.46 -27.96 -39.10
CA ASP E 219 -27.92 -29.30 -38.74
C ASP E 219 -26.82 -30.33 -38.96
N GLN E 220 -26.14 -30.25 -40.10
CA GLN E 220 -25.06 -31.18 -40.39
C GLN E 220 -23.94 -31.06 -39.36
N VAL E 221 -23.58 -29.84 -38.99
CA VAL E 221 -22.50 -29.62 -38.04
C VAL E 221 -22.87 -30.22 -36.69
N LYS E 222 -24.08 -29.94 -36.21
CA LYS E 222 -24.47 -30.44 -34.91
C LYS E 222 -24.60 -31.97 -34.93
N GLN E 223 -25.08 -32.52 -36.04
CA GLN E 223 -25.13 -33.97 -36.18
C GLN E 223 -23.75 -34.59 -36.06
N ILE E 224 -22.78 -34.02 -36.79
CA ILE E 224 -21.42 -34.57 -36.78
C ILE E 224 -20.83 -34.49 -35.37
N LEU E 225 -20.96 -33.33 -34.73
CA LEU E 225 -20.37 -33.19 -33.40
C LEU E 225 -21.02 -34.10 -32.40
N THR E 226 -22.33 -34.32 -32.52
CA THR E 226 -23.00 -35.24 -31.61
C THR E 226 -22.56 -36.66 -31.83
N ASN E 227 -22.44 -37.09 -33.10
CA ASN E 227 -21.92 -38.42 -33.37
C ASN E 227 -20.54 -38.60 -32.77
N ILE E 228 -19.68 -37.59 -32.90
CA ILE E 228 -18.32 -37.69 -32.39
C ILE E 228 -18.34 -37.84 -30.87
N ILE E 229 -19.06 -36.95 -30.19
CA ILE E 229 -19.07 -37.02 -28.72
C ILE E 229 -19.92 -38.14 -28.17
N GLN E 230 -20.66 -38.86 -29.03
CA GLN E 230 -21.31 -40.09 -28.59
C GLN E 230 -20.42 -41.30 -28.77
N SER E 231 -19.61 -41.32 -29.83
CA SER E 231 -18.74 -42.47 -30.08
C SER E 231 -17.69 -42.62 -28.99
N GLU E 232 -17.28 -41.54 -28.36
CA GLU E 232 -16.26 -41.62 -27.32
C GLU E 232 -16.77 -42.39 -26.11
N ASP E 233 -15.83 -42.90 -25.32
CA ASP E 233 -16.15 -43.71 -24.16
C ASP E 233 -15.78 -43.07 -22.83
N ARG E 234 -14.66 -42.37 -22.78
CA ARG E 234 -14.28 -41.66 -21.56
C ARG E 234 -15.16 -40.44 -21.31
N ILE E 235 -16.04 -40.10 -22.23
CA ILE E 235 -16.94 -38.97 -22.07
C ILE E 235 -18.13 -39.43 -21.24
N LEU E 236 -18.30 -38.84 -20.05
CA LEU E 236 -19.42 -39.18 -19.19
C LEU E 236 -20.73 -38.86 -19.88
N LYS E 237 -21.63 -39.83 -19.94
CA LYS E 237 -22.90 -39.66 -20.63
C LYS E 237 -24.01 -39.19 -19.71
N ASP E 238 -23.90 -39.43 -18.42
CA ASP E 238 -24.95 -39.04 -17.48
C ASP E 238 -24.94 -37.56 -17.15
N ARG E 239 -24.18 -36.76 -17.90
CA ARG E 239 -24.15 -35.32 -17.65
C ARG E 239 -24.45 -34.57 -18.94
N GLU E 240 -24.28 -33.26 -18.93
CA GLU E 240 -24.64 -32.45 -20.08
C GLU E 240 -23.61 -32.58 -21.19
N MET E 241 -24.10 -32.56 -22.43
CA MET E 241 -23.25 -32.63 -23.61
C MET E 241 -23.78 -31.61 -24.61
N THR E 242 -23.11 -30.48 -24.70
CA THR E 242 -23.62 -29.29 -25.39
C THR E 242 -22.97 -29.15 -26.75
N VAL E 243 -23.80 -29.01 -27.78
CA VAL E 243 -23.34 -28.61 -29.12
C VAL E 243 -24.31 -27.54 -29.60
N ARG E 244 -23.97 -26.28 -29.37
CA ARG E 244 -24.84 -25.17 -29.71
C ARG E 244 -24.07 -24.10 -30.48
N LEU E 245 -24.76 -23.44 -31.40
CA LEU E 245 -24.23 -22.23 -32.02
C LEU E 245 -24.07 -21.17 -30.95
N ASN E 246 -22.84 -20.71 -30.74
CA ASN E 246 -22.57 -19.83 -29.61
C ASN E 246 -22.37 -18.38 -29.99
N GLU E 247 -21.91 -18.07 -31.20
CA GLU E 247 -21.59 -16.70 -31.53
C GLU E 247 -21.40 -16.47 -33.02
N LEU E 248 -22.03 -15.43 -33.54
CA LEU E 248 -21.79 -14.99 -34.91
C LEU E 248 -20.58 -14.06 -34.92
N GLY E 249 -19.53 -14.46 -35.62
CA GLY E 249 -18.25 -13.80 -35.54
C GLY E 249 -17.90 -13.00 -36.78
N ALA E 250 -16.65 -12.57 -36.84
CA ALA E 250 -16.20 -11.69 -37.91
C ALA E 250 -16.09 -12.45 -39.23
N SER E 251 -15.51 -13.64 -39.20
CA SER E 251 -15.37 -14.46 -40.39
C SER E 251 -15.94 -15.87 -40.21
N SER E 252 -16.53 -16.18 -39.07
CA SER E 252 -16.92 -17.54 -38.77
C SER E 252 -17.93 -17.55 -37.63
N ILE E 253 -18.81 -18.53 -37.66
CA ILE E 253 -19.72 -18.79 -36.55
C ILE E 253 -19.07 -19.82 -35.65
N ASN E 254 -19.08 -19.56 -34.34
CA ASN E 254 -18.39 -20.41 -33.40
C ASN E 254 -19.37 -21.35 -32.71
N PHE E 255 -19.04 -22.62 -32.68
CA PHE E 255 -19.80 -23.61 -31.94
C PHE E 255 -19.07 -23.95 -30.66
N VAL E 256 -19.77 -23.92 -29.58
CA VAL E 256 -19.20 -24.38 -28.32
C VAL E 256 -19.53 -25.85 -28.15
N VAL E 257 -18.61 -26.59 -27.54
CA VAL E 257 -18.80 -28.01 -27.27
C VAL E 257 -18.30 -28.27 -25.87
N ARG E 258 -19.17 -28.76 -25.00
CA ARG E 258 -18.83 -29.02 -23.61
C ARG E 258 -19.13 -30.47 -23.26
N VAL E 259 -18.14 -31.17 -22.74
CA VAL E 259 -18.25 -32.57 -22.37
C VAL E 259 -17.48 -32.78 -21.09
N TRP E 260 -17.89 -33.79 -20.33
CA TRP E 260 -17.27 -34.08 -19.04
C TRP E 260 -16.48 -35.38 -19.10
N SER E 261 -15.41 -35.44 -18.31
CA SER E 261 -14.54 -36.60 -18.26
C SER E 261 -13.84 -36.60 -16.92
N ASN E 262 -13.23 -37.73 -16.59
CA ASN E 262 -12.49 -37.82 -15.34
C ASN E 262 -11.23 -36.96 -15.41
N SER E 263 -10.72 -36.58 -14.24
CA SER E 263 -9.54 -35.72 -14.20
C SER E 263 -8.35 -36.35 -14.91
N GLY E 264 -8.32 -37.68 -14.99
CA GLY E 264 -7.20 -38.33 -15.65
C GLY E 264 -7.29 -38.25 -17.16
N ASP E 265 -8.44 -38.60 -17.72
CA ASP E 265 -8.57 -38.70 -19.17
C ASP E 265 -8.57 -37.34 -19.86
N LEU E 266 -8.77 -36.25 -19.12
CA LEU E 266 -9.08 -34.94 -19.69
C LEU E 266 -8.25 -34.59 -20.93
N GLN E 267 -6.93 -34.57 -20.79
CA GLN E 267 -6.10 -34.09 -21.89
C GLN E 267 -6.13 -35.02 -23.08
N ASN E 268 -6.11 -36.33 -22.84
CA ASN E 268 -6.14 -37.27 -23.95
C ASN E 268 -7.49 -37.22 -24.66
N VAL E 269 -8.56 -37.05 -23.91
CA VAL E 269 -9.88 -36.85 -24.50
C VAL E 269 -9.85 -35.61 -25.40
N TYR E 270 -9.27 -34.53 -24.90
CA TYR E 270 -9.16 -33.32 -25.71
C TYR E 270 -8.45 -33.61 -27.02
N TRP E 271 -7.26 -34.21 -26.95
CA TRP E 271 -6.50 -34.43 -28.17
C TRP E 271 -7.21 -35.36 -29.13
N ASP E 272 -7.82 -36.42 -28.61
CA ASP E 272 -8.48 -37.39 -29.48
C ASP E 272 -9.71 -36.79 -30.15
N VAL E 273 -10.56 -36.11 -29.38
CA VAL E 273 -11.72 -35.47 -29.96
C VAL E 273 -11.29 -34.43 -30.98
N LEU E 274 -10.20 -33.72 -30.70
CA LEU E 274 -9.75 -32.68 -31.62
C LEU E 274 -9.30 -33.27 -32.94
N GLU E 275 -8.52 -34.34 -32.90
CA GLU E 275 -8.10 -34.95 -34.17
C GLU E 275 -9.29 -35.58 -34.88
N ARG E 276 -10.24 -36.15 -34.14
CA ARG E 276 -11.41 -36.71 -34.78
C ARG E 276 -12.24 -35.63 -35.46
N ILE E 277 -12.34 -34.46 -34.84
CA ILE E 277 -13.00 -33.32 -35.48
C ILE E 277 -12.28 -32.97 -36.76
N LYS E 278 -10.96 -32.80 -36.68
CA LYS E 278 -10.19 -32.43 -37.87
C LYS E 278 -10.38 -33.42 -38.99
N ARG E 279 -10.54 -34.72 -38.67
CA ARG E 279 -10.73 -35.69 -39.74
C ARG E 279 -12.16 -35.69 -40.26
N GLU E 280 -13.14 -35.67 -39.36
CA GLU E 280 -14.53 -35.80 -39.77
C GLU E 280 -14.99 -34.60 -40.59
N PHE E 281 -14.60 -33.38 -40.18
CA PHE E 281 -15.00 -32.21 -40.92
C PHE E 281 -14.44 -32.25 -42.34
N ASP E 282 -13.15 -32.51 -42.47
CA ASP E 282 -12.56 -32.62 -43.80
C ASP E 282 -13.14 -33.76 -44.59
N ALA E 283 -13.67 -34.80 -43.92
CA ALA E 283 -14.35 -35.85 -44.64
C ALA E 283 -15.72 -35.38 -45.16
N ALA E 284 -16.43 -34.60 -44.35
CA ALA E 284 -17.77 -34.16 -44.71
C ALA E 284 -17.74 -33.08 -45.77
N GLY E 285 -17.03 -31.99 -45.51
CA GLY E 285 -16.96 -30.88 -46.44
C GLY E 285 -16.96 -29.56 -45.74
N ILE E 286 -17.26 -29.58 -44.43
CA ILE E 286 -17.19 -28.37 -43.63
C ILE E 286 -15.78 -27.81 -43.68
N SER E 287 -15.68 -26.48 -43.77
CA SER E 287 -14.41 -25.81 -44.02
C SER E 287 -14.11 -24.83 -42.91
N PHE E 288 -12.96 -25.01 -42.27
CA PHE E 288 -12.46 -23.97 -41.38
C PHE E 288 -12.03 -22.77 -42.22
N PRO E 289 -12.45 -21.58 -41.86
CA PRO E 289 -12.21 -20.43 -42.76
C PRO E 289 -10.95 -19.66 -42.43
N TYR E 290 -10.24 -19.23 -43.46
CA TYR E 290 -9.16 -18.28 -43.26
C TYR E 290 -9.75 -16.91 -42.94
N PRO E 291 -9.00 -16.05 -42.24
CA PRO E 291 -9.51 -14.70 -41.96
C PRO E 291 -9.95 -13.98 -43.23
N GLN E 292 -11.22 -13.63 -43.29
CA GLN E 292 -11.81 -13.07 -44.50
C GLN E 292 -11.76 -11.55 -44.46
N MET E 293 -11.86 -10.96 -45.65
CA MET E 293 -11.85 -9.51 -45.80
C MET E 293 -12.43 -9.18 -47.16
N ASP E 294 -13.31 -8.20 -47.20
CA ASP E 294 -13.95 -7.76 -48.43
C ASP E 294 -13.35 -6.43 -48.86
N VAL E 295 -12.91 -6.35 -50.11
CA VAL E 295 -12.24 -5.17 -50.61
C VAL E 295 -13.05 -4.56 -51.74
N ASN E 296 -13.08 -3.23 -51.79
CA ASN E 296 -13.80 -2.47 -52.80
C ASN E 296 -12.76 -1.81 -53.70
N PHE E 297 -12.59 -2.35 -54.89
CA PHE E 297 -11.54 -1.89 -55.79
C PHE E 297 -11.99 -0.65 -56.55
N LYS E 298 -11.06 0.28 -56.72
CA LYS E 298 -11.34 1.50 -57.48
C LYS E 298 -10.02 2.12 -57.91
N ARG E 299 -9.78 2.17 -59.23
CA ARG E 299 -8.57 2.76 -59.74
C ARG E 299 -8.62 4.28 -59.63
N VAL E 300 -7.44 4.90 -59.59
CA VAL E 300 -7.36 6.35 -59.50
C VAL E 300 -6.76 6.92 -60.78
N MET F 21 19.39 24.01 67.71
CA MET F 21 18.75 24.02 66.41
C MET F 21 19.12 25.28 65.63
N GLU F 22 20.35 25.29 65.10
CA GLU F 22 20.85 26.49 64.43
C GLU F 22 20.01 26.85 63.22
N ASP F 23 19.81 25.89 62.30
CA ASP F 23 19.00 26.14 61.12
C ASP F 23 17.59 26.58 61.48
N LEU F 24 17.11 26.20 62.67
CA LEU F 24 15.81 26.66 63.14
C LEU F 24 15.83 28.16 63.46
N ASN F 25 16.94 28.66 63.99
CA ASN F 25 17.05 30.07 64.34
C ASN F 25 17.54 30.94 63.20
N VAL F 26 18.12 30.36 62.16
CA VAL F 26 18.70 31.16 61.07
C VAL F 26 17.60 31.85 60.27
N VAL F 27 16.70 31.07 59.67
CA VAL F 27 15.75 31.64 58.72
C VAL F 27 14.30 31.32 59.09
N ASP F 28 13.98 30.06 59.32
CA ASP F 28 12.58 29.66 59.46
C ASP F 28 12.03 30.08 60.81
N SER F 29 10.74 30.43 60.82
CA SER F 29 10.06 30.85 62.04
C SER F 29 9.84 29.67 62.97
N ILE F 30 9.93 29.95 64.28
CA ILE F 30 9.84 28.89 65.34
C ILE F 30 8.44 28.28 65.41
N ASN F 31 7.43 29.12 65.64
CA ASN F 31 6.03 28.71 65.78
C ASN F 31 5.80 27.66 66.86
N GLY F 32 6.78 27.40 67.72
CA GLY F 32 6.57 26.53 68.86
C GLY F 32 6.90 25.07 68.59
N ALA F 33 8.00 24.58 69.18
CA ALA F 33 8.44 23.20 69.01
C ALA F 33 8.56 22.83 67.52
N GLY F 34 8.87 23.82 66.69
CA GLY F 34 9.00 23.60 65.27
C GLY F 34 10.39 23.16 64.87
N SER F 35 10.89 22.11 65.51
CA SER F 35 12.25 21.63 65.29
C SER F 35 12.31 20.97 63.92
N TRP F 36 12.51 21.79 62.89
CA TRP F 36 12.35 21.32 61.53
C TRP F 36 13.55 20.52 61.02
N LEU F 37 14.73 20.72 61.59
CA LEU F 37 15.86 19.90 61.17
C LEU F 37 15.74 18.47 61.70
N VAL F 38 15.39 18.31 62.98
CA VAL F 38 15.27 16.98 63.56
C VAL F 38 14.26 16.14 62.78
N ALA F 39 13.22 16.77 62.25
CA ALA F 39 12.19 16.07 61.50
C ALA F 39 12.28 16.32 59.99
N ASN F 40 13.38 16.92 59.52
CA ASN F 40 13.52 17.22 58.11
C ASN F 40 14.89 16.86 57.54
N GLN F 41 15.80 16.35 58.37
CA GLN F 41 17.10 15.95 57.87
C GLN F 41 16.99 14.85 56.83
N ALA F 42 15.96 14.00 56.94
CA ALA F 42 15.73 12.99 55.92
C ALA F 42 15.52 13.64 54.55
N LEU F 43 14.64 14.63 54.49
CA LEU F 43 14.36 15.28 53.22
C LEU F 43 15.54 16.12 52.74
N LEU F 44 16.25 16.76 53.67
CA LEU F 44 17.44 17.52 53.30
C LEU F 44 18.49 16.61 52.68
N LEU F 45 18.74 15.46 53.32
CA LEU F 45 19.70 14.51 52.79
C LEU F 45 19.21 13.90 51.49
N SER F 46 17.90 13.77 51.32
CA SER F 46 17.36 13.34 50.04
C SER F 46 17.73 14.33 48.95
N TYR F 47 17.54 15.62 49.21
CA TYR F 47 17.97 16.64 48.25
C TYR F 47 19.46 16.57 47.99
N ALA F 48 20.25 16.37 49.05
CA ALA F 48 21.70 16.31 48.91
C ALA F 48 22.12 15.16 48.01
N VAL F 49 21.62 13.96 48.30
CA VAL F 49 21.97 12.81 47.48
C VAL F 49 21.41 12.99 46.07
N ASN F 50 20.32 13.72 45.92
CA ASN F 50 19.80 13.99 44.59
C ASN F 50 20.80 14.80 43.77
N ILE F 51 21.27 15.91 44.32
CA ILE F 51 22.19 16.77 43.55
C ILE F 51 23.53 16.06 43.35
N VAL F 52 24.01 15.33 44.36
CA VAL F 52 25.29 14.64 44.22
C VAL F 52 25.19 13.54 43.18
N ALA F 53 24.11 12.77 43.20
CA ALA F 53 23.90 11.74 42.20
C ALA F 53 23.77 12.34 40.82
N ALA F 54 23.14 13.51 40.72
CA ALA F 54 23.10 14.21 39.43
C ALA F 54 24.52 14.53 38.95
N LEU F 55 25.34 15.10 39.83
CA LEU F 55 26.73 15.37 39.47
C LEU F 55 27.43 14.12 38.96
N ALA F 56 27.32 13.03 39.73
CA ALA F 56 28.01 11.80 39.37
C ALA F 56 27.53 11.29 38.02
N ILE F 57 26.22 11.34 37.78
CA ILE F 57 25.69 10.88 36.51
C ILE F 57 26.25 11.72 35.37
N ILE F 58 26.29 13.05 35.56
CA ILE F 58 26.79 13.91 34.48
C ILE F 58 28.25 13.60 34.17
N ILE F 59 29.10 13.52 35.20
CA ILE F 59 30.52 13.34 34.94
C ILE F 59 30.78 11.96 34.34
N VAL F 60 30.09 10.93 34.85
CA VAL F 60 30.30 9.58 34.33
C VAL F 60 29.82 9.48 32.90
N GLY F 61 28.66 10.07 32.59
CA GLY F 61 28.18 10.07 31.23
C GLY F 61 29.11 10.81 30.29
N LEU F 62 29.70 11.91 30.77
CA LEU F 62 30.66 12.64 29.96
C LEU F 62 31.86 11.77 29.60
N ILE F 63 32.51 11.19 30.62
CA ILE F 63 33.72 10.42 30.34
C ILE F 63 33.40 9.19 29.52
N ILE F 64 32.24 8.58 29.75
CA ILE F 64 31.88 7.38 28.98
C ILE F 64 31.59 7.76 27.54
N ALA F 65 30.94 8.90 27.31
CA ALA F 65 30.71 9.35 25.95
C ALA F 65 32.03 9.58 25.23
N ARG F 66 32.97 10.25 25.89
CA ARG F 66 34.29 10.47 25.27
C ARG F 66 34.95 9.14 24.91
N MET F 67 35.03 8.23 25.89
CA MET F 67 35.71 6.97 25.66
C MET F 67 35.07 6.18 24.52
N ILE F 68 33.74 6.01 24.58
CA ILE F 68 33.08 5.18 23.58
C ILE F 68 33.11 5.86 22.22
N SER F 69 33.06 7.19 22.17
CA SER F 69 33.12 7.88 20.89
C SER F 69 34.48 7.69 20.22
N ASN F 70 35.56 7.90 20.97
CA ASN F 70 36.87 7.67 20.36
C ASN F 70 37.06 6.20 20.01
N ALA F 71 36.53 5.29 20.84
CA ALA F 71 36.69 3.86 20.56
C ALA F 71 35.96 3.46 19.28
N VAL F 72 34.75 3.97 19.07
CA VAL F 72 34.03 3.60 17.86
C VAL F 72 34.66 4.26 16.66
N ASN F 73 35.17 5.49 16.80
CA ASN F 73 35.86 6.11 15.67
C ASN F 73 37.10 5.32 15.29
N ARG F 74 37.84 4.81 16.28
CA ARG F 74 38.99 3.97 16.00
C ARG F 74 38.56 2.68 15.30
N LEU F 75 37.69 1.90 15.94
CA LEU F 75 37.29 0.61 15.40
C LEU F 75 36.49 0.73 14.11
N MET F 76 36.11 1.94 13.71
CA MET F 76 35.53 2.13 12.39
C MET F 76 36.53 2.64 11.37
N ILE F 77 37.59 3.33 11.81
CA ILE F 77 38.61 3.78 10.87
C ILE F 77 39.35 2.61 10.23
N SER F 78 39.30 1.42 10.85
CA SER F 78 39.96 0.26 10.27
C SER F 78 39.23 -0.21 9.02
N ARG F 79 37.96 -0.56 9.15
CA ARG F 79 37.19 -1.07 8.03
C ARG F 79 36.92 0.05 7.03
N LYS F 80 36.44 -0.34 5.85
CA LYS F 80 36.14 0.61 4.79
C LYS F 80 35.02 1.54 5.23
N ILE F 81 35.33 2.85 5.30
CA ILE F 81 34.39 3.86 5.73
C ILE F 81 34.65 5.15 4.96
N ASP F 82 33.83 6.16 5.22
CA ASP F 82 34.06 7.51 4.77
C ASP F 82 34.36 8.40 5.98
N ALA F 83 35.22 9.40 5.76
CA ALA F 83 35.65 10.25 6.86
C ALA F 83 34.50 11.04 7.46
N THR F 84 33.75 11.77 6.60
CA THR F 84 32.64 12.56 7.10
C THR F 84 31.56 11.68 7.72
N VAL F 85 31.32 10.50 7.15
CA VAL F 85 30.34 9.59 7.73
C VAL F 85 30.83 9.07 9.07
N ALA F 86 32.13 8.80 9.18
CA ALA F 86 32.69 8.35 10.45
C ALA F 86 32.49 9.41 11.53
N ASP F 87 32.86 10.66 11.23
CA ASP F 87 32.67 11.74 12.19
C ASP F 87 31.19 11.91 12.53
N PHE F 88 30.32 11.83 11.51
CA PHE F 88 28.89 11.97 11.73
C PHE F 88 28.38 10.94 12.72
N LEU F 89 28.71 9.66 12.50
CA LEU F 89 28.19 8.61 13.36
C LEU F 89 28.82 8.66 14.75
N SER F 90 30.11 9.00 14.83
CA SER F 90 30.76 9.08 16.14
C SER F 90 30.15 10.19 16.98
N ALA F 91 29.99 11.38 16.38
CA ALA F 91 29.35 12.48 17.10
C ALA F 91 27.90 12.18 17.41
N LEU F 92 27.22 11.42 16.54
CA LEU F 92 25.85 11.02 16.81
C LEU F 92 25.78 10.17 18.08
N VAL F 93 26.65 9.17 18.17
CA VAL F 93 26.65 8.32 19.36
C VAL F 93 27.03 9.12 20.59
N ARG F 94 28.00 10.02 20.46
CA ARG F 94 28.40 10.87 21.58
C ARG F 94 27.21 11.67 22.09
N TYR F 95 26.52 12.36 21.19
CA TYR F 95 25.38 13.19 21.59
C TYR F 95 24.23 12.35 22.12
N GLY F 96 24.05 11.13 21.60
CA GLY F 96 23.02 10.27 22.14
C GLY F 96 23.28 9.91 23.59
N ILE F 97 24.50 9.49 23.90
CA ILE F 97 24.83 9.18 25.29
C ILE F 97 24.71 10.43 26.15
N ILE F 98 25.10 11.59 25.60
CA ILE F 98 25.00 12.82 26.36
C ILE F 98 23.54 13.14 26.69
N ALA F 99 22.65 12.94 25.71
CA ALA F 99 21.23 13.21 25.93
C ALA F 99 20.65 12.26 26.97
N PHE F 100 21.02 10.99 26.90
CA PHE F 100 20.54 10.06 27.92
C PHE F 100 21.03 10.46 29.30
N THR F 101 22.30 10.89 29.38
CA THR F 101 22.82 11.36 30.66
C THR F 101 22.04 12.56 31.18
N LEU F 102 21.77 13.52 30.31
CA LEU F 102 21.07 14.73 30.72
C LEU F 102 19.66 14.42 31.19
N ILE F 103 18.95 13.57 30.45
CA ILE F 103 17.60 13.20 30.85
C ILE F 103 17.62 12.47 32.18
N ALA F 104 18.56 11.54 32.37
CA ALA F 104 18.65 10.84 33.64
C ALA F 104 18.91 11.80 34.78
N ALA F 105 19.79 12.78 34.57
CA ALA F 105 20.10 13.74 35.64
C ALA F 105 18.89 14.61 35.95
N LEU F 106 18.18 15.06 34.92
CA LEU F 106 16.98 15.84 35.14
C LEU F 106 15.96 15.06 35.95
N GLY F 107 15.68 13.82 35.56
CA GLY F 107 14.79 12.99 36.34
C GLY F 107 15.26 12.82 37.76
N ARG F 108 16.58 12.69 37.96
CA ARG F 108 17.10 12.45 39.28
C ARG F 108 17.01 13.69 40.16
N VAL F 109 17.02 14.88 39.58
CA VAL F 109 17.00 16.09 40.40
C VAL F 109 15.58 16.51 40.76
N GLY F 110 14.59 16.16 39.93
CA GLY F 110 13.22 16.42 40.32
C GLY F 110 12.31 16.90 39.21
N VAL F 111 12.85 17.09 38.01
CA VAL F 111 12.06 17.58 36.90
C VAL F 111 11.30 16.43 36.26
N GLN F 112 10.02 16.64 35.98
CA GLN F 112 9.20 15.63 35.32
C GLN F 112 9.62 15.52 33.87
N THR F 113 10.42 14.52 33.56
CA THR F 113 10.95 14.32 32.22
C THR F 113 10.00 13.54 31.32
N ALA F 114 8.71 13.49 31.65
CA ALA F 114 7.78 12.67 30.88
C ALA F 114 7.66 13.18 29.45
N SER F 115 7.57 14.50 29.28
CA SER F 115 7.36 15.05 27.95
C SER F 115 8.56 14.86 27.05
N VAL F 116 9.77 15.07 27.58
CA VAL F 116 10.97 14.95 26.77
C VAL F 116 11.17 13.51 26.33
N ILE F 117 10.88 12.55 27.21
CA ILE F 117 11.00 11.16 26.80
C ILE F 117 9.84 10.72 25.91
N ALA F 118 8.68 11.38 26.01
CA ALA F 118 7.60 11.10 25.07
C ALA F 118 8.00 11.51 23.65
N VAL F 119 8.52 12.73 23.50
CA VAL F 119 8.96 13.13 22.18
C VAL F 119 10.18 12.34 21.74
N LEU F 120 11.02 11.90 22.68
CA LEU F 120 12.15 11.04 22.33
C LEU F 120 11.67 9.71 21.78
N GLY F 121 10.66 9.11 22.43
CA GLY F 121 10.09 7.88 21.92
C GLY F 121 9.42 8.06 20.57
N ALA F 122 8.75 9.20 20.36
CA ALA F 122 8.21 9.48 19.04
C ALA F 122 9.32 9.52 18.00
N ALA F 123 10.43 10.20 18.30
CA ALA F 123 11.54 10.25 17.36
C ALA F 123 12.13 8.86 17.12
N GLY F 124 12.25 8.06 18.17
CA GLY F 124 12.77 6.72 18.01
C GLY F 124 11.88 5.86 17.13
N LEU F 125 10.57 5.96 17.33
CA LEU F 125 9.64 5.23 16.48
C LEU F 125 9.74 5.71 15.04
N ALA F 126 9.97 7.01 14.84
CA ALA F 126 10.20 7.52 13.50
C ALA F 126 11.43 6.87 12.87
N VAL F 127 12.54 6.85 13.60
CA VAL F 127 13.76 6.25 13.07
C VAL F 127 13.57 4.77 12.79
N GLY F 128 12.78 4.09 13.62
CA GLY F 128 12.53 2.68 13.38
C GLY F 128 11.70 2.45 12.12
N LEU F 129 10.62 3.21 11.96
CA LEU F 129 9.83 3.12 10.75
C LEU F 129 10.63 3.54 9.52
N ALA F 130 11.71 4.31 9.72
CA ALA F 130 12.60 4.61 8.60
C ALA F 130 13.48 3.42 8.26
N LEU F 131 14.16 2.86 9.26
CA LEU F 131 15.08 1.75 9.02
C LEU F 131 14.35 0.48 8.61
N GLN F 132 13.03 0.43 8.80
CA GLN F 132 12.25 -0.73 8.39
C GLN F 132 12.52 -1.15 6.95
N GLY F 133 12.94 -0.21 6.10
CA GLY F 133 13.19 -0.56 4.72
C GLY F 133 14.41 -1.45 4.53
N SER F 134 15.38 -1.38 5.43
CA SER F 134 16.61 -2.15 5.31
C SER F 134 16.73 -3.27 6.32
N LEU F 135 16.13 -3.12 7.50
CA LEU F 135 16.09 -4.23 8.44
C LEU F 135 15.44 -5.46 7.80
N SER F 136 14.43 -5.23 6.96
CA SER F 136 13.80 -6.34 6.26
C SER F 136 14.79 -7.05 5.36
N ASN F 137 15.62 -6.29 4.63
CA ASN F 137 16.62 -6.92 3.78
C ASN F 137 17.61 -7.73 4.60
N LEU F 138 18.00 -7.21 5.77
CA LEU F 138 18.91 -7.94 6.63
C LEU F 138 18.30 -9.27 7.06
N ALA F 139 17.05 -9.25 7.52
CA ALA F 139 16.39 -10.48 7.97
C ALA F 139 16.24 -11.47 6.82
N ALA F 140 15.85 -10.99 5.64
CA ALA F 140 15.71 -11.89 4.50
C ALA F 140 17.04 -12.51 4.13
N GLY F 141 18.13 -11.75 4.25
CA GLY F 141 19.43 -12.34 3.99
C GLY F 141 19.77 -13.44 4.98
N VAL F 142 19.46 -13.21 6.25
CA VAL F 142 19.66 -14.26 7.26
C VAL F 142 18.90 -15.52 6.87
N LEU F 143 17.64 -15.34 6.45
CA LEU F 143 16.82 -16.50 6.12
C LEU F 143 17.32 -17.24 4.89
N LEU F 144 17.73 -16.50 3.86
CA LEU F 144 18.28 -17.15 2.67
C LEU F 144 19.58 -17.87 2.98
N VAL F 145 20.36 -17.38 3.95
CA VAL F 145 21.56 -18.09 4.35
C VAL F 145 21.19 -19.39 5.06
N MET F 146 20.24 -19.33 6.00
CA MET F 146 19.97 -20.50 6.82
C MET F 146 19.15 -21.55 6.09
N PHE F 147 18.31 -21.17 5.14
CA PHE F 147 17.47 -22.13 4.44
C PHE F 147 18.04 -22.58 3.11
N ARG F 148 18.90 -21.78 2.49
CA ARG F 148 19.57 -22.13 1.25
C ARG F 148 18.63 -22.54 0.12
N PRO F 149 17.78 -21.63 -0.36
CA PRO F 149 17.05 -21.92 -1.60
C PRO F 149 17.94 -21.93 -2.83
N PHE F 150 19.18 -21.48 -2.70
CA PHE F 150 20.16 -21.55 -3.78
C PHE F 150 21.54 -21.32 -3.22
N ARG F 151 22.54 -21.85 -3.92
CA ARG F 151 23.93 -21.70 -3.54
C ARG F 151 24.61 -20.72 -4.50
N ALA F 152 25.92 -20.59 -4.36
CA ALA F 152 26.68 -19.63 -5.14
C ALA F 152 26.56 -19.87 -6.64
N GLY F 153 27.04 -21.01 -7.12
CA GLY F 153 27.01 -21.26 -8.56
C GLY F 153 25.65 -21.55 -9.14
N GLU F 154 24.61 -21.58 -8.31
CA GLU F 154 23.29 -21.99 -8.77
C GLU F 154 22.70 -20.96 -9.73
N TYR F 155 22.17 -21.44 -10.85
CA TYR F 155 21.54 -20.57 -11.84
C TYR F 155 20.06 -20.46 -11.50
N VAL F 156 19.63 -19.26 -11.10
CA VAL F 156 18.30 -19.07 -10.53
C VAL F 156 17.51 -18.05 -11.32
N ASP F 157 16.30 -17.75 -10.85
CA ASP F 157 15.45 -16.71 -11.43
C ASP F 157 14.71 -16.05 -10.28
N LEU F 158 15.10 -14.84 -9.93
CA LEU F 158 14.55 -14.15 -8.77
C LEU F 158 13.68 -12.99 -9.25
N GLY F 159 12.39 -13.25 -9.40
CA GLY F 159 11.44 -12.19 -9.71
C GLY F 159 11.68 -11.51 -11.04
N GLY F 160 11.89 -12.28 -12.09
CA GLY F 160 11.98 -11.74 -13.43
C GLY F 160 13.38 -11.46 -13.94
N VAL F 161 14.42 -11.70 -13.13
CA VAL F 161 15.79 -11.54 -13.56
C VAL F 161 16.52 -12.86 -13.33
N ALA F 162 17.02 -13.46 -14.40
CA ALA F 162 17.61 -14.79 -14.36
C ALA F 162 19.08 -14.71 -14.70
N GLY F 163 19.91 -15.36 -13.88
CA GLY F 163 21.33 -15.37 -14.12
C GLY F 163 22.09 -16.05 -13.00
N THR F 164 23.29 -16.52 -13.30
CA THR F 164 24.09 -17.24 -12.32
C THR F 164 24.37 -16.37 -11.11
N VAL F 165 24.01 -16.88 -9.92
CA VAL F 165 24.36 -16.18 -8.70
C VAL F 165 25.87 -16.10 -8.57
N LEU F 166 26.35 -15.03 -7.96
CA LEU F 166 27.77 -14.87 -7.68
C LEU F 166 28.09 -14.88 -6.20
N SER F 167 27.24 -14.28 -5.37
CA SER F 167 27.48 -14.28 -3.95
C SER F 167 26.18 -13.90 -3.24
N VAL F 168 26.08 -14.29 -1.98
CA VAL F 168 24.96 -13.91 -1.13
C VAL F 168 25.53 -13.24 0.10
N GLN F 169 25.13 -12.01 0.35
CA GLN F 169 25.65 -11.22 1.45
C GLN F 169 24.51 -10.87 2.41
N ILE F 170 24.81 -10.01 3.37
CA ILE F 170 23.84 -9.70 4.41
C ILE F 170 22.71 -8.84 3.88
N PHE F 171 23.01 -7.97 2.92
CA PHE F 171 22.02 -7.01 2.45
C PHE F 171 21.58 -7.20 1.00
N SER F 172 22.33 -7.95 0.20
CA SER F 172 22.01 -8.02 -1.21
C SER F 172 22.59 -9.30 -1.80
N THR F 173 22.16 -9.60 -3.02
CA THR F 173 22.61 -10.77 -3.74
C THR F 173 23.10 -10.32 -5.11
N THR F 174 24.32 -10.72 -5.46
CA THR F 174 24.92 -10.36 -6.73
C THR F 174 24.80 -11.54 -7.68
N MET F 175 24.31 -11.29 -8.89
CA MET F 175 24.16 -12.35 -9.86
C MET F 175 24.50 -11.81 -11.25
N ARG F 176 25.34 -12.54 -11.97
CA ARG F 176 25.75 -12.15 -13.30
C ARG F 176 24.72 -12.62 -14.31
N THR F 177 24.04 -11.69 -14.95
CA THR F 177 23.09 -12.01 -16.00
C THR F 177 23.80 -12.75 -17.14
N ALA F 178 23.01 -13.42 -17.96
CA ALA F 178 23.57 -14.17 -19.08
C ALA F 178 24.25 -13.28 -20.10
N ASP F 179 24.06 -11.96 -20.03
CA ASP F 179 24.70 -11.03 -20.95
C ASP F 179 25.91 -10.34 -20.35
N GLY F 180 26.35 -10.77 -19.18
CA GLY F 180 27.51 -10.20 -18.53
C GLY F 180 27.20 -9.11 -17.53
N LYS F 181 26.01 -8.53 -17.56
CA LYS F 181 25.66 -7.51 -16.59
C LYS F 181 25.65 -8.09 -15.19
N ILE F 182 25.96 -7.25 -14.21
CA ILE F 182 25.99 -7.66 -12.82
C ILE F 182 24.90 -6.90 -12.08
N ILE F 183 23.89 -7.62 -11.61
CA ILE F 183 22.77 -7.03 -10.93
C ILE F 183 22.92 -7.24 -9.44
N VAL F 184 22.84 -6.16 -8.68
CA VAL F 184 22.76 -6.23 -7.22
C VAL F 184 21.29 -6.13 -6.85
N ILE F 185 20.77 -7.12 -6.17
CA ILE F 185 19.36 -7.17 -5.84
C ILE F 185 19.20 -7.37 -4.34
N PRO F 186 18.33 -6.60 -3.69
CA PRO F 186 18.21 -6.70 -2.24
C PRO F 186 17.51 -7.98 -1.82
N ASN F 187 17.85 -8.46 -0.63
CA ASN F 187 17.32 -9.73 -0.15
C ASN F 187 15.84 -9.65 0.13
N GLY F 188 15.41 -8.62 0.87
CA GLY F 188 14.01 -8.49 1.20
C GLY F 188 13.08 -8.48 0.01
N LYS F 189 13.62 -8.25 -1.18
CA LYS F 189 12.82 -8.22 -2.39
C LYS F 189 12.65 -9.59 -3.02
N ILE F 190 13.62 -10.48 -2.84
CA ILE F 190 13.53 -11.80 -3.46
C ILE F 190 12.84 -12.80 -2.55
N ILE F 191 12.95 -12.64 -1.24
CA ILE F 191 12.28 -13.56 -0.33
C ILE F 191 10.77 -13.40 -0.36
N ALA F 192 10.26 -12.38 -1.03
CA ALA F 192 8.83 -12.17 -1.17
C ALA F 192 8.33 -12.49 -2.57
N GLY F 193 9.01 -13.40 -3.28
CA GLY F 193 8.60 -13.79 -4.61
C GLY F 193 8.93 -15.25 -4.86
N ASN F 194 8.59 -15.69 -6.06
CA ASN F 194 8.83 -17.08 -6.46
C ASN F 194 10.30 -17.26 -6.82
N ILE F 195 11.02 -18.03 -6.01
CA ILE F 195 12.43 -18.29 -6.24
C ILE F 195 12.50 -19.50 -7.15
N ILE F 196 12.36 -19.26 -8.45
CA ILE F 196 12.51 -20.34 -9.42
C ILE F 196 13.96 -20.81 -9.39
N ASN F 197 14.19 -22.04 -9.82
CA ASN F 197 15.53 -22.60 -9.86
C ASN F 197 15.67 -23.44 -11.12
N PHE F 198 16.92 -23.68 -11.51
CA PHE F 198 17.19 -24.40 -12.74
C PHE F 198 18.24 -25.50 -12.62
N SER F 199 19.12 -25.44 -11.63
CA SER F 199 20.08 -26.51 -11.42
C SER F 199 19.65 -27.45 -10.30
N ARG F 200 18.52 -27.18 -9.65
CA ARG F 200 18.01 -28.09 -8.63
C ARG F 200 17.54 -29.39 -9.27
N GLU F 201 16.70 -29.30 -10.26
CA GLU F 201 16.21 -30.48 -10.97
C GLU F 201 17.18 -30.84 -12.10
N PRO F 202 17.66 -32.08 -12.16
CA PRO F 202 18.65 -32.42 -13.19
C PRO F 202 18.08 -32.53 -14.59
N VAL F 203 16.83 -32.95 -14.73
CA VAL F 203 16.23 -33.22 -16.03
C VAL F 203 15.05 -32.28 -16.22
N ARG F 204 14.97 -31.65 -17.40
CA ARG F 204 13.91 -30.71 -17.70
C ARG F 204 13.36 -31.00 -19.08
N ARG F 205 12.36 -30.22 -19.50
CA ARG F 205 11.58 -30.51 -20.68
C ARG F 205 11.56 -29.34 -21.64
N ASN F 206 11.73 -29.63 -22.92
CA ASN F 206 11.56 -28.64 -23.97
C ASN F 206 10.14 -28.68 -24.49
N GLU F 207 9.80 -27.73 -25.34
CA GLU F 207 8.46 -27.67 -25.91
C GLU F 207 8.52 -26.92 -27.22
N PHE F 208 8.48 -27.65 -28.32
CA PHE F 208 8.41 -27.06 -29.64
C PHE F 208 6.94 -26.85 -30.01
N ILE F 209 6.72 -25.95 -30.97
CA ILE F 209 5.39 -25.69 -31.50
C ILE F 209 5.56 -25.45 -32.99
N ILE F 210 4.99 -26.31 -33.81
CA ILE F 210 5.26 -26.33 -35.24
C ILE F 210 3.95 -26.20 -35.99
N GLY F 211 3.61 -24.97 -36.37
CA GLY F 211 2.41 -24.74 -37.15
C GLY F 211 2.66 -25.13 -38.59
N VAL F 212 1.77 -25.94 -39.14
CA VAL F 212 1.86 -26.40 -40.52
C VAL F 212 0.58 -26.03 -41.25
N ALA F 213 0.61 -26.17 -42.56
CA ALA F 213 -0.54 -25.84 -43.38
C ALA F 213 -1.71 -26.77 -43.05
N TYR F 214 -2.89 -26.39 -43.54
CA TYR F 214 -4.10 -27.12 -43.19
C TYR F 214 -4.32 -28.35 -44.06
N ASP F 215 -3.58 -28.51 -45.15
CA ASP F 215 -3.78 -29.66 -46.01
C ASP F 215 -2.78 -30.78 -45.76
N SER F 216 -1.82 -30.57 -44.86
CA SER F 216 -0.80 -31.57 -44.61
C SER F 216 -1.38 -32.77 -43.89
N ASP F 217 -0.95 -33.96 -44.31
CA ASP F 217 -1.39 -35.18 -43.65
C ASP F 217 -0.88 -35.23 -42.22
N ILE F 218 -1.73 -35.64 -41.30
CA ILE F 218 -1.34 -35.67 -39.89
C ILE F 218 -0.47 -36.88 -39.59
N ASP F 219 -0.76 -38.01 -40.24
CA ASP F 219 0.02 -39.22 -40.00
C ASP F 219 1.47 -39.01 -40.41
N GLN F 220 1.69 -38.41 -41.57
CA GLN F 220 3.05 -38.14 -42.03
C GLN F 220 3.79 -37.24 -41.06
N VAL F 221 3.12 -36.18 -40.59
CA VAL F 221 3.76 -35.25 -39.68
C VAL F 221 4.16 -35.93 -38.40
N LYS F 222 3.25 -36.70 -37.81
CA LYS F 222 3.56 -37.36 -36.54
C LYS F 222 4.64 -38.41 -36.73
N GLN F 223 4.63 -39.10 -37.87
CA GLN F 223 5.69 -40.06 -38.17
C GLN F 223 7.05 -39.38 -38.22
N ILE F 224 7.12 -38.25 -38.94
CA ILE F 224 8.40 -37.54 -39.07
C ILE F 224 8.89 -37.07 -37.71
N LEU F 225 8.00 -36.45 -36.93
CA LEU F 225 8.43 -35.92 -35.64
C LEU F 225 8.86 -37.04 -34.70
N THR F 226 8.18 -38.20 -34.77
CA THR F 226 8.59 -39.31 -33.92
C THR F 226 9.94 -39.87 -34.34
N ASN F 227 10.17 -40.00 -35.64
CA ASN F 227 11.49 -40.44 -36.10
C ASN F 227 12.57 -39.49 -35.62
N ILE F 228 12.31 -38.19 -35.69
CA ILE F 228 13.31 -37.20 -35.27
C ILE F 228 13.60 -37.34 -33.79
N ILE F 229 12.56 -37.36 -32.96
CA ILE F 229 12.79 -37.45 -31.52
C ILE F 229 13.20 -38.83 -31.05
N GLN F 230 13.18 -39.83 -31.92
CA GLN F 230 13.77 -41.12 -31.59
C GLN F 230 15.23 -41.18 -31.97
N SER F 231 15.62 -40.55 -33.07
CA SER F 231 17.01 -40.59 -33.52
C SER F 231 17.93 -39.90 -32.52
N GLU F 232 17.44 -38.91 -31.78
CA GLU F 232 18.28 -38.20 -30.84
C GLU F 232 18.70 -39.10 -29.70
N ASP F 233 19.78 -38.72 -29.03
CA ASP F 233 20.36 -39.50 -27.95
C ASP F 233 20.27 -38.84 -26.59
N ARG F 234 20.44 -37.52 -26.52
CA ARG F 234 20.29 -36.82 -25.26
C ARG F 234 18.84 -36.74 -24.80
N ILE F 235 17.90 -37.18 -25.64
CA ILE F 235 16.49 -37.18 -25.28
C ILE F 235 16.20 -38.42 -24.43
N LEU F 236 15.80 -38.19 -23.19
CA LEU F 236 15.47 -39.30 -22.30
C LEU F 236 14.31 -40.11 -22.85
N LYS F 237 14.49 -41.42 -22.97
CA LYS F 237 13.47 -42.27 -23.55
C LYS F 237 12.52 -42.86 -22.52
N ASP F 238 12.95 -42.95 -21.26
CA ASP F 238 12.12 -43.55 -20.24
C ASP F 238 11.03 -42.61 -19.74
N ARG F 239 10.79 -41.51 -20.43
CA ARG F 239 9.74 -40.58 -20.03
C ARG F 239 8.81 -40.31 -21.20
N GLU F 240 7.92 -39.35 -21.05
CA GLU F 240 6.90 -39.09 -22.07
C GLU F 240 7.51 -38.35 -23.26
N MET F 241 7.03 -38.70 -24.45
CA MET F 241 7.47 -38.05 -25.69
C MET F 241 6.21 -37.80 -26.52
N THR F 242 5.76 -36.56 -26.52
CA THR F 242 4.44 -36.20 -27.03
C THR F 242 4.55 -35.57 -28.41
N VAL F 243 3.79 -36.10 -29.36
CA VAL F 243 3.61 -35.47 -30.66
C VAL F 243 2.12 -35.53 -30.97
N ARG F 244 1.39 -34.48 -30.62
CA ARG F 244 -0.06 -34.44 -30.77
C ARG F 244 -0.49 -33.16 -31.45
N LEU F 245 -1.55 -33.25 -32.24
CA LEU F 245 -2.22 -32.07 -32.75
C LEU F 245 -2.81 -31.29 -31.58
N ASN F 246 -2.36 -30.06 -31.39
CA ASN F 246 -2.71 -29.32 -30.20
C ASN F 246 -3.75 -28.24 -30.42
N GLU F 247 -3.86 -27.67 -31.61
CA GLU F 247 -4.76 -26.54 -31.80
C GLU F 247 -5.01 -26.22 -33.27
N LEU F 248 -6.27 -26.03 -33.62
CA LEU F 248 -6.64 -25.55 -34.95
C LEU F 248 -6.59 -24.03 -34.92
N GLY F 249 -5.71 -23.44 -35.73
CA GLY F 249 -5.41 -22.02 -35.66
C GLY F 249 -5.97 -21.23 -36.82
N ALA F 250 -5.52 -19.98 -36.91
CA ALA F 250 -6.06 -19.06 -37.89
C ALA F 250 -5.57 -19.41 -39.30
N SER F 251 -4.29 -19.71 -39.45
CA SER F 251 -3.72 -20.10 -40.72
C SER F 251 -2.98 -21.43 -40.67
N SER F 252 -2.96 -22.11 -39.54
CA SER F 252 -2.13 -23.29 -39.38
C SER F 252 -2.59 -24.09 -38.18
N ILE F 253 -2.41 -25.40 -38.27
CA ILE F 253 -2.63 -26.29 -37.13
C ILE F 253 -1.32 -26.45 -36.40
N ASN F 254 -1.35 -26.34 -35.08
CA ASN F 254 -0.15 -26.36 -34.28
C ASN F 254 0.05 -27.72 -33.64
N PHE F 255 1.25 -28.27 -33.78
CA PHE F 255 1.62 -29.51 -33.11
C PHE F 255 2.51 -29.18 -31.93
N VAL F 256 2.18 -29.72 -30.81
CA VAL F 256 3.06 -29.60 -29.65
C VAL F 256 4.01 -30.79 -29.64
N VAL F 257 5.22 -30.55 -29.17
CA VAL F 257 6.23 -31.60 -29.05
C VAL F 257 6.93 -31.41 -27.73
N ARG F 258 6.88 -32.42 -26.87
CA ARG F 258 7.46 -32.34 -25.54
C ARG F 258 8.43 -33.49 -25.35
N VAL F 259 9.66 -33.18 -24.98
CA VAL F 259 10.71 -34.16 -24.76
C VAL F 259 11.54 -33.72 -23.56
N TRP F 260 12.14 -34.69 -22.89
CA TRP F 260 12.92 -34.42 -21.69
C TRP F 260 14.40 -34.63 -21.96
N SER F 261 15.22 -33.86 -21.24
CA SER F 261 16.66 -33.91 -21.38
C SER F 261 17.28 -33.40 -20.09
N ASN F 262 18.58 -33.64 -19.94
CA ASN F 262 19.27 -33.15 -18.76
C ASN F 262 19.39 -31.64 -18.82
N SER F 263 19.57 -31.03 -17.65
CA SER F 263 19.65 -29.57 -17.59
C SER F 263 20.79 -29.03 -18.42
N GLY F 264 21.82 -29.84 -18.66
CA GLY F 264 22.93 -29.37 -19.46
C GLY F 264 22.62 -29.34 -20.95
N ASP F 265 22.09 -30.45 -21.47
CA ASP F 265 21.89 -30.58 -22.90
C ASP F 265 20.77 -29.71 -23.44
N LEU F 266 19.90 -29.19 -22.57
CA LEU F 266 18.63 -28.59 -22.97
C LEU F 266 18.71 -27.71 -24.20
N GLN F 267 19.55 -26.66 -24.15
CA GLN F 267 19.56 -25.69 -25.23
C GLN F 267 20.10 -26.27 -26.52
N ASN F 268 21.15 -27.08 -26.44
CA ASN F 268 21.71 -27.68 -27.64
C ASN F 268 20.74 -28.67 -28.26
N VAL F 269 20.03 -29.42 -27.41
CA VAL F 269 18.98 -30.30 -27.91
C VAL F 269 17.93 -29.49 -28.64
N TYR F 270 17.52 -28.36 -28.06
CA TYR F 270 16.56 -27.49 -28.73
C TYR F 270 17.06 -27.10 -30.11
N TRP F 271 18.27 -26.55 -30.18
CA TRP F 271 18.76 -26.06 -31.47
C TRP F 271 18.91 -27.18 -32.49
N ASP F 272 19.41 -28.35 -32.05
CA ASP F 272 19.62 -29.45 -32.99
C ASP F 272 18.31 -30.01 -33.51
N VAL F 273 17.35 -30.25 -32.60
CA VAL F 273 16.05 -30.73 -33.03
C VAL F 273 15.39 -29.72 -33.95
N LEU F 274 15.56 -28.43 -33.67
CA LEU F 274 14.92 -27.40 -34.48
C LEU F 274 15.50 -27.40 -35.89
N GLU F 275 16.81 -27.46 -36.03
CA GLU F 275 17.38 -27.50 -37.37
C GLU F 275 17.03 -28.80 -38.08
N ARG F 276 16.96 -29.91 -37.35
CA ARG F 276 16.57 -31.18 -37.97
C ARG F 276 15.14 -31.11 -38.48
N ILE F 277 14.26 -30.46 -37.71
CA ILE F 277 12.89 -30.24 -38.18
C ILE F 277 12.90 -29.44 -39.46
N LYS F 278 13.60 -28.30 -39.44
CA LYS F 278 13.65 -27.45 -40.62
C LYS F 278 14.16 -28.19 -41.84
N ARG F 279 15.08 -29.13 -41.66
CA ARG F 279 15.58 -29.87 -42.81
C ARG F 279 14.62 -30.98 -43.24
N GLU F 280 14.10 -31.74 -42.28
CA GLU F 280 13.27 -32.90 -42.61
C GLU F 280 11.96 -32.48 -43.26
N PHE F 281 11.33 -31.43 -42.73
CA PHE F 281 10.07 -30.97 -43.32
C PHE F 281 10.27 -30.53 -44.76
N ASP F 282 11.27 -29.69 -45.00
CA ASP F 282 11.54 -29.26 -46.37
C ASP F 282 11.96 -30.43 -47.26
N ALA F 283 12.50 -31.50 -46.67
CA ALA F 283 12.79 -32.69 -47.47
C ALA F 283 11.52 -33.44 -47.83
N ALA F 284 10.58 -33.51 -46.90
CA ALA F 284 9.35 -34.28 -47.13
C ALA F 284 8.40 -33.54 -48.06
N GLY F 285 8.05 -32.31 -47.71
CA GLY F 285 7.11 -31.53 -48.51
C GLY F 285 6.18 -30.71 -47.66
N ILE F 286 6.18 -30.99 -46.35
CA ILE F 286 5.39 -30.20 -45.42
C ILE F 286 5.84 -28.74 -45.49
N SER F 287 4.88 -27.84 -45.43
CA SER F 287 5.12 -26.42 -45.69
C SER F 287 4.70 -25.59 -44.49
N PHE F 288 5.64 -24.83 -43.95
CA PHE F 288 5.28 -23.81 -42.99
C PHE F 288 4.52 -22.70 -43.70
N PRO F 289 3.38 -22.28 -43.19
CA PRO F 289 2.54 -21.36 -43.96
C PRO F 289 2.78 -19.89 -43.63
N TYR F 290 2.75 -19.04 -44.64
CA TYR F 290 2.72 -17.61 -44.40
C TYR F 290 1.34 -17.21 -43.88
N PRO F 291 1.24 -16.12 -43.14
CA PRO F 291 -0.07 -15.66 -42.69
C PRO F 291 -1.07 -15.52 -43.83
N GLN F 292 -2.14 -16.29 -43.77
CA GLN F 292 -3.09 -16.36 -44.86
C GLN F 292 -4.23 -15.38 -44.66
N MET F 293 -4.90 -15.06 -45.76
CA MET F 293 -6.02 -14.13 -45.75
C MET F 293 -6.81 -14.33 -47.02
N ASP F 294 -8.13 -14.39 -46.88
CA ASP F 294 -9.02 -14.59 -48.01
C ASP F 294 -9.72 -13.27 -48.32
N VAL F 295 -9.68 -12.85 -49.58
CA VAL F 295 -10.23 -11.57 -49.99
C VAL F 295 -11.35 -11.81 -50.98
N ASN F 296 -12.39 -10.98 -50.87
CA ASN F 296 -13.56 -11.04 -51.74
C ASN F 296 -13.53 -9.80 -52.62
N PHE F 297 -13.17 -9.97 -53.87
CA PHE F 297 -12.98 -8.85 -54.78
C PHE F 297 -14.31 -8.40 -55.37
N LYS F 298 -14.47 -7.09 -55.49
CA LYS F 298 -15.68 -6.52 -56.09
C LYS F 298 -15.37 -5.09 -56.53
N ARG F 299 -15.43 -4.86 -57.83
CA ARG F 299 -15.19 -3.52 -58.36
C ARG F 299 -16.38 -2.61 -58.07
N VAL F 300 -16.12 -1.32 -58.03
CA VAL F 300 -17.16 -0.33 -57.78
C VAL F 300 -17.39 0.51 -59.03
N MET G 21 2.40 28.61 68.64
CA MET G 21 1.83 28.14 67.39
C MET G 21 0.99 29.24 66.74
N GLU G 22 1.67 30.22 66.14
CA GLU G 22 0.98 31.38 65.58
C GLU G 22 0.02 30.97 64.46
N ASP G 23 0.52 30.24 63.47
CA ASP G 23 -0.33 29.79 62.37
C ASP G 23 -1.52 28.97 62.87
N LEU G 24 -1.36 28.33 64.04
CA LEU G 24 -2.47 27.60 64.64
C LEU G 24 -3.56 28.54 65.13
N ASN G 25 -3.20 29.71 65.64
CA ASN G 25 -4.17 30.68 66.14
C ASN G 25 -4.68 31.63 65.07
N VAL G 26 -3.99 31.74 63.94
CA VAL G 26 -4.39 32.72 62.92
C VAL G 26 -5.71 32.32 62.28
N VAL G 27 -5.75 31.14 61.65
CA VAL G 27 -6.91 30.78 60.83
C VAL G 27 -7.53 29.45 61.25
N ASP G 28 -6.73 28.39 61.35
CA ASP G 28 -7.27 27.06 61.54
C ASP G 28 -7.77 26.85 62.96
N SER G 29 -8.85 26.08 63.10
CA SER G 29 -9.44 25.79 64.39
C SER G 29 -8.55 24.85 65.21
N ILE G 30 -8.53 25.06 66.52
CA ILE G 30 -7.64 24.31 67.46
C ILE G 30 -8.03 22.83 67.55
N ASN G 31 -9.28 22.57 67.94
CA ASN G 31 -9.83 21.22 68.11
C ASN G 31 -9.02 20.36 69.08
N GLY G 32 -8.10 20.94 69.84
CA GLY G 32 -7.42 20.20 70.89
C GLY G 32 -6.13 19.54 70.43
N ALA G 33 -4.99 20.08 70.89
CA ALA G 33 -3.67 19.56 70.52
C ALA G 33 -3.50 19.44 69.00
N GLY G 34 -4.17 20.34 68.28
CA GLY G 34 -4.11 20.33 66.83
C GLY G 34 -2.95 21.15 66.30
N SER G 35 -1.74 20.86 66.79
CA SER G 35 -0.55 21.63 66.42
C SER G 35 -0.18 21.28 64.99
N TRP G 36 -0.82 21.97 64.05
CA TRP G 36 -0.73 21.58 62.64
C TRP G 36 0.56 22.03 61.97
N LEU G 37 1.23 23.06 62.49
CA LEU G 37 2.52 23.43 61.91
C LEU G 37 3.60 22.42 62.27
N VAL G 38 3.66 22.02 63.54
CA VAL G 38 4.69 21.07 63.98
C VAL G 38 4.61 19.78 63.18
N ALA G 39 3.39 19.38 62.79
CA ALA G 39 3.19 18.16 62.02
C ALA G 39 2.87 18.42 60.56
N ASN G 40 3.03 19.66 60.09
CA ASN G 40 2.71 20.00 58.71
C ASN G 40 3.77 20.84 58.02
N GLN G 41 4.84 21.21 58.73
CA GLN G 41 5.90 21.99 58.10
C GLN G 41 6.54 21.22 56.96
N ALA G 42 6.56 19.90 57.03
CA ALA G 42 7.06 19.10 55.92
C ALA G 42 6.26 19.37 54.65
N LEU G 43 4.93 19.32 54.76
CA LEU G 43 4.09 19.54 53.58
C LEU G 43 4.13 20.99 53.14
N LEU G 44 4.19 21.92 54.09
CA LEU G 44 4.31 23.33 53.74
C LEU G 44 5.59 23.59 52.95
N LEU G 45 6.71 23.05 53.44
CA LEU G 45 7.97 23.22 52.74
C LEU G 45 7.97 22.49 51.41
N SER G 46 7.22 21.38 51.31
CA SER G 46 7.05 20.73 50.02
C SER G 46 6.39 21.66 49.03
N TYR G 47 5.31 22.31 49.45
CA TYR G 47 4.66 23.31 48.60
C TYR G 47 5.62 24.43 48.23
N ALA G 48 6.40 24.89 49.21
CA ALA G 48 7.33 25.99 48.98
C ALA G 48 8.36 25.61 47.92
N VAL G 49 9.03 24.46 48.11
CA VAL G 49 10.01 24.04 47.13
C VAL G 49 9.35 23.74 45.79
N ASN G 50 8.07 23.36 45.80
CA ASN G 50 7.38 23.15 44.54
C ASN G 50 7.27 24.46 43.76
N ILE G 51 6.78 25.51 44.40
CA ILE G 51 6.61 26.77 43.68
C ILE G 51 7.95 27.39 43.31
N VAL G 52 8.94 27.27 44.20
CA VAL G 52 10.26 27.84 43.90
C VAL G 52 10.92 27.08 42.75
N ALA G 53 10.83 25.76 42.75
CA ALA G 53 11.36 24.98 41.66
C ALA G 53 10.64 25.29 40.36
N ALA G 54 9.33 25.54 40.44
CA ALA G 54 8.61 25.97 39.24
C ALA G 54 9.18 27.28 38.71
N LEU G 55 9.38 28.27 39.59
CA LEU G 55 10.00 29.53 39.18
C LEU G 55 11.34 29.29 38.50
N ALA G 56 12.19 28.51 39.14
CA ALA G 56 13.52 28.28 38.60
C ALA G 56 13.44 27.62 37.23
N ILE G 57 12.55 26.64 37.08
CA ILE G 57 12.40 25.96 35.80
C ILE G 57 11.97 26.95 34.74
N ILE G 58 11.00 27.81 35.07
CA ILE G 58 10.51 28.77 34.07
C ILE G 58 11.62 29.71 33.63
N ILE G 59 12.34 30.30 34.58
CA ILE G 59 13.34 31.29 34.22
C ILE G 59 14.49 30.64 33.45
N VAL G 60 14.92 29.45 33.87
CA VAL G 60 16.02 28.78 33.20
C VAL G 60 15.60 28.37 31.79
N GLY G 61 14.38 27.85 31.64
CA GLY G 61 13.91 27.51 30.31
C GLY G 61 13.80 28.72 29.41
N LEU G 62 13.39 29.86 29.97
CA LEU G 62 13.32 31.09 29.19
C LEU G 62 14.70 31.48 28.66
N ILE G 63 15.68 31.59 29.56
CA ILE G 63 16.98 32.06 29.12
C ILE G 63 17.64 31.04 28.19
N ILE G 64 17.41 29.76 28.41
CA ILE G 64 18.01 28.75 27.54
C ILE G 64 17.34 28.79 26.17
N ALA G 65 16.04 29.01 26.12
CA ALA G 65 15.37 29.14 24.84
C ALA G 65 15.92 30.32 24.06
N ARG G 66 16.08 31.47 24.74
CA ARG G 66 16.65 32.64 24.06
C ARG G 66 18.05 32.33 23.51
N MET G 67 18.92 31.80 24.37
CA MET G 67 20.29 31.53 23.96
C MET G 67 20.34 30.57 22.79
N ILE G 68 19.66 29.43 22.90
CA ILE G 68 19.74 28.42 21.86
C ILE G 68 19.07 28.90 20.58
N SER G 69 18.01 29.70 20.70
CA SER G 69 17.35 30.20 19.50
C SER G 69 18.27 31.15 18.73
N ASN G 70 18.88 32.12 19.43
CA ASN G 70 19.79 33.00 18.71
C ASN G 70 21.01 32.23 18.19
N ALA G 71 21.47 31.23 18.93
CA ALA G 71 22.63 30.46 18.48
C ALA G 71 22.32 29.67 17.22
N VAL G 72 21.15 29.05 17.15
CA VAL G 72 20.82 28.29 15.95
C VAL G 72 20.56 29.23 14.78
N ASN G 73 19.95 30.39 15.04
CA ASN G 73 19.75 31.34 13.95
C ASN G 73 21.09 31.82 13.40
N ARG G 74 22.06 32.05 14.28
CA ARG G 74 23.41 32.42 13.83
C ARG G 74 24.04 31.29 13.02
N LEU G 75 24.17 30.11 13.62
CA LEU G 75 24.84 29.00 12.96
C LEU G 75 24.08 28.48 11.75
N MET G 76 22.87 28.96 11.50
CA MET G 76 22.18 28.65 10.26
C MET G 76 22.29 29.78 9.25
N ILE G 77 22.48 31.02 9.69
CA ILE G 77 22.65 32.13 8.75
C ILE G 77 23.93 31.97 7.94
N SER G 78 24.89 31.18 8.42
CA SER G 78 26.12 30.97 7.66
C SER G 78 25.86 30.14 6.42
N ARG G 79 25.37 28.92 6.59
CA ARG G 79 25.13 28.04 5.46
C ARG G 79 23.96 28.56 4.62
N LYS G 80 23.82 27.95 3.43
CA LYS G 80 22.75 28.34 2.52
C LYS G 80 21.38 28.06 3.12
N ILE G 81 20.60 29.12 3.33
CA ILE G 81 19.28 29.01 3.94
C ILE G 81 18.35 30.05 3.30
N ASP G 82 17.10 30.03 3.72
CA ASP G 82 16.14 31.07 3.41
C ASP G 82 15.81 31.84 4.69
N ALA G 83 15.54 33.14 4.54
CA ALA G 83 15.31 33.99 5.70
C ALA G 83 14.05 33.57 6.45
N THR G 84 12.92 33.47 5.75
CA THR G 84 11.67 33.10 6.40
C THR G 84 11.75 31.68 6.98
N VAL G 85 12.43 30.77 6.29
CA VAL G 85 12.59 29.41 6.82
C VAL G 85 13.47 29.44 8.06
N ALA G 86 14.52 30.28 8.06
CA ALA G 86 15.37 30.41 9.23
C ALA G 86 14.57 30.89 10.43
N ASP G 87 13.80 31.97 10.26
CA ASP G 87 12.98 32.48 11.34
C ASP G 87 11.97 31.43 11.79
N PHE G 88 11.35 30.73 10.83
CA PHE G 88 10.38 29.71 11.15
C PHE G 88 10.98 28.63 12.05
N LEU G 89 12.13 28.09 11.66
CA LEU G 89 12.73 27.00 12.43
C LEU G 89 13.27 27.50 13.77
N SER G 90 13.83 28.71 13.81
CA SER G 90 14.34 29.23 15.07
C SER G 90 13.21 29.44 16.07
N ALA G 91 12.12 30.07 15.63
CA ALA G 91 10.97 30.25 16.51
C ALA G 91 10.33 28.92 16.88
N LEU G 92 10.37 27.95 15.96
CA LEU G 92 9.86 26.62 16.28
C LEU G 92 10.63 26.01 17.44
N VAL G 93 11.96 26.05 17.36
CA VAL G 93 12.77 25.49 18.44
C VAL G 93 12.55 26.25 19.73
N ARG G 94 12.45 27.59 19.64
CA ARG G 94 12.19 28.40 20.82
C ARG G 94 10.89 27.98 21.50
N TYR G 95 9.81 27.89 20.73
CA TYR G 95 8.53 27.51 21.29
C TYR G 95 8.51 26.08 21.80
N GLY G 96 9.27 25.19 21.15
CA GLY G 96 9.35 23.83 21.66
C GLY G 96 9.98 23.77 23.04
N ILE G 97 11.11 24.45 23.21
CA ILE G 97 11.73 24.48 24.53
C ILE G 97 10.82 25.15 25.54
N ILE G 98 10.09 26.19 25.10
CA ILE G 98 9.17 26.87 26.01
C ILE G 98 8.06 25.94 26.46
N ALA G 99 7.54 25.13 25.53
CA ALA G 99 6.47 24.20 25.86
C ALA G 99 6.96 23.14 26.82
N PHE G 100 8.17 22.61 26.59
CA PHE G 100 8.71 21.63 27.51
C PHE G 100 8.89 22.24 28.90
N THR G 101 9.36 23.49 28.95
CA THR G 101 9.50 24.17 30.23
C THR G 101 8.16 24.29 30.94
N LEU G 102 7.13 24.72 30.20
CA LEU G 102 5.82 24.92 30.80
C LEU G 102 5.23 23.62 31.32
N ILE G 103 5.34 22.55 30.53
CA ILE G 103 4.83 21.25 30.97
C ILE G 103 5.58 20.78 32.21
N ALA G 104 6.90 20.93 32.22
CA ALA G 104 7.66 20.53 33.40
C ALA G 104 7.23 21.31 34.63
N ALA G 105 7.01 22.62 34.47
CA ALA G 105 6.60 23.43 35.62
C ALA G 105 5.21 23.04 36.11
N LEU G 106 4.30 22.78 35.18
CA LEU G 106 2.95 22.34 35.57
C LEU G 106 3.03 21.04 36.35
N GLY G 107 3.76 20.06 35.83
CA GLY G 107 3.94 18.82 36.57
C GLY G 107 4.55 19.05 37.93
N ARG G 108 5.50 19.98 38.02
CA ARG G 108 6.18 20.21 39.28
C ARG G 108 5.29 20.90 40.29
N VAL G 109 4.30 21.67 39.85
CA VAL G 109 3.47 22.40 40.81
C VAL G 109 2.31 21.55 41.30
N GLY G 110 1.84 20.58 40.51
CA GLY G 110 0.83 19.66 41.01
C GLY G 110 -0.25 19.28 40.02
N VAL G 111 -0.21 19.84 38.82
CA VAL G 111 -1.23 19.57 37.82
C VAL G 111 -0.90 18.28 37.10
N GLN G 112 -1.89 17.41 36.94
CA GLN G 112 -1.72 16.15 36.22
C GLN G 112 -1.56 16.46 34.74
N THR G 113 -0.32 16.45 34.27
CA THR G 113 -0.01 16.76 32.88
C THR G 113 -0.13 15.56 31.97
N ALA G 114 -0.85 14.52 32.36
CA ALA G 114 -0.90 13.30 31.57
C ALA G 114 -1.56 13.54 30.21
N SER G 115 -2.65 14.31 30.20
CA SER G 115 -3.38 14.53 28.97
C SER G 115 -2.59 15.38 27.97
N VAL G 116 -1.93 16.43 28.45
CA VAL G 116 -1.20 17.30 27.54
C VAL G 116 -0.01 16.56 26.93
N ILE G 117 0.66 15.71 27.72
CA ILE G 117 1.74 14.93 27.14
C ILE G 117 1.25 13.78 26.29
N ALA G 118 0.02 13.30 26.53
CA ALA G 118 -0.55 12.30 25.64
C ALA G 118 -0.81 12.90 24.26
N VAL G 119 -1.44 14.07 24.21
CA VAL G 119 -1.65 14.70 22.91
C VAL G 119 -0.33 15.16 22.31
N LEU G 120 0.65 15.52 23.14
CA LEU G 120 1.98 15.86 22.62
C LEU G 120 2.64 14.66 21.96
N GLY G 121 2.54 13.49 22.60
CA GLY G 121 3.07 12.28 21.98
C GLY G 121 2.34 11.91 20.71
N ALA G 122 1.02 12.11 20.68
CA ALA G 122 0.28 11.90 19.44
C ALA G 122 0.82 12.80 18.33
N ALA G 123 1.03 14.08 18.64
CA ALA G 123 1.56 15.01 17.65
C ALA G 123 2.97 14.60 17.21
N GLY G 124 3.79 14.16 18.15
CA GLY G 124 5.13 13.72 17.80
C GLY G 124 5.13 12.52 16.89
N LEU G 125 4.26 11.55 17.18
CA LEU G 125 4.12 10.39 16.32
C LEU G 125 3.63 10.81 14.93
N ALA G 126 2.76 11.81 14.88
CA ALA G 126 2.33 12.34 13.58
C ALA G 126 3.51 12.90 12.81
N VAL G 127 4.32 13.73 13.46
CA VAL G 127 5.47 14.32 12.79
C VAL G 127 6.45 13.24 12.35
N GLY G 128 6.60 12.18 13.15
CA GLY G 128 7.49 11.10 12.76
C GLY G 128 6.99 10.35 11.54
N LEU G 129 5.71 9.99 11.54
CA LEU G 129 5.12 9.35 10.38
C LEU G 129 5.15 10.26 9.17
N ALA G 130 5.25 11.57 9.38
CA ALA G 130 5.43 12.48 8.26
C ALA G 130 6.86 12.42 7.72
N LEU G 131 7.84 12.58 8.60
CA LEU G 131 9.24 12.60 8.18
C LEU G 131 9.71 11.25 7.67
N GLN G 132 8.95 10.18 7.94
CA GLN G 132 9.29 8.85 7.45
C GLN G 132 9.60 8.84 5.96
N GLY G 133 9.03 9.76 5.19
CA GLY G 133 9.28 9.78 3.76
C GLY G 133 10.70 10.17 3.40
N SER G 134 11.37 10.95 4.24
CA SER G 134 12.72 11.42 3.95
C SER G 134 13.79 10.79 4.82
N LEU G 135 13.44 10.38 6.04
CA LEU G 135 14.40 9.63 6.85
C LEU G 135 14.85 8.37 6.12
N SER G 136 13.94 7.75 5.37
CA SER G 136 14.30 6.58 4.59
C SER G 136 15.35 6.93 3.55
N ASN G 137 15.20 8.06 2.86
CA ASN G 137 16.19 8.47 1.88
C ASN G 137 17.55 8.71 2.55
N LEU G 138 17.53 9.30 3.73
CA LEU G 138 18.78 9.53 4.45
C LEU G 138 19.48 8.21 4.77
N ALA G 139 18.74 7.25 5.31
CA ALA G 139 19.33 5.96 5.65
C ALA G 139 19.85 5.24 4.41
N ALA G 140 19.08 5.26 3.32
CA ALA G 140 19.53 4.61 2.10
C ALA G 140 20.80 5.27 1.57
N GLY G 141 20.92 6.59 1.71
CA GLY G 141 22.15 7.25 1.30
C GLY G 141 23.33 6.79 2.12
N VAL G 142 23.14 6.66 3.44
CA VAL G 142 24.20 6.15 4.30
C VAL G 142 24.64 4.76 3.82
N LEU G 143 23.66 3.90 3.51
CA LEU G 143 24.00 2.54 3.10
C LEU G 143 24.71 2.50 1.76
N LEU G 144 24.27 3.31 0.80
CA LEU G 144 24.96 3.35 -0.48
C LEU G 144 26.37 3.91 -0.35
N VAL G 145 26.60 4.79 0.63
CA VAL G 145 27.95 5.27 0.86
C VAL G 145 28.82 4.15 1.44
N MET G 146 28.29 3.43 2.44
CA MET G 146 29.13 2.46 3.13
C MET G 146 29.33 1.18 2.34
N PHE G 147 28.39 0.79 1.49
CA PHE G 147 28.50 -0.46 0.75
C PHE G 147 29.05 -0.26 -0.66
N ARG G 148 28.88 0.92 -1.24
CA ARG G 148 29.42 1.26 -2.55
C ARG G 148 29.00 0.30 -3.66
N PRO G 149 27.70 0.21 -3.98
CA PRO G 149 27.30 -0.51 -5.19
C PRO G 149 27.72 0.20 -6.47
N PHE G 150 28.17 1.45 -6.37
CA PHE G 150 28.67 2.19 -7.51
C PHE G 150 29.45 3.39 -7.00
N ARG G 151 30.38 3.85 -7.83
CA ARG G 151 31.20 5.02 -7.53
C ARG G 151 30.74 6.18 -8.41
N ALA G 152 31.48 7.29 -8.34
CA ALA G 152 31.12 8.51 -9.05
C ALA G 152 31.03 8.29 -10.56
N GLY G 153 32.14 7.96 -11.20
CA GLY G 153 32.13 7.81 -12.65
C GLY G 153 31.44 6.57 -13.17
N GLU G 154 30.91 5.74 -12.29
CA GLU G 154 30.34 4.46 -12.71
C GLU G 154 29.06 4.68 -13.50
N TYR G 155 28.95 3.99 -14.63
CA TYR G 155 27.76 4.06 -15.47
C TYR G 155 26.78 2.97 -15.03
N VAL G 156 25.65 3.38 -14.47
CA VAL G 156 24.75 2.46 -13.80
C VAL G 156 23.35 2.50 -14.42
N ASP G 157 22.43 1.73 -13.84
CA ASP G 157 21.03 1.74 -14.24
C ASP G 157 20.21 1.55 -12.98
N LEU G 158 19.57 2.61 -12.51
CA LEU G 158 18.84 2.60 -11.25
C LEU G 158 17.35 2.66 -11.54
N GLY G 159 16.71 1.49 -11.63
CA GLY G 159 15.27 1.44 -11.75
C GLY G 159 14.73 2.08 -13.01
N GLY G 160 15.31 1.78 -14.17
CA GLY G 160 14.77 2.23 -15.43
C GLY G 160 15.38 3.50 -15.99
N VAL G 161 16.30 4.13 -15.28
CA VAL G 161 16.99 5.32 -15.78
C VAL G 161 18.49 5.04 -15.74
N ALA G 162 19.13 5.09 -16.90
CA ALA G 162 20.52 4.70 -17.05
C ALA G 162 21.34 5.90 -17.49
N GLY G 163 22.46 6.12 -16.80
CA GLY G 163 23.34 7.22 -17.12
C GLY G 163 24.47 7.36 -16.14
N THR G 164 25.56 8.01 -16.57
CA THR G 164 26.72 8.15 -15.73
C THR G 164 26.40 8.88 -14.45
N VAL G 165 26.71 8.27 -13.31
CA VAL G 165 26.54 8.94 -12.04
C VAL G 165 27.46 10.16 -12.00
N LEU G 166 27.01 11.21 -11.30
CA LEU G 166 27.80 12.40 -11.10
C LEU G 166 28.22 12.60 -9.65
N SER G 167 27.33 12.31 -8.71
CA SER G 167 27.66 12.45 -7.31
C SER G 167 26.64 11.67 -6.49
N VAL G 168 27.04 11.32 -5.27
CA VAL G 168 26.17 10.66 -4.31
C VAL G 168 26.16 11.50 -3.05
N GLN G 169 24.99 11.96 -2.64
CA GLN G 169 24.85 12.83 -1.49
C GLN G 169 24.00 12.14 -0.43
N ILE G 170 23.65 12.90 0.60
CA ILE G 170 22.95 12.31 1.74
C ILE G 170 21.50 11.99 1.37
N PHE G 171 20.89 12.79 0.50
CA PHE G 171 19.47 12.63 0.21
C PHE G 171 19.16 12.20 -1.21
N SER G 172 20.09 12.34 -2.14
CA SER G 172 19.78 12.09 -3.53
C SER G 172 21.04 11.74 -4.29
N THR G 173 20.84 11.24 -5.51
CA THR G 173 21.94 10.88 -6.40
C THR G 173 21.72 11.57 -7.73
N THR G 174 22.74 12.28 -8.19
CA THR G 174 22.68 13.00 -9.45
C THR G 174 23.39 12.18 -10.52
N MET G 175 22.73 11.98 -11.65
CA MET G 175 23.32 11.23 -12.75
C MET G 175 22.95 11.85 -14.08
N ARG G 176 23.95 12.07 -14.92
CA ARG G 176 23.73 12.67 -16.23
C ARG G 176 23.32 11.58 -17.21
N THR G 177 22.09 11.67 -17.70
CA THR G 177 21.60 10.76 -18.72
C THR G 177 22.46 10.87 -19.97
N ALA G 178 22.39 9.84 -20.83
CA ALA G 178 23.17 9.83 -22.05
C ALA G 178 22.78 10.95 -23.00
N ASP G 179 21.65 11.62 -22.77
CA ASP G 179 21.22 12.72 -23.61
C ASP G 179 21.52 14.09 -23.02
N GLY G 180 22.28 14.13 -21.93
CA GLY G 180 22.65 15.37 -21.31
C GLY G 180 21.75 15.81 -20.17
N LYS G 181 20.56 15.23 -20.05
CA LYS G 181 19.68 15.59 -18.95
C LYS G 181 20.30 15.17 -17.62
N ILE G 182 19.97 15.92 -16.57
CA ILE G 182 20.49 15.67 -15.24
C ILE G 182 19.33 15.28 -14.35
N ILE G 183 19.30 14.04 -13.91
CA ILE G 183 18.22 13.50 -13.10
C ILE G 183 18.68 13.47 -11.65
N VAL G 184 17.90 14.06 -10.76
CA VAL G 184 18.09 13.92 -9.34
C VAL G 184 17.13 12.84 -8.86
N ILE G 185 17.67 11.80 -8.26
CA ILE G 185 16.86 10.66 -7.85
C ILE G 185 17.11 10.38 -6.37
N PRO G 186 16.06 10.17 -5.58
CA PRO G 186 16.25 9.98 -4.15
C PRO G 186 16.85 8.61 -3.84
N ASN G 187 17.58 8.56 -2.73
CA ASN G 187 18.30 7.34 -2.38
C ASN G 187 17.34 6.22 -1.98
N GLY G 188 16.37 6.52 -1.12
CA GLY G 188 15.43 5.51 -0.67
C GLY G 188 14.70 4.82 -1.81
N LYS G 189 14.69 5.41 -2.99
CA LYS G 189 14.01 4.84 -4.14
C LYS G 189 14.88 3.86 -4.90
N ILE G 190 16.20 4.05 -4.90
CA ILE G 190 17.07 3.17 -5.66
C ILE G 190 17.53 1.98 -4.82
N ILE G 191 17.66 2.14 -3.51
CA ILE G 191 18.05 1.01 -2.66
C ILE G 191 16.98 -0.07 -2.58
N ALA G 192 15.79 0.20 -3.11
CA ALA G 192 14.72 -0.77 -3.12
C ALA G 192 14.47 -1.33 -4.52
N GLY G 193 15.50 -1.36 -5.36
CA GLY G 193 15.38 -1.90 -6.70
C GLY G 193 16.66 -2.56 -7.14
N ASN G 194 16.65 -3.07 -8.37
CA ASN G 194 17.81 -3.74 -8.93
C ASN G 194 18.82 -2.71 -9.40
N ILE G 195 19.96 -2.65 -8.73
CA ILE G 195 21.02 -1.70 -9.08
C ILE G 195 21.88 -2.40 -10.12
N ILE G 196 21.43 -2.33 -11.38
CA ILE G 196 22.24 -2.86 -12.48
C ILE G 196 23.52 -2.04 -12.59
N ASN G 197 24.55 -2.62 -13.18
CA ASN G 197 25.81 -1.94 -13.37
C ASN G 197 26.39 -2.32 -14.72
N PHE G 198 27.29 -1.48 -15.21
CA PHE G 198 27.87 -1.70 -16.53
C PHE G 198 29.38 -1.58 -16.60
N SER G 199 30.02 -0.88 -15.67
CA SER G 199 31.47 -0.82 -15.64
C SER G 199 32.07 -1.77 -14.61
N ARG G 200 31.23 -2.48 -13.87
CA ARG G 200 31.74 -3.48 -12.93
C ARG G 200 32.37 -4.65 -13.68
N GLU G 201 31.64 -5.23 -14.61
CA GLU G 201 32.15 -6.32 -15.42
C GLU G 201 32.89 -5.78 -16.63
N PRO G 202 34.13 -6.18 -16.87
CA PRO G 202 34.89 -5.60 -17.99
C PRO G 202 34.44 -6.08 -19.34
N VAL G 203 33.95 -7.31 -19.46
CA VAL G 203 33.62 -7.92 -20.74
C VAL G 203 32.13 -8.24 -20.75
N ARG G 204 31.45 -7.88 -21.84
CA ARG G 204 30.02 -8.11 -21.95
C ARG G 204 29.72 -8.69 -23.33
N ARG G 205 28.45 -8.96 -23.59
CA ARG G 205 28.03 -9.73 -24.75
C ARG G 205 26.99 -8.98 -25.56
N ASN G 206 27.15 -9.00 -26.88
CA ASN G 206 26.15 -8.48 -27.79
C ASN G 206 25.22 -9.61 -28.22
N GLU G 207 24.17 -9.25 -28.94
CA GLU G 207 23.21 -10.25 -29.40
C GLU G 207 22.50 -9.69 -30.63
N PHE G 208 22.91 -10.16 -31.80
CA PHE G 208 22.22 -9.81 -33.03
C PHE G 208 21.10 -10.81 -33.27
N ILE G 209 20.15 -10.40 -34.11
CA ILE G 209 19.04 -11.26 -34.53
C ILE G 209 18.77 -10.94 -35.98
N ILE G 210 18.97 -11.91 -36.86
CA ILE G 210 18.98 -11.67 -38.30
C ILE G 210 17.95 -12.59 -38.94
N GLY G 211 16.75 -12.08 -39.15
CA GLY G 211 15.72 -12.85 -39.82
C GLY G 211 15.98 -12.87 -41.31
N VAL G 212 15.98 -14.06 -41.89
CA VAL G 212 16.21 -14.23 -43.32
C VAL G 212 15.04 -14.99 -43.92
N ALA G 213 15.00 -15.02 -45.24
CA ALA G 213 13.91 -15.68 -45.94
C ALA G 213 13.94 -17.18 -45.65
N TYR G 214 12.85 -17.85 -46.01
CA TYR G 214 12.69 -19.26 -45.67
C TYR G 214 13.39 -20.19 -46.66
N ASP G 215 13.82 -19.69 -47.80
CA ASP G 215 14.49 -20.54 -48.78
C ASP G 215 16.00 -20.48 -48.72
N SER G 216 16.55 -19.63 -47.86
CA SER G 216 18.00 -19.47 -47.80
C SER G 216 18.65 -20.70 -47.19
N ASP G 217 19.79 -21.09 -47.77
CA ASP G 217 20.53 -22.22 -47.23
C ASP G 217 21.08 -21.87 -45.85
N ILE G 218 20.97 -22.83 -44.92
CA ILE G 218 21.42 -22.58 -43.56
C ILE G 218 22.94 -22.67 -43.46
N ASP G 219 23.54 -23.59 -44.21
CA ASP G 219 24.98 -23.74 -44.15
C ASP G 219 25.68 -22.48 -44.63
N GLN G 220 25.21 -21.90 -45.73
CA GLN G 220 25.81 -20.67 -46.24
C GLN G 220 25.68 -19.54 -45.23
N VAL G 221 24.52 -19.42 -44.59
CA VAL G 221 24.31 -18.34 -43.63
C VAL G 221 25.26 -18.50 -42.46
N LYS G 222 25.36 -19.71 -41.91
CA LYS G 222 26.22 -19.90 -40.75
C LYS G 222 27.68 -19.72 -41.13
N GLN G 223 28.06 -20.14 -42.33
CA GLN G 223 29.42 -19.91 -42.80
C GLN G 223 29.74 -18.42 -42.86
N ILE G 224 28.83 -17.64 -43.45
CA ILE G 224 29.06 -16.20 -43.58
C ILE G 224 29.19 -15.55 -42.21
N LEU G 225 28.26 -15.87 -41.30
CA LEU G 225 28.29 -15.23 -40.00
C LEU G 225 29.53 -15.64 -39.22
N THR G 226 29.99 -16.88 -39.38
CA THR G 226 31.21 -17.28 -38.69
C THR G 226 32.42 -16.57 -39.26
N ASN G 227 32.51 -16.45 -40.58
CA ASN G 227 33.61 -15.69 -41.17
C ASN G 227 33.62 -14.26 -40.65
N ILE G 228 32.44 -13.64 -40.56
CA ILE G 228 32.38 -12.26 -40.09
C ILE G 228 32.85 -12.15 -38.65
N ILE G 229 32.32 -13.00 -37.77
CA ILE G 229 32.72 -12.90 -36.36
C ILE G 229 34.10 -13.46 -36.09
N GLN G 230 34.74 -14.09 -37.07
CA GLN G 230 36.14 -14.45 -36.92
C GLN G 230 37.06 -13.34 -37.40
N SER G 231 36.67 -12.61 -38.44
CA SER G 231 37.52 -11.55 -38.97
C SER G 231 37.70 -10.42 -37.96
N GLU G 232 36.73 -10.20 -37.09
CA GLU G 232 36.82 -9.12 -36.12
C GLU G 232 37.93 -9.38 -35.12
N ASP G 233 38.40 -8.32 -34.48
CA ASP G 233 39.50 -8.39 -33.54
C ASP G 233 39.11 -8.07 -32.11
N ARG G 234 38.21 -7.12 -31.90
CA ARG G 234 37.74 -6.82 -30.55
C ARG G 234 36.82 -7.90 -30.01
N ILE G 235 36.47 -8.89 -30.82
CA ILE G 235 35.63 -10.00 -30.38
C ILE G 235 36.51 -11.02 -29.67
N LEU G 236 36.25 -11.23 -28.37
CA LEU G 236 37.02 -12.19 -27.60
C LEU G 236 36.83 -13.59 -28.18
N LYS G 237 37.93 -14.27 -28.45
CA LYS G 237 37.89 -15.59 -29.07
C LYS G 237 37.87 -16.71 -28.04
N ASP G 238 38.38 -16.47 -26.84
CA ASP G 238 38.45 -17.52 -25.83
C ASP G 238 37.12 -17.79 -25.17
N ARG G 239 36.03 -17.26 -25.71
CA ARG G 239 34.71 -17.51 -25.14
C ARG G 239 33.77 -18.03 -26.21
N GLU G 240 32.48 -18.12 -25.89
CA GLU G 240 31.52 -18.72 -26.81
C GLU G 240 31.18 -17.76 -27.93
N MET G 241 30.98 -18.32 -29.13
CA MET G 241 30.61 -17.55 -30.32
C MET G 241 29.52 -18.34 -31.02
N THR G 242 28.28 -17.92 -30.85
CA THR G 242 27.11 -18.71 -31.24
C THR G 242 26.52 -18.19 -32.54
N VAL G 243 26.33 -19.09 -33.50
CA VAL G 243 25.56 -18.81 -34.71
C VAL G 243 24.63 -20.01 -34.92
N ARG G 244 23.41 -19.91 -34.41
CA ARG G 244 22.46 -21.01 -34.46
C ARG G 244 21.12 -20.53 -34.95
N LEU G 245 20.42 -21.39 -35.68
CA LEU G 245 19.03 -21.15 -36.02
C LEU G 245 18.21 -21.15 -34.73
N ASN G 246 17.57 -20.03 -34.43
CA ASN G 246 16.92 -19.87 -33.14
C ASN G 246 15.42 -20.00 -33.16
N GLU G 247 14.77 -19.69 -34.28
CA GLU G 247 13.31 -19.67 -34.27
C GLU G 247 12.71 -19.64 -35.67
N LEU G 248 11.73 -20.49 -35.93
CA LEU G 248 10.96 -20.43 -37.17
C LEU G 248 9.82 -19.44 -36.97
N GLY G 249 9.82 -18.37 -37.75
CA GLY G 249 8.93 -17.26 -37.53
C GLY G 249 7.82 -17.17 -38.56
N ALA G 250 7.13 -16.03 -38.53
CA ALA G 250 5.95 -15.84 -39.38
C ALA G 250 6.35 -15.65 -40.83
N SER G 251 7.36 -14.84 -41.10
CA SER G 251 7.86 -14.62 -42.45
C SER G 251 9.34 -14.87 -42.60
N SER G 252 10.02 -15.31 -41.55
CA SER G 252 11.47 -15.41 -41.58
C SER G 252 11.95 -16.31 -40.45
N ILE G 253 13.07 -16.98 -40.70
CA ILE G 253 13.76 -17.74 -39.66
C ILE G 253 14.81 -16.83 -39.04
N ASN G 254 14.86 -16.83 -37.72
CA ASN G 254 15.73 -15.91 -37.00
C ASN G 254 16.98 -16.64 -36.54
N PHE G 255 18.14 -16.05 -36.82
CA PHE G 255 19.41 -16.55 -36.32
C PHE G 255 19.87 -15.69 -35.17
N VAL G 256 20.24 -16.29 -34.10
CA VAL G 256 20.83 -15.57 -32.99
C VAL G 256 22.34 -15.58 -33.17
N VAL G 257 22.98 -14.50 -32.76
CA VAL G 257 24.43 -14.38 -32.83
C VAL G 257 24.90 -13.74 -31.54
N ARG G 258 25.75 -14.45 -30.80
CA ARG G 258 26.23 -13.96 -29.51
C ARG G 258 27.75 -13.95 -29.52
N VAL G 259 28.32 -12.79 -29.18
CA VAL G 259 29.77 -12.60 -29.15
C VAL G 259 30.09 -11.72 -27.96
N TRP G 260 31.31 -11.86 -27.46
CA TRP G 260 31.74 -11.12 -26.28
C TRP G 260 32.79 -10.09 -26.66
N SER G 261 32.80 -8.99 -25.92
CA SER G 261 33.73 -7.90 -26.16
C SER G 261 33.88 -7.12 -24.86
N ASN G 262 34.91 -6.27 -24.81
CA ASN G 262 35.11 -5.46 -23.63
C ASN G 262 34.02 -4.41 -23.52
N SER G 263 33.82 -3.91 -22.30
CA SER G 263 32.75 -2.93 -22.08
C SER G 263 32.94 -1.69 -22.93
N GLY G 264 34.17 -1.39 -23.32
CA GLY G 264 34.41 -0.21 -24.13
C GLY G 264 34.01 -0.40 -25.58
N ASP G 265 34.46 -1.49 -26.18
CA ASP G 265 34.24 -1.70 -27.61
C ASP G 265 32.80 -2.01 -27.97
N LEU G 266 31.98 -2.39 -26.99
CA LEU G 266 30.67 -2.99 -27.24
C LEU G 266 29.88 -2.34 -28.37
N GLN G 267 29.61 -1.03 -28.25
CA GLN G 267 28.72 -0.39 -29.21
C GLN G 267 29.34 -0.30 -30.59
N ASN G 268 30.64 0.00 -30.66
CA ASN G 268 31.29 0.09 -31.96
C ASN G 268 31.37 -1.28 -32.63
N VAL G 269 31.61 -2.32 -31.83
CA VAL G 269 31.56 -3.68 -32.35
C VAL G 269 30.18 -3.96 -32.93
N TYR G 270 29.13 -3.58 -32.19
CA TYR G 270 27.78 -3.77 -32.70
C TYR G 270 27.61 -3.11 -34.05
N TRP G 271 27.94 -1.82 -34.14
CA TRP G 271 27.71 -1.10 -35.39
C TRP G 271 28.53 -1.67 -36.54
N ASP G 272 29.79 -2.02 -36.27
CA ASP G 272 30.65 -2.52 -37.33
C ASP G 272 30.19 -3.88 -37.83
N VAL G 273 29.90 -4.81 -36.90
CA VAL G 273 29.40 -6.11 -37.30
C VAL G 273 28.08 -5.97 -38.05
N LEU G 274 27.24 -5.02 -37.63
CA LEU G 274 25.95 -4.86 -38.29
C LEU G 274 26.11 -4.37 -39.72
N GLU G 275 26.98 -3.39 -39.94
CA GLU G 275 27.19 -2.95 -41.32
C GLU G 275 27.87 -4.02 -42.14
N ARG G 276 28.79 -4.79 -41.54
CA ARG G 276 29.43 -5.87 -42.28
C ARG G 276 28.42 -6.93 -42.68
N ILE G 277 27.47 -7.23 -41.80
CA ILE G 277 26.38 -8.14 -42.14
C ILE G 277 25.59 -7.59 -43.32
N LYS G 278 25.18 -6.34 -43.22
CA LYS G 278 24.39 -5.72 -44.29
C LYS G 278 25.13 -5.78 -45.62
N ARG G 279 26.45 -5.66 -45.61
CA ARG G 279 27.18 -5.71 -46.87
C ARG G 279 27.37 -7.14 -47.35
N GLU G 280 27.76 -8.05 -46.47
CA GLU G 280 28.09 -9.41 -46.87
C GLU G 280 26.86 -10.15 -47.38
N PHE G 281 25.71 -9.99 -46.70
CA PHE G 281 24.52 -10.67 -47.14
C PHE G 281 24.11 -10.21 -48.53
N ASP G 282 24.05 -8.90 -48.74
CA ASP G 282 23.73 -8.38 -50.07
C ASP G 282 24.77 -8.77 -51.10
N ALA G 283 26.01 -9.03 -50.68
CA ALA G 283 27.00 -9.53 -51.63
C ALA G 283 26.73 -10.98 -52.00
N ALA G 284 26.32 -11.80 -51.02
CA ALA G 284 26.11 -13.22 -51.25
C ALA G 284 24.82 -13.48 -52.03
N GLY G 285 23.70 -12.98 -51.52
CA GLY G 285 22.43 -13.21 -52.16
C GLY G 285 21.32 -13.43 -51.17
N ILE G 286 21.71 -13.64 -49.90
CA ILE G 286 20.72 -13.77 -48.85
C ILE G 286 19.87 -12.51 -48.79
N SER G 287 18.58 -12.69 -48.55
CA SER G 287 17.61 -11.59 -48.66
C SER G 287 16.87 -11.43 -47.35
N PHE G 288 16.92 -10.23 -46.79
CA PHE G 288 16.05 -9.89 -45.69
C PHE G 288 14.63 -9.77 -46.22
N PRO G 289 13.65 -10.41 -45.60
CA PRO G 289 12.32 -10.46 -46.19
C PRO G 289 11.39 -9.36 -45.72
N TYR G 290 10.58 -8.82 -46.63
CA TYR G 290 9.50 -7.95 -46.22
C TYR G 290 8.40 -8.79 -45.58
N PRO G 291 7.58 -8.20 -44.71
CA PRO G 291 6.47 -8.94 -44.11
C PRO G 291 5.60 -9.59 -45.17
N GLN G 292 5.52 -10.92 -45.13
CA GLN G 292 4.84 -11.68 -46.16
C GLN G 292 3.40 -11.95 -45.78
N MET G 293 2.58 -12.24 -46.78
CA MET G 293 1.18 -12.53 -46.59
C MET G 293 0.67 -13.24 -47.83
N ASP G 294 -0.09 -14.32 -47.62
CA ASP G 294 -0.65 -15.10 -48.70
C ASP G 294 -2.13 -14.81 -48.81
N VAL G 295 -2.59 -14.49 -50.01
CA VAL G 295 -3.98 -14.09 -50.23
C VAL G 295 -4.63 -15.09 -51.18
N ASN G 296 -5.90 -15.39 -50.91
CA ASN G 296 -6.69 -16.31 -51.71
C ASN G 296 -7.75 -15.49 -52.43
N PHE G 297 -7.55 -15.28 -53.72
CA PHE G 297 -8.41 -14.41 -54.51
C PHE G 297 -9.66 -15.14 -54.95
N LYS G 298 -10.79 -14.45 -54.91
CA LYS G 298 -12.07 -15.01 -55.36
C LYS G 298 -13.02 -13.87 -55.66
N ARG G 299 -13.42 -13.74 -56.91
CA ARG G 299 -14.36 -12.70 -57.30
C ARG G 299 -15.77 -13.06 -56.84
N VAL G 300 -16.59 -12.03 -56.66
CA VAL G 300 -17.97 -12.24 -56.24
C VAL G 300 -18.92 -11.86 -57.35
N POV H . -4.93 12.53 44.12
P POV H . -7.62 10.78 47.88
C1 POV H . -10.30 10.68 47.87
C2 POV H . -10.76 11.87 46.99
C3 POV H . -10.25 13.16 47.62
C210 POV H . -17.23 12.96 37.62
C310 POV H . -15.50 18.95 41.07
C11 POV H . -6.46 11.15 45.51
O11 POV H . -9.14 11.06 48.59
C211 POV H . -18.04 12.05 36.67
C311 POV H . -14.18 19.29 40.26
C12 POV H . -6.25 12.51 44.80
O12 POV H . -7.68 11.21 46.27
C212 POV H . -17.25 11.89 35.33
C312 POV H . -14.51 19.49 38.75
C13 POV H . -3.88 12.13 45.07
O13 POV H . -6.59 11.63 48.58
C213 POV H . -16.50 10.52 35.34
C313 POV H . -15.44 18.33 38.24
C14 POV H . -4.95 11.60 42.98
O14 POV H . -7.25 9.32 48.01
C214 POV H . -16.15 10.09 33.88
C314 POV H . -16.03 18.71 36.83
C15 POV H . -4.65 13.88 43.65
C215 POV H . -15.66 11.33 33.06
C315 POV H . -17.21 17.74 36.48
C216 POV H . -16.46 11.45 31.75
C316 POV H . -17.72 18.04 35.05
C217 POV H . -16.25 12.85 31.15
C218 POV H . -16.81 12.89 29.71
C21 POV H . -12.64 11.95 45.60
O21 POV H . -12.15 11.91 46.93
C22 POV H . -14.06 12.48 45.29
O22 POV H . -11.96 11.57 44.71
C23 POV H . -14.47 11.97 43.85
C24 POV H . -15.03 13.18 43.01
C25 POV H . -16.53 13.40 43.38
C26 POV H . -17.43 13.03 42.14
C27 POV H . -17.55 14.25 41.18
C28 POV H . -16.74 13.97 39.87
C29 POV H . -17.57 13.07 38.93
C31 POV H . -11.91 14.58 48.56
O31 POV H . -11.19 14.18 47.38
C32 POV H . -12.77 15.88 48.53
O32 POV H . -11.86 13.92 49.54
C33 POV H . -13.43 16.00 47.11
C34 POV H . -14.85 16.67 47.24
C35 POV H . -15.69 16.36 45.95
C36 POV H . -16.80 17.45 45.77
C37 POV H . -16.24 18.61 44.90
C38 POV H . -16.22 18.16 43.40
C39 POV H . -15.23 19.08 42.60
C27 R16 I . 1.57 7.76 38.71
C28 R16 I . 0.53 8.76 38.25
C29 R16 I . -0.04 8.47 36.88
C30 R16 I . -0.59 7.07 36.75
C31 R16 I . -1.49 6.85 35.56
C32 R16 I . -0.82 6.92 34.21
C33 R16 I . -1.71 6.46 33.09
C34 R16 I . -1.10 6.52 31.72
C35 R16 I . -2.01 5.96 30.64
C36 R16 I . -1.45 6.04 29.24
C37 R16 I . -2.36 5.44 28.20
C38 R16 I . -1.86 5.58 26.77
C39 R16 I . -2.79 4.97 25.75
C40 R16 I . -2.35 5.18 24.32
C41 R16 I . -3.28 4.58 23.30
C42 R16 I . -2.85 4.81 21.87
N POV J . -7.05 3.10 45.35
P POV J . -6.87 -0.11 49.09
C1 POV J . -8.44 -2.27 49.28
C2 POV J . -9.76 -1.90 48.57
C3 POV J . -10.38 -0.70 49.28
C210 POV J . -15.79 -6.25 39.87
C310 POV J . -18.94 -1.21 43.76
C11 POV J . -6.74 1.04 46.69
O11 POV J . -7.93 -1.13 49.94
C211 POV J . -15.70 -7.46 38.90
C311 POV J . -18.48 0.05 42.91
C12 POV J . -7.76 2.05 46.11
O12 POV J . -7.45 0.12 47.55
C212 POV J . -15.26 -6.93 37.49
C312 POV J . -19.04 -0.08 41.45
C13 POV J . -5.97 3.68 46.16
O13 POV J . -6.81 1.23 49.80
C213 POV J . -13.72 -7.18 37.31
C313 POV J . -18.79 -1.53 40.90
C14 POV J . -6.48 2.51 44.12
O14 POV J . -5.49 -0.71 49.05
C214 POV J . -13.36 -7.18 35.79
C314 POV J . -19.62 -1.76 39.58
C15 POV J . -8.00 4.15 44.99
C215 POV J . -14.12 -6.01 35.07
C315 POV J . -19.63 -3.27 39.23
C216 POV J . -14.88 -6.57 33.84
C316 POV J . -20.36 -3.49 37.87
C217 POV J . -15.91 -5.53 33.37
C218 POV J . -16.47 -5.94 31.98
C21 POV J . -11.16 -3.31 47.34
O21 POV J . -10.65 -2.96 48.62
C22 POV J . -12.48 -4.10 47.19
O22 POV J . -10.56 -3.00 46.36
C23 POV J . -12.52 -4.73 45.75
C24 POV J . -13.92 -4.42 45.08
C25 POV J . -14.97 -5.47 45.58
C26 POV J . -15.38 -6.39 44.39
C27 POV J . -16.54 -5.72 43.56
C28 POV J . -15.98 -5.25 42.16
C29 POV J . -15.91 -6.46 41.20
C31 POV J . -12.38 -1.12 50.48
O31 POV J . -11.78 -0.79 49.22
C32 POV J . -13.92 -0.99 50.65
O32 POV J . -11.71 -1.49 51.38
C33 POV J . -14.61 -1.42 49.31
C34 POV J . -15.99 -2.13 49.61
C35 POV J . -16.42 -2.97 48.36
C36 POV J . -17.98 -3.17 48.38
C37 POV J . -18.64 -2.01 47.59
C38 POV J . -18.48 -2.26 46.06
C39 POV J . -18.68 -0.91 45.28
C27 R16 K . -1.10 4.96 39.27
C28 R16 K . -2.54 4.92 38.82
C29 R16 K . -2.76 4.35 37.45
C30 R16 K . -2.13 3.00 37.27
C31 R16 K . -2.61 2.22 36.06
C32 R16 K . -2.21 2.79 34.72
C33 R16 K . -2.52 1.86 33.58
C34 R16 K . -2.15 2.38 32.21
C35 R16 K . -2.39 1.37 31.11
C36 R16 K . -2.08 1.87 29.71
C37 R16 K . -2.30 0.83 28.65
C38 R16 K . -2.08 1.31 27.23
C39 R16 K . -2.30 0.27 26.18
C40 R16 K . -2.16 0.76 24.76
C41 R16 K . -2.39 -0.29 23.72
C42 R16 K . -2.28 0.22 22.30
N POV L . -0.50 -4.58 45.93
P POV L . 2.50 -6.69 49.23
C1 POV L . 3.12 -9.30 49.23
C2 POV L . 1.88 -10.03 48.64
C3 POV L . 0.67 -9.73 49.52
C210 POV L . 0.08 -17.05 39.80
C310 POV L . -5.24 -16.31 44.46
C11 POV L . 1.42 -5.76 47.00
O11 POV L . 2.69 -8.20 50.00
C211 POV L . 0.89 -17.74 38.68
C311 POV L . -6.00 -15.11 43.74
C12 POV L . -0.08 -5.83 46.59
O12 POV L . 1.75 -6.91 47.76
C212 POV L . 0.62 -17.00 37.32
C312 POV L . -6.45 -15.55 42.31
C13 POV L . -0.12 -3.41 46.76
O13 POV L . 1.64 -5.80 50.10
C213 POV L . 1.77 -16.00 37.03
C313 POV L . -5.27 -16.28 41.57
C14 POV L . 0.15 -4.48 44.61
O14 POV L . 3.85 -6.05 49.03
C214 POV L . 1.81 -15.65 35.50
C314 POV L . -5.82 -17.00 40.29
C15 POV L . -1.94 -4.58 45.75
C215 POV L . 0.36 -15.44 34.98
C315 POV L . -4.74 -17.98 39.74
C216 POV L . 0.12 -16.32 33.73
C316 POV L . -5.24 -18.62 38.40
C217 POV L . -1.40 -16.40 33.45
C218 POV L . -1.64 -17.03 32.06
C21 POV L . 1.88 -11.95 47.32
O21 POV L . 2.10 -11.40 48.60
C22 POV L . 1.57 -13.47 47.14
O22 POV L . 1.91 -11.25 46.36
C23 POV L . 1.83 -13.85 45.64
C24 POV L . 0.61 -14.67 45.09
C25 POV L . 0.75 -16.16 45.51
C26 POV L . 1.02 -17.03 44.22
C27 POV L . -0.34 -17.43 43.55
C28 POV L . -0.51 -16.65 42.21
C29 POV L . 0.33 -17.34 41.10
C31 POV L . -0.16 -11.57 50.77
O31 POV L . -0.17 -10.86 49.53
C32 POV L . -1.24 -12.66 51.04
O32 POV L . 0.67 -11.35 51.58
C33 POV L . -1.53 -13.41 49.69
C34 POV L . -1.88 -14.92 49.97
C35 POV L . -1.68 -15.76 48.66
C36 POV L . -2.56 -17.06 48.73
C37 POV L . -3.95 -16.77 48.14
C38 POV L . -3.86 -16.75 46.57
C39 POV L . -5.10 -15.99 45.98
C27 R16 M . 4.45 -0.15 39.42
C28 R16 M . 4.63 -1.57 38.94
C29 R16 M . 4.88 -1.69 37.46
C30 R16 M . 6.02 -0.83 36.98
C31 R16 M . 6.55 -1.17 35.61
C32 R16 M . 5.60 -0.90 34.46
C33 R16 M . 6.26 -1.04 33.11
C34 R16 M . 5.37 -0.80 31.92
C35 R16 M . 6.10 -0.86 30.60
C36 R16 M . 5.24 -0.68 29.39
C37 R16 M . 6.01 -0.71 28.09
C38 R16 M . 5.15 -0.60 26.85
C39 R16 M . 5.93 -0.65 25.56
C40 R16 M . 5.09 -0.61 24.31
C41 R16 M . 5.88 -0.67 23.04
C42 R16 M . 5.03 -0.66 21.79
C27 R16 N . 1.13 1.63 39.58
C28 R16 N . -0.10 0.85 39.17
C29 R16 N . -0.06 0.32 37.76
C30 R16 N . 1.18 -0.48 37.47
C31 R16 N . 1.12 -1.33 36.22
C32 R16 N . 1.07 -0.56 34.92
C33 R16 N . 1.24 -1.45 33.72
C34 R16 N . 1.19 -0.74 32.38
C35 R16 N . 1.47 -1.66 31.21
C36 R16 N . 1.38 -1.01 29.86
C37 R16 N . 1.69 -1.95 28.71
C38 R16 N . 1.53 -1.34 27.34
C39 R16 N . 1.84 -2.29 26.21
C40 R16 N . 1.61 -1.72 24.83
C41 R16 N . 1.92 -2.69 23.72
C42 R16 N . 1.66 -2.12 22.34
N POV O . 9.05 -4.52 45.00
P POV O . 12.97 -3.46 47.81
C1 POV O . 15.39 -4.56 47.47
C2 POV O . 15.13 -5.98 46.90
C3 POV O . 14.29 -6.76 47.91
C210 POV O . 18.36 -11.64 37.51
C310 POV O . 15.18 -15.43 42.61
C11 POV O . 11.28 -3.72 45.77
O11 POV O . 14.36 -4.23 48.38
C211 POV O . 19.25 -11.39 36.26
C311 POV O . 13.69 -15.29 42.09
C12 POV O . 10.38 -4.95 45.49
O12 POV O . 12.50 -4.18 46.39
C212 POV O . 18.33 -11.16 35.01
C312 POV O . 13.56 -15.91 40.66
C13 POV O . 8.49 -3.51 45.91
O13 POV O . 11.87 -3.60 48.83
C213 POV O . 18.21 -9.63 34.74
C313 POV O . 14.76 -15.41 39.75
C14 POV O . 9.20 -3.94 43.65
O14 POV O . 13.26 -1.99 47.58
C214 POV O . 17.75 -9.38 33.28
C314 POV O . 14.82 -16.29 38.44
C15 POV O . 8.16 -5.66 44.94
C215 POV O . 16.63 -10.40 32.89
C315 POV O . 16.18 -16.02 37.71
C216 POV O . 17.01 -11.11 31.57
C316 POV O . 16.19 -16.79 36.36
C217 POV O . 16.12 -12.37 31.40
C218 POV O . 16.29 -12.93 29.96
C21 POV O . 16.46 -7.16 45.37
O21 POV O . 16.34 -6.64 46.70
C22 POV O . 17.45 -8.31 45.06
O22 POV O . 15.80 -6.70 44.51
C23 POV O . 17.70 -8.34 43.51
C24 POV O . 17.52 -9.79 42.97
C25 POV O . 18.85 -10.59 43.20
C26 POV O . 19.52 -10.90 41.83
C27 POV O . 18.92 -12.23 41.22
C28 POV O . 18.02 -11.87 39.98
C29 POV O . 18.91 -11.63 38.74
C31 POV O . 15.40 -8.56 48.99
O31 POV O . 14.67 -8.12 47.85
C32 POV O . 15.63 -10.08 49.22
O32 POV O . 15.83 -7.77 49.76
C33 POV O . 15.86 -10.75 47.83
C34 POV O . 16.88 -11.94 47.97
C35 POV O . 17.47 -12.30 46.57
C36 POV O . 17.97 -13.79 46.56
C37 POV O . 16.82 -14.72 46.11
C38 POV O . 16.65 -14.61 44.55
C39 POV O . 15.23 -15.13 44.14
N POV P . 14.91 2.84 43.39
P POV P . 16.82 6.51 46.08
C1 POV P . 19.11 7.78 45.46
C2 POV P . 19.99 6.73 44.74
C3 POV P . 20.23 5.55 45.69
C210 POV P . 25.15 6.12 34.55
C310 POV P . 26.88 1.15 39.34
C11 POV P . 15.74 5.06 44.12
O11 POV P . 18.35 7.13 46.46
C211 POV P . 25.32 7.00 33.29
C311 POV P . 25.79 0.06 38.92
C12 POV P . 16.12 3.61 43.75
O12 POV P . 16.91 5.74 44.60
C212 POV P . 24.42 6.44 32.15
C312 POV P . 26.03 -0.37 37.43
C13 POV P . 13.91 2.97 44.46
O13 POV P . 16.41 5.52 47.12
C213 POV P . 23.11 7.29 32.07
C313 POV P . 26.23 0.89 36.53
C14 POV P . 14.37 3.33 42.12
O14 POV P . 15.82 7.64 46.01
C214 POV P . 22.44 7.11 30.66
C314 POV P . 26.78 0.46 35.12
C15 POV P . 15.27 1.43 43.23
C215 POV P . 22.51 5.62 30.23
C315 POV P . 27.30 1.71 34.35
C216 POV P . 23.14 5.52 28.82
C316 POV P . 27.74 1.30 32.92
C217 POV P . 23.55 4.06 28.55
C218 POV P . 23.90 3.89 27.05
C21 POV P . 21.52 7.11 43.01
O21 POV P . 21.21 7.28 44.39
C22 POV P . 22.97 7.20 42.49
O22 POV P . 20.64 6.89 42.24
C23 POV P . 22.93 7.43 40.94
C24 POV P . 23.91 6.42 40.23
C25 POV P . 25.38 6.98 40.30
C26 POV P . 25.84 7.36 38.85
C27 POV P . 26.43 6.10 38.12
C28 POV P . 25.45 5.64 36.99
C29 POV P . 25.64 6.53 35.75
C31 POV P . 22.45 5.31 46.49
O31 POV P . 21.51 5.02 45.45
C32 POV P . 23.82 4.57 46.52
O32 POV P . 22.19 6.12 47.31
C33 POV P . 24.30 4.37 45.03
C34 POV P . 25.89 4.46 44.97
C35 POV P . 26.32 4.75 43.49
C36 POV P . 27.79 4.26 43.28
C37 POV P . 27.77 2.79 42.79
C38 POV P . 27.37 2.76 41.27
C39 POV P . 26.87 1.32 40.89
C27 R16 Q . 7.94 1.51 38.81
C28 R16 Q . 9.26 2.03 38.29
C29 R16 Q . 9.26 2.37 36.82
C30 R16 Q . 8.15 3.32 36.45
C31 R16 Q . 8.30 3.99 35.10
C32 R16 Q . 8.19 3.07 33.91
C33 R16 Q . 8.12 3.82 32.60
C34 R16 Q . 8.02 2.97 31.37
C35 R16 Q . 7.86 3.77 30.10
C36 R16 Q . 7.80 2.95 28.83
C37 R16 Q . 7.60 3.78 27.59
C38 R16 Q . 7.62 3.00 26.30
C39 R16 Q . 7.43 3.84 25.07
C40 R16 Q . 7.51 3.07 23.77
C41 R16 Q . 7.34 3.93 22.53
C42 R16 Q . 7.45 3.17 21.24
N POV R . 12.92 12.56 42.46
P POV R . 11.64 16.28 45.44
C1 POV R . 12.02 18.87 44.84
C2 POV R . 13.30 18.91 43.96
C3 POV R . 14.47 18.33 44.73
C210 POV R . 15.68 22.82 33.48
C310 POV R . 21.19 20.90 37.53
C11 POV R . 11.83 14.58 43.39
O11 POV R . 12.17 17.84 45.82
C211 POV R . 14.95 23.56 32.32
C311 POV R . 21.30 19.38 37.05
C12 POV R . 13.12 13.98 42.83
O12 POV R . 12.10 15.90 43.88
C212 POV R . 14.66 22.53 31.18
C312 POV R . 21.58 19.33 35.52
C13 POV R . 12.32 11.83 43.58
O13 POV R . 12.27 15.30 46.39
C213 POV R . 13.18 22.04 31.28
C313 POV R . 20.62 20.32 34.76
C14 POV R . 12.02 12.48 41.28
O14 POV R . 10.14 16.20 45.57
C214 POV R . 12.71 21.47 29.91
C314 POV R . 21.12 20.51 33.27
C15 POV R . 14.19 11.95 42.12
C215 POV R . 13.84 20.60 29.29
C315 POV R . 20.39 21.73 32.63
C216 POV R . 14.13 21.06 27.84
C316 POV R . 20.79 21.84 31.13
C217 POV R . 15.48 20.46 27.38
C218 POV R . 15.63 20.68 25.85
C21 POV R . 13.73 20.39 42.20
O21 POV R . 13.58 20.22 43.60
C22 POV R . 14.51 21.59 41.61
O22 POV R . 13.25 19.59 41.46
C23 POV R . 14.12 21.75 40.10
C24 POV R . 15.40 21.89 39.22
C25 POV R . 15.91 23.37 39.26
C26 POV R . 15.72 24.02 37.85
C27 POV R . 16.96 23.70 36.95
C28 POV R . 16.55 22.69 35.83
C29 POV R . 15.83 23.43 34.69
C31 POV R . 16.14 19.88 45.37
O31 POV R . 15.64 19.00 44.36
C32 POV R . 17.58 20.47 45.23
O32 POV R . 15.47 20.16 46.31
C33 POV R . 17.84 20.77 43.71
C34 POV R . 18.76 22.04 43.57
C35 POV R . 18.61 22.62 42.12
C36 POV R . 19.90 23.45 41.76
C37 POV R . 20.94 22.52 41.09
C38 POV R . 20.53 22.25 39.61
C39 POV R . 21.26 20.96 39.09
C27 R16 S . 4.02 12.69 38.46
C28 R16 S . 2.67 12.03 38.41
C29 R16 S . 2.31 11.43 37.07
C30 R16 S . 3.37 10.47 36.57
C31 R16 S . 2.92 9.57 35.45
C32 R16 S . 2.65 10.26 34.13
C33 R16 S . 2.44 9.28 33.00
C34 R16 S . 2.16 9.91 31.66
C35 R16 S . 2.04 8.90 30.54
C36 R16 S . 1.71 9.47 29.19
C37 R16 S . 1.64 8.45 28.09
C38 R16 S . 1.23 8.99 26.75
C39 R16 S . 1.17 7.94 25.66
C40 R16 S . 0.69 8.45 24.32
C41 R16 S . 0.62 7.39 23.25
C42 R16 S . 0.10 7.91 21.92
C27 R16 T . 7.87 6.79 38.47
C28 R16 T . 8.70 7.89 37.82
C29 R16 T . 8.42 8.10 36.36
C30 R16 T . 6.96 8.32 36.06
C31 R16 T . 6.66 8.89 34.70
C32 R16 T . 6.97 7.98 33.53
C33 R16 T . 6.44 8.51 32.23
C34 R16 T . 6.71 7.66 31.02
C35 R16 T . 6.08 8.19 29.75
C36 R16 T . 6.37 7.38 28.51
C37 R16 T . 5.70 7.93 27.27
C38 R16 T . 6.03 7.19 26.01
C39 R16 T . 5.35 7.74 24.78
C40 R16 T . 5.74 7.05 23.49
C41 R16 T . 5.07 7.62 22.27
C42 R16 T . 5.48 6.96 20.98
N POV U . 4.10 17.02 42.84
P POV U . 0.68 18.04 46.24
C1 POV U . -1.21 19.92 45.94
C2 POV U . -0.57 21.02 45.04
C3 POV U . 0.67 21.56 45.74
C210 POV U . -3.29 25.87 35.06
C310 POV U . 1.94 28.91 38.78
C11 POV U . 1.93 17.29 44.02
O11 POV U . -0.21 19.37 46.78
C211 POV U . -4.43 25.78 33.99
C311 POV U . 3.16 28.11 38.14
C12 POV U . 3.14 18.01 43.37
O12 POV U . 1.10 18.27 44.65
C212 POV U . -3.90 25.01 32.75
C312 POV U . 3.22 28.39 36.60
C13 POV U . 4.44 16.04 43.88
O13 POV U . 1.93 17.91 47.07
C213 POV U . -4.39 23.53 32.81
C313 POV U . 1.78 28.27 35.97
C14 POV U . 3.51 16.32 41.67
O14 POV U . -0.16 16.78 46.37
C214 POV U . -4.35 22.88 31.39
C314 POV U . 1.79 28.86 34.51
C15 POV U . 5.31 17.70 42.41
C215 POV U . -3.03 23.32 30.66
C315 POV U . 0.32 29.03 34.01
C216 POV U . -3.37 23.90 29.27
C316 POV U . 0.31 29.51 32.55
C217 POV U . -2.15 24.66 28.72
C218 POV U . -2.37 25.00 27.23
C21 POV U . -1.65 22.35 43.45
O21 POV U . -1.47 22.05 44.83
C22 POV U . -2.20 23.73 43.01
O22 POV U . -1.38 21.53 42.64
C23 POV U . -2.72 23.59 41.52
C24 POV U . -2.15 24.76 40.66
C25 POV U . -3.02 26.04 40.86
C26 POV U . -3.79 26.36 39.53
C27 POV U . -2.88 27.22 38.57
C28 POV U . -2.43 26.35 37.36
C29 POV U . -3.57 26.27 36.32
C31 POV U . 0.51 23.80 46.53
O31 POV U . 0.81 22.93 45.43
C32 POV U . 0.88 25.30 46.44
O32 POV U . -0.03 23.37 47.49
C33 POV U . 0.66 25.78 44.95
C34 POV U . 0.17 27.29 44.95
C35 POV U . -0.51 27.60 43.57
C36 POV U . -0.44 29.14 43.29
C37 POV U . 0.86 29.46 42.51
C38 POV U . 0.68 29.05 41.01
C39 POV U . 2.09 28.90 40.34
#